data_8OK7
#
_entry.id   8OK7
#
_cell.length_a   103.080
_cell.length_b   64.120
_cell.length_c   155.040
_cell.angle_alpha   90.000
_cell.angle_beta   109.130
_cell.angle_gamma   90.000
#
_symmetry.space_group_name_H-M   'P 1 21 1'
#
loop_
_entity.id
_entity.type
_entity.pdbx_description
1 polymer 'Variant surface glycoprotein 558'
2 branched alpha-D-mannopyranose-(1-2)-alpha-D-mannopyranose-(1-2)-alpha-D-mannopyranose-(1-3)-beta-D-mannopyranose-(1-4)-2-acetamido-2-deoxy-beta-D-glucopyranose-(1-4)-2-acetamido-2-deoxy-beta-D-glucopyranose
3 branched alpha-D-mannopyranose-(1-3)-[alpha-D-mannopyranose-(1-6)]beta-D-mannopyranose-(1-4)-2-acetamido-2-deoxy-beta-D-glucopyranose-(1-4)-2-acetamido-2-deoxy-beta-D-glucopyranose
4 branched alpha-D-mannopyranose-(1-2)-alpha-D-mannopyranose-(1-2)-alpha-D-mannopyranose-(1-3)-[alpha-D-mannopyranose-(1-6)]beta-D-mannopyranose-(1-4)-2-acetamido-2-deoxy-beta-D-glucopyranose-(1-4)-2-acetamido-2-deoxy-beta-D-glucopyranose
5 branched alpha-D-mannopyranose-(1-2)-alpha-D-mannopyranose-(1-3)-[alpha-D-mannopyranose-(1-6)]beta-D-mannopyranose-(1-4)-2-acetamido-2-deoxy-beta-D-glucopyranose-(1-4)-2-acetamido-2-deoxy-beta-D-glucopyranose
6 water water
#
_entity_poly.entity_id   1
_entity_poly.type   'polypeptide(L)'
_entity_poly.pdbx_seq_one_letter_code
;MSILSLTASQGQKATALANAVATATALLAVILFAVATRAASATKAEACQTPCQCSHQLRQAAAHYNSVLREAERKTDGHI
LQALKLLIAATGNNQKLQAAAVAPLATALKNWANCKAETGRLGTAARNNIDKLNAGAEAAAILANLTKLGGKVELTAKGG
NGQLQQDSVTAEDLWRNTATECQIEEAEQGRHNFDPANSSDKMKLPKFNPVAKIGINCKKGGDTNNCNANAMAQNTGKLQ
FDVKIEAMGTQGGNDAASKWESAKAAEPVYITNELNIIAKTLESAGVANQALQNEFKQNSCAEPSEEYSDFSNSGDFSRQ
IIRSYSNNKDNEKETTDKPSDLEKLIESAYGKNGAKFKENLWDQIDKLSPTVNKGETNEKLNLKTEKDISKLGEALARQL
GYIRKEPEAAAEAQEKKTN
;
_entity_poly.pdbx_strand_id   A,B,C,D
#
# COMPACT_ATOMS: atom_id res chain seq x y z
N THR A 43 -18.03 -9.47 -2.43
CA THR A 43 -17.36 -8.25 -2.02
C THR A 43 -17.55 -7.97 -0.52
N LYS A 44 -18.78 -8.17 -0.04
CA LYS A 44 -19.05 -7.95 1.38
C LYS A 44 -18.41 -9.04 2.21
N ALA A 45 -17.46 -8.66 3.07
CA ALA A 45 -16.81 -9.59 3.98
C ALA A 45 -16.87 -9.01 5.39
N GLU A 46 -17.32 -9.82 6.34
CA GLU A 46 -17.38 -9.41 7.74
C GLU A 46 -16.79 -10.51 8.61
N ALA A 47 -16.60 -10.18 9.89
CA ALA A 47 -16.04 -11.15 10.82
C ALA A 47 -16.99 -12.34 10.97
N CYS A 48 -16.43 -13.54 10.90
CA CYS A 48 -17.27 -14.74 11.02
C CYS A 48 -17.72 -14.93 12.47
N GLN A 49 -18.93 -15.43 12.63
CA GLN A 49 -19.52 -15.57 13.96
C GLN A 49 -19.91 -17.00 14.33
N THR A 50 -20.21 -17.85 13.35
CA THR A 50 -20.62 -19.22 13.58
C THR A 50 -19.57 -20.19 13.08
N PRO A 51 -19.60 -21.44 13.54
CA PRO A 51 -18.66 -22.44 12.99
C PRO A 51 -18.77 -22.59 11.48
N CYS A 52 -19.99 -22.59 10.93
CA CYS A 52 -20.15 -22.73 9.49
C CYS A 52 -19.55 -21.54 8.75
N GLN A 53 -19.82 -20.32 9.23
CA GLN A 53 -19.25 -19.14 8.59
C GLN A 53 -17.72 -19.18 8.63
N CYS A 54 -17.15 -19.49 9.79
CA CYS A 54 -15.69 -19.48 9.91
C CYS A 54 -15.06 -20.59 9.07
N SER A 55 -15.77 -21.70 8.89
N SER A 55 -15.77 -21.70 8.87
CA SER A 55 -15.25 -22.81 8.05
CA SER A 55 -15.25 -22.81 8.05
C SER A 55 -15.09 -22.35 6.60
C SER A 55 -15.08 -22.36 6.60
N HIS A 56 -16.09 -21.64 6.09
CA HIS A 56 -16.04 -21.15 4.69
C HIS A 56 -14.98 -20.06 4.55
N GLN A 57 -14.86 -19.19 5.56
CA GLN A 57 -13.89 -18.07 5.50
C GLN A 57 -12.46 -18.63 5.45
N LEU A 58 -12.19 -19.66 6.25
CA LEU A 58 -10.82 -20.23 6.29
C LEU A 58 -10.54 -20.97 4.98
N ARG A 59 -11.54 -21.61 4.39
CA ARG A 59 -11.36 -22.31 3.09
C ARG A 59 -11.14 -21.27 1.99
N GLN A 60 -11.86 -20.15 2.05
CA GLN A 60 -11.69 -19.06 1.06
C GLN A 60 -10.27 -18.51 1.17
N ALA A 61 -9.78 -18.34 2.39
CA ALA A 61 -8.42 -17.84 2.60
C ALA A 61 -7.43 -18.79 1.91
N ALA A 62 -7.49 -20.06 2.26
CA ALA A 62 -6.54 -21.04 1.70
C ALA A 62 -6.57 -20.97 0.17
N ALA A 63 -7.78 -20.93 -0.40
CA ALA A 63 -7.91 -20.89 -1.87
C ALA A 63 -7.30 -19.61 -2.42
N HIS A 64 -7.51 -18.49 -1.73
CA HIS A 64 -6.95 -17.20 -2.20
C HIS A 64 -5.42 -17.29 -2.24
N TYR A 65 -4.83 -17.73 -1.13
CA TYR A 65 -3.36 -17.79 -1.11
C TYR A 65 -2.84 -18.74 -2.18
N ASN A 66 -3.51 -19.88 -2.38
CA ASN A 66 -3.06 -20.81 -3.41
C ASN A 66 -3.18 -20.20 -4.80
N SER A 67 -4.23 -19.41 -5.03
CA SER A 67 -4.41 -18.82 -6.35
C SER A 67 -3.39 -17.71 -6.61
N VAL A 68 -3.02 -16.96 -5.58
CA VAL A 68 -1.97 -15.95 -5.73
C VAL A 68 -0.63 -16.62 -6.00
N LEU A 69 -0.33 -17.71 -5.29
CA LEU A 69 0.90 -18.44 -5.53
C LEU A 69 0.93 -19.02 -6.93
N ARG A 70 -0.22 -19.51 -7.40
CA ARG A 70 -0.31 -20.05 -8.76
C ARG A 70 -0.05 -18.95 -9.80
N GLU A 71 -0.57 -17.74 -9.56
CA GLU A 71 -0.35 -16.64 -10.49
C GLU A 71 1.12 -16.24 -10.53
N ALA A 72 1.79 -16.23 -9.37
CA ALA A 72 3.22 -15.93 -9.34
C ALA A 72 4.01 -16.95 -10.14
N GLU A 73 3.65 -18.24 -10.01
CA GLU A 73 4.33 -19.27 -10.79
C GLU A 73 4.06 -19.09 -12.28
N ARG A 74 2.85 -18.71 -12.65
CA ARG A 74 2.54 -18.45 -14.05
C ARG A 74 3.40 -17.32 -14.60
N LYS A 75 3.52 -16.23 -13.85
CA LYS A 75 4.28 -15.08 -14.32
C LYS A 75 5.77 -15.40 -14.41
N THR A 76 6.29 -16.16 -13.46
CA THR A 76 7.67 -16.63 -13.55
C THR A 76 7.89 -17.39 -14.86
N ASP A 77 6.97 -18.30 -15.19
CA ASP A 77 7.10 -19.10 -16.41
C ASP A 77 7.07 -18.21 -17.66
N GLY A 78 6.27 -17.15 -17.62
CA GLY A 78 6.21 -16.25 -18.77
C GLY A 78 7.52 -15.51 -18.99
N HIS A 79 8.18 -15.11 -17.91
CA HIS A 79 9.42 -14.36 -18.06
C HIS A 79 10.56 -15.22 -18.57
N ILE A 80 10.69 -16.45 -18.05
CA ILE A 80 11.78 -17.31 -18.52
C ILE A 80 11.53 -17.73 -19.96
N LEU A 81 10.26 -17.92 -20.35
CA LEU A 81 9.95 -18.19 -21.75
C LEU A 81 10.40 -17.05 -22.64
N GLN A 82 10.11 -15.82 -22.24
CA GLN A 82 10.55 -14.66 -23.00
C GLN A 82 12.08 -14.57 -23.03
N ALA A 83 12.73 -14.82 -21.90
CA ALA A 83 14.18 -14.69 -21.84
C ALA A 83 14.87 -15.69 -22.76
N LEU A 84 14.35 -16.92 -22.83
CA LEU A 84 14.94 -17.92 -23.70
C LEU A 84 14.86 -17.50 -25.16
N LYS A 85 13.73 -16.94 -25.58
CA LYS A 85 13.60 -16.46 -26.95
C LYS A 85 14.54 -15.29 -27.22
N LEU A 86 14.65 -14.36 -26.26
CA LEU A 86 15.59 -13.25 -26.42
C LEU A 86 17.04 -13.72 -26.41
N LEU A 87 17.32 -14.83 -25.73
CA LEU A 87 18.67 -15.38 -25.75
C LEU A 87 19.00 -15.96 -27.12
N ILE A 88 18.03 -16.62 -27.75
CA ILE A 88 18.21 -17.10 -29.11
C ILE A 88 18.45 -15.94 -30.07
N ALA A 89 17.71 -14.84 -29.89
CA ALA A 89 17.92 -13.66 -30.71
C ALA A 89 19.27 -13.02 -30.42
N ALA A 90 19.68 -12.98 -29.14
CA ALA A 90 20.92 -12.34 -28.73
C ALA A 90 22.16 -13.14 -29.09
N THR A 91 22.02 -14.41 -29.48
CA THR A 91 23.15 -15.21 -29.94
C THR A 91 22.99 -15.64 -31.39
N GLY A 92 22.08 -15.02 -32.12
CA GLY A 92 21.89 -15.33 -33.52
C GLY A 92 22.85 -14.57 -34.42
N ASN A 93 22.70 -14.79 -35.71
CA ASN A 93 23.62 -14.20 -36.68
C ASN A 93 23.11 -12.89 -37.26
N ASN A 94 21.84 -12.55 -37.06
CA ASN A 94 21.32 -11.23 -37.39
C ASN A 94 21.96 -10.22 -36.44
N GLN A 95 22.90 -9.43 -36.97
N GLN A 95 22.91 -9.44 -36.97
CA GLN A 95 23.66 -8.52 -36.12
CA GLN A 95 23.67 -8.51 -36.12
C GLN A 95 22.80 -7.41 -35.54
C GLN A 95 22.76 -7.44 -35.51
N LYS A 96 21.82 -6.92 -36.32
CA LYS A 96 20.94 -5.88 -35.81
C LYS A 96 20.02 -6.42 -34.72
N LEU A 97 19.48 -7.62 -34.93
CA LEU A 97 18.63 -8.25 -33.92
C LEU A 97 19.43 -8.60 -32.67
N GLN A 98 20.68 -9.05 -32.85
CA GLN A 98 21.53 -9.41 -31.72
C GLN A 98 21.61 -8.25 -30.72
N ALA A 99 21.92 -7.06 -31.21
CA ALA A 99 22.05 -5.90 -30.33
C ALA A 99 20.70 -5.48 -29.76
N ALA A 100 19.63 -5.59 -30.55
CA ALA A 100 18.31 -5.14 -30.12
C ALA A 100 17.71 -6.05 -29.04
N ALA A 101 18.21 -7.27 -28.89
CA ALA A 101 17.67 -8.21 -27.93
C ALA A 101 18.26 -8.06 -26.54
N VAL A 102 19.41 -7.40 -26.39
CA VAL A 102 20.16 -7.48 -25.16
C VAL A 102 19.49 -6.70 -24.04
N ALA A 103 19.17 -5.43 -24.27
CA ALA A 103 18.48 -4.66 -23.24
C ALA A 103 17.15 -5.30 -22.85
N PRO A 104 16.28 -5.72 -23.77
CA PRO A 104 15.08 -6.44 -23.33
C PRO A 104 15.41 -7.73 -22.60
N LEU A 105 16.49 -8.41 -22.96
CA LEU A 105 16.89 -9.63 -22.26
C LEU A 105 17.28 -9.32 -20.83
N ALA A 106 18.00 -8.21 -20.62
CA ALA A 106 18.38 -7.83 -19.26
C ALA A 106 17.15 -7.61 -18.39
N THR A 107 16.12 -6.97 -18.96
CA THR A 107 14.89 -6.73 -18.20
C THR A 107 14.14 -8.04 -17.96
N ALA A 108 14.10 -8.92 -18.97
CA ALA A 108 13.40 -10.19 -18.82
C ALA A 108 14.06 -11.05 -17.74
N LEU A 109 15.39 -11.11 -17.72
CA LEU A 109 16.07 -11.93 -16.73
C LEU A 109 15.89 -11.35 -15.33
N LYS A 110 15.90 -10.02 -15.20
CA LYS A 110 15.67 -9.42 -13.89
C LYS A 110 14.23 -9.68 -13.43
N ASN A 111 13.27 -9.61 -14.35
CA ASN A 111 11.88 -9.87 -14.02
C ASN A 111 11.69 -11.32 -13.58
N TRP A 112 12.31 -12.24 -14.32
CA TRP A 112 12.24 -13.66 -13.98
C TRP A 112 12.82 -13.92 -12.60
N ALA A 113 14.04 -13.42 -12.35
CA ALA A 113 14.68 -13.65 -11.06
C ALA A 113 13.88 -13.06 -9.91
N ASN A 114 13.28 -11.87 -10.13
CA ASN A 114 12.45 -11.29 -9.07
C ASN A 114 11.19 -12.13 -8.83
N CYS A 115 10.55 -12.59 -9.90
CA CYS A 115 9.39 -13.46 -9.74
C CYS A 115 9.77 -14.77 -9.06
N LYS A 116 10.95 -15.31 -9.35
CA LYS A 116 11.39 -16.53 -8.68
C LYS A 116 11.58 -16.29 -7.19
N ALA A 117 12.14 -15.13 -6.83
CA ALA A 117 12.35 -14.82 -5.43
C ALA A 117 11.02 -14.64 -4.70
N GLU A 118 10.05 -13.96 -5.35
CA GLU A 118 8.74 -13.78 -4.72
C GLU A 118 7.95 -15.08 -4.65
N THR A 119 8.10 -15.95 -5.64
CA THR A 119 7.48 -17.26 -5.55
C THR A 119 8.05 -18.05 -4.39
N GLY A 120 9.38 -17.94 -4.19
CA GLY A 120 9.99 -18.59 -3.04
C GLY A 120 9.50 -18.03 -1.72
N ARG A 121 9.38 -16.70 -1.63
CA ARG A 121 8.89 -16.07 -0.41
C ARG A 121 7.45 -16.50 -0.12
N LEU A 122 6.59 -16.46 -1.14
CA LEU A 122 5.20 -16.85 -0.95
C LEU A 122 5.08 -18.35 -0.67
N GLY A 123 5.87 -19.16 -1.37
CA GLY A 123 5.79 -20.60 -1.18
C GLY A 123 6.26 -21.03 0.20
N THR A 124 7.33 -20.41 0.70
CA THR A 124 7.79 -20.71 2.05
C THR A 124 6.70 -20.43 3.08
N ALA A 125 6.03 -19.28 2.95
CA ALA A 125 4.94 -18.95 3.85
C ALA A 125 3.79 -19.95 3.72
N ALA A 126 3.44 -20.31 2.49
CA ALA A 126 2.34 -21.25 2.27
C ALA A 126 2.68 -22.64 2.82
N ARG A 127 3.89 -23.12 2.57
CA ARG A 127 4.27 -24.45 3.05
C ARG A 127 4.23 -24.54 4.56
N ASN A 128 4.40 -23.41 5.26
CA ASN A 128 4.46 -23.42 6.71
C ASN A 128 3.11 -23.22 7.38
N ASN A 129 2.08 -22.80 6.64
CA ASN A 129 0.85 -22.34 7.30
C ASN A 129 -0.46 -22.78 6.65
N ILE A 130 -0.50 -23.10 5.35
CA ILE A 130 -1.78 -23.40 4.72
C ILE A 130 -2.40 -24.67 5.30
N ASP A 131 -1.58 -25.65 5.71
CA ASP A 131 -2.13 -26.86 6.31
C ASP A 131 -2.95 -26.53 7.55
N LYS A 132 -2.51 -25.53 8.32
CA LYS A 132 -3.26 -25.14 9.51
C LYS A 132 -4.59 -24.48 9.13
N LEU A 133 -4.64 -23.79 8.00
CA LEU A 133 -5.91 -23.28 7.49
C LEU A 133 -6.83 -24.42 7.10
N ASN A 134 -6.29 -25.42 6.38
CA ASN A 134 -7.09 -26.56 5.98
C ASN A 134 -7.64 -27.31 7.19
N ALA A 135 -6.81 -27.51 8.22
CA ALA A 135 -7.28 -28.16 9.43
C ALA A 135 -8.32 -27.31 10.13
N GLY A 136 -8.13 -25.99 10.14
CA GLY A 136 -9.10 -25.12 10.77
C GLY A 136 -10.46 -25.18 10.09
N ALA A 137 -10.47 -25.15 8.77
CA ALA A 137 -11.74 -25.22 8.04
C ALA A 137 -12.50 -26.50 8.36
N GLU A 138 -11.79 -27.63 8.39
CA GLU A 138 -12.45 -28.90 8.68
C GLU A 138 -12.96 -28.95 10.12
N ALA A 139 -12.14 -28.52 11.08
CA ALA A 139 -12.54 -28.58 12.48
C ALA A 139 -13.75 -27.68 12.75
N ALA A 140 -13.76 -26.49 12.14
CA ALA A 140 -14.92 -25.60 12.30
C ALA A 140 -16.15 -26.19 11.65
N ALA A 141 -15.97 -26.89 10.53
CA ALA A 141 -17.09 -27.56 9.89
C ALA A 141 -17.63 -28.69 10.77
N ILE A 142 -16.73 -29.44 11.43
CA ILE A 142 -17.18 -30.50 12.31
C ILE A 142 -17.85 -29.92 13.54
N LEU A 143 -17.35 -28.78 14.03
CA LEU A 143 -18.04 -28.09 15.12
C LEU A 143 -19.44 -27.68 14.69
N ALA A 144 -19.59 -27.23 13.45
CA ALA A 144 -20.91 -26.92 12.91
C ALA A 144 -21.82 -28.14 12.94
N ASN A 145 -21.30 -29.32 12.54
CA ASN A 145 -22.06 -30.55 12.68
C ASN A 145 -22.53 -30.77 14.11
N LEU A 146 -21.59 -30.69 15.07
CA LEU A 146 -21.90 -31.04 16.45
C LEU A 146 -22.97 -30.13 17.04
N THR A 147 -22.94 -28.83 16.69
CA THR A 147 -23.93 -27.91 17.23
C THR A 147 -25.32 -28.11 16.64
N LYS A 148 -25.43 -28.83 15.53
CA LYS A 148 -26.72 -29.09 14.92
C LYS A 148 -27.39 -30.36 15.43
N LEU A 149 -26.69 -31.13 16.28
CA LEU A 149 -27.20 -32.42 16.72
C LEU A 149 -28.29 -32.19 17.77
N GLY A 150 -29.41 -32.87 17.60
CA GLY A 150 -30.56 -32.70 18.48
C GLY A 150 -31.09 -34.04 18.94
N GLY A 151 -32.38 -34.07 19.24
CA GLY A 151 -33.02 -35.27 19.73
C GLY A 151 -32.86 -35.42 21.23
N LYS A 152 -33.34 -36.56 21.73
CA LYS A 152 -33.34 -36.82 23.16
C LYS A 152 -33.56 -38.30 23.40
N VAL A 153 -33.39 -38.70 24.66
CA VAL A 153 -33.89 -39.96 25.18
C VAL A 153 -35.03 -39.64 26.14
N GLU A 154 -36.14 -40.35 26.01
CA GLU A 154 -37.28 -40.17 26.90
C GLU A 154 -37.63 -41.51 27.52
N LEU A 155 -37.86 -41.51 28.83
CA LEU A 155 -38.34 -42.68 29.54
C LEU A 155 -39.72 -42.37 30.08
N THR A 156 -40.67 -43.27 29.86
CA THR A 156 -42.00 -43.16 30.43
C THR A 156 -42.19 -44.26 31.47
N ALA A 157 -42.80 -43.90 32.61
CA ALA A 157 -43.06 -44.87 33.66
C ALA A 157 -44.05 -45.93 33.17
N LYS A 158 -43.75 -47.19 33.48
CA LYS A 158 -44.54 -48.33 33.04
C LYS A 158 -44.65 -49.34 34.18
N GLY A 159 -45.84 -49.93 34.34
CA GLY A 159 -46.09 -50.90 35.39
C GLY A 159 -46.42 -50.30 36.73
N GLY A 160 -46.01 -49.07 37.00
CA GLY A 160 -46.30 -48.40 38.25
C GLY A 160 -45.56 -47.09 38.29
N ASN A 161 -45.77 -46.35 39.38
CA ASN A 161 -45.08 -45.08 39.57
C ASN A 161 -43.57 -45.31 39.69
N GLY A 162 -42.81 -44.62 38.86
CA GLY A 162 -41.36 -44.69 38.90
C GLY A 162 -40.76 -45.99 38.40
N GLN A 163 -41.54 -46.83 37.74
CA GLN A 163 -41.03 -48.11 37.25
C GLN A 163 -40.67 -48.01 35.77
N LEU A 164 -39.67 -48.78 35.37
CA LEU A 164 -39.14 -48.76 34.01
C LEU A 164 -39.12 -50.19 33.47
N GLN A 165 -39.90 -50.44 32.44
CA GLN A 165 -40.05 -51.79 31.89
C GLN A 165 -39.65 -51.77 30.41
N GLN A 166 -39.92 -52.87 29.71
CA GLN A 166 -39.40 -53.00 28.36
C GLN A 166 -39.98 -51.97 27.38
N ASP A 167 -41.13 -51.37 27.70
CA ASP A 167 -41.73 -50.38 26.81
C ASP A 167 -41.58 -48.96 27.34
N SER A 168 -40.58 -48.71 28.18
CA SER A 168 -40.42 -47.41 28.81
C SER A 168 -39.65 -46.40 27.96
N VAL A 169 -38.82 -46.85 27.02
CA VAL A 169 -38.07 -45.93 26.16
C VAL A 169 -39.02 -45.44 25.08
N THR A 170 -39.53 -44.21 25.25
CA THR A 170 -40.54 -43.68 24.34
C THR A 170 -39.98 -42.62 23.39
N ALA A 171 -38.71 -42.28 23.51
CA ALA A 171 -38.00 -41.51 22.49
C ALA A 171 -36.53 -41.86 22.58
N GLU A 172 -35.86 -41.93 21.42
CA GLU A 172 -34.49 -42.42 21.40
C GLU A 172 -33.71 -41.88 20.21
N ASP A 173 -34.02 -40.67 19.77
CA ASP A 173 -33.41 -40.12 18.55
C ASP A 173 -32.22 -39.23 18.83
N LEU A 174 -31.69 -39.24 20.06
CA LEU A 174 -30.56 -38.37 20.42
C LEU A 174 -29.41 -38.52 19.45
N TRP A 175 -29.15 -37.44 18.69
CA TRP A 175 -28.04 -37.28 17.77
C TRP A 175 -28.12 -38.15 16.53
N ARG A 176 -29.31 -38.64 16.19
CA ARG A 176 -29.53 -39.11 14.83
C ARG A 176 -29.27 -37.96 13.86
N ASN A 177 -28.49 -38.23 12.82
CA ASN A 177 -28.09 -37.17 11.90
C ASN A 177 -27.85 -37.76 10.52
N THR A 178 -28.23 -37.00 9.50
CA THR A 178 -27.91 -37.31 8.11
C THR A 178 -26.93 -36.27 7.60
N ALA A 179 -25.90 -36.73 6.90
CA ALA A 179 -24.86 -35.83 6.43
C ALA A 179 -25.43 -34.80 5.46
N THR A 180 -25.19 -33.54 5.80
CA THR A 180 -25.67 -32.42 4.96
C THR A 180 -24.58 -31.35 4.94
N GLU A 181 -24.64 -30.43 3.98
CA GLU A 181 -23.68 -29.30 3.98
C GLU A 181 -24.22 -28.21 4.93
N CYS A 182 -23.34 -27.65 5.73
CA CYS A 182 -23.76 -26.60 6.70
C CYS A 182 -24.38 -25.42 5.95
N GLN A 183 -25.51 -24.95 6.45
CA GLN A 183 -26.20 -23.83 5.82
C GLN A 183 -25.65 -22.53 6.38
N ILE A 184 -25.07 -21.71 5.49
CA ILE A 184 -24.47 -20.45 5.93
C ILE A 184 -25.55 -19.57 6.55
N GLU A 185 -25.31 -19.15 7.79
CA GLU A 185 -26.25 -18.28 8.47
C GLU A 185 -26.03 -16.84 8.02
N GLU A 186 -27.13 -16.13 7.75
CA GLU A 186 -27.12 -14.71 7.45
C GLU A 186 -26.20 -14.39 6.27
N ALA A 187 -26.35 -15.15 5.18
CA ALA A 187 -25.39 -15.07 4.08
C ALA A 187 -25.29 -13.66 3.50
N GLU A 188 -26.37 -12.89 3.57
CA GLU A 188 -26.32 -11.52 3.05
C GLU A 188 -25.36 -10.64 3.82
N GLN A 189 -24.98 -11.03 5.03
CA GLN A 189 -24.00 -10.26 5.79
C GLN A 189 -22.57 -10.55 5.36
N GLY A 190 -22.34 -11.65 4.65
CA GLY A 190 -21.00 -11.96 4.21
C GLY A 190 -20.02 -12.31 5.31
N ARG A 191 -20.53 -12.82 6.43
CA ARG A 191 -19.63 -13.27 7.48
C ARG A 191 -18.89 -14.54 7.12
N HIS A 192 -19.19 -15.13 5.96
CA HIS A 192 -18.50 -16.32 5.48
C HIS A 192 -17.43 -15.99 4.44
N ASN A 193 -17.31 -14.72 4.03
CA ASN A 193 -16.36 -14.34 2.99
C ASN A 193 -15.07 -13.81 3.60
N PHE A 194 -13.96 -14.09 2.91
CA PHE A 194 -12.64 -13.72 3.39
C PHE A 194 -12.15 -12.47 2.65
N ASP A 195 -11.61 -11.51 3.39
CA ASP A 195 -11.05 -10.29 2.81
C ASP A 195 -9.53 -10.36 2.95
N PRO A 196 -8.79 -10.60 1.86
CA PRO A 196 -7.33 -10.74 1.99
C PRO A 196 -6.63 -9.47 2.44
N ALA A 197 -7.29 -8.31 2.36
CA ALA A 197 -6.67 -7.08 2.83
C ALA A 197 -6.85 -6.87 4.33
N ASN A 198 -7.68 -7.67 4.99
CA ASN A 198 -8.00 -7.49 6.41
C ASN A 198 -8.40 -6.05 6.72
N SER A 199 -9.28 -5.51 5.88
CA SER A 199 -9.74 -4.13 6.07
C SER A 199 -10.42 -4.00 7.42
N SER A 200 -10.06 -2.94 8.17
CA SER A 200 -10.60 -2.67 9.50
C SER A 200 -10.34 -3.80 10.49
N ASP A 201 -9.38 -4.68 10.19
CA ASP A 201 -8.96 -5.76 11.09
C ASP A 201 -10.10 -6.75 11.36
N LYS A 202 -11.00 -6.92 10.40
CA LYS A 202 -12.22 -7.69 10.66
C LYS A 202 -11.97 -9.20 10.58
N MET A 203 -10.99 -9.64 9.81
CA MET A 203 -10.78 -11.07 9.65
C MET A 203 -10.20 -11.66 10.93
N LYS A 204 -11.03 -11.77 11.96
CA LYS A 204 -10.67 -12.32 13.25
C LYS A 204 -11.58 -13.51 13.55
N LEU A 205 -11.00 -14.55 14.12
CA LEU A 205 -11.83 -15.68 14.53
C LEU A 205 -12.44 -15.41 15.90
N PRO A 206 -13.68 -15.83 16.12
CA PRO A 206 -14.28 -15.72 17.46
C PRO A 206 -13.54 -16.63 18.44
N LYS A 207 -13.75 -16.37 19.72
CA LYS A 207 -13.26 -17.29 20.73
C LYS A 207 -14.21 -18.49 20.78
N PHE A 208 -13.67 -19.67 20.54
CA PHE A 208 -14.42 -20.91 20.64
C PHE A 208 -14.00 -21.63 21.92
N ASN A 209 -14.96 -22.30 22.54
CA ASN A 209 -14.75 -23.07 23.75
C ASN A 209 -15.91 -24.05 23.83
N PRO A 210 -15.91 -25.10 23.00
CA PRO A 210 -17.08 -25.97 22.91
C PRO A 210 -17.43 -26.59 24.25
N VAL A 211 -18.73 -26.66 24.53
CA VAL A 211 -19.24 -27.26 25.75
C VAL A 211 -20.32 -28.26 25.38
N ALA A 212 -20.51 -29.23 26.26
CA ALA A 212 -21.64 -30.13 26.21
C ALA A 212 -22.66 -29.66 27.24
N LYS A 213 -23.84 -29.25 26.78
CA LYS A 213 -24.92 -28.82 27.66
C LYS A 213 -25.92 -29.97 27.77
N ILE A 214 -25.99 -30.55 28.96
CA ILE A 214 -26.79 -31.74 29.20
C ILE A 214 -28.07 -31.33 29.90
N GLY A 215 -29.22 -31.80 29.37
CA GLY A 215 -30.50 -31.49 29.97
C GLY A 215 -31.19 -32.70 30.56
N ILE A 216 -31.73 -32.55 31.76
CA ILE A 216 -32.48 -33.60 32.46
C ILE A 216 -33.79 -32.98 32.93
N ASN A 217 -34.91 -33.51 32.43
CA ASN A 217 -36.23 -32.99 32.76
C ASN A 217 -37.10 -34.12 33.28
N CYS A 218 -37.62 -33.98 34.50
CA CYS A 218 -38.56 -34.93 35.07
C CYS A 218 -39.94 -34.31 35.12
N LYS A 219 -40.94 -35.06 34.68
CA LYS A 219 -42.34 -34.62 34.72
C LYS A 219 -43.15 -35.68 35.44
N LYS A 220 -43.84 -35.30 36.53
CA LYS A 220 -44.58 -36.30 37.28
C LYS A 220 -45.75 -36.87 36.48
N GLY A 221 -46.27 -36.11 35.52
CA GLY A 221 -47.45 -36.53 34.79
C GLY A 221 -48.73 -36.04 35.44
N GLY A 222 -49.79 -36.00 34.64
CA GLY A 222 -51.06 -35.47 35.11
C GLY A 222 -51.12 -33.97 34.98
N ASP A 223 -50.27 -33.28 35.73
CA ASP A 223 -50.10 -31.84 35.62
C ASP A 223 -48.74 -31.55 34.97
N THR A 224 -48.33 -30.28 35.00
CA THR A 224 -47.09 -29.85 34.38
C THR A 224 -45.91 -29.85 35.34
N ASN A 225 -46.07 -30.43 36.53
CA ASN A 225 -45.07 -30.29 37.58
C ASN A 225 -43.93 -31.28 37.42
N ASN A 226 -42.85 -31.01 38.15
CA ASN A 226 -41.67 -31.89 38.17
C ASN A 226 -41.91 -33.08 39.09
N CYS A 227 -40.83 -33.74 39.51
CA CYS A 227 -40.89 -34.94 40.34
C CYS A 227 -40.35 -34.70 41.74
N ASN A 228 -40.41 -33.47 42.23
CA ASN A 228 -39.91 -33.20 43.58
C ASN A 228 -40.76 -33.91 44.63
N ALA A 229 -42.08 -33.89 44.47
CA ALA A 229 -42.99 -34.43 45.48
C ALA A 229 -43.70 -35.69 45.03
N ASN A 230 -43.58 -36.07 43.76
CA ASN A 230 -44.25 -37.24 43.22
C ASN A 230 -43.32 -37.96 42.26
N ALA A 231 -43.42 -39.28 42.24
CA ALA A 231 -42.65 -40.03 41.25
C ALA A 231 -43.32 -39.90 39.88
N MET A 232 -42.61 -40.38 38.86
CA MET A 232 -43.17 -40.48 37.51
C MET A 232 -44.43 -41.33 37.53
N ALA A 233 -45.59 -40.74 37.24
CA ALA A 233 -46.82 -41.50 37.31
C ALA A 233 -46.88 -42.53 36.19
N GLN A 234 -47.46 -43.69 36.49
CA GLN A 234 -47.58 -44.77 35.52
C GLN A 234 -48.22 -44.30 34.23
N ASN A 235 -47.51 -44.52 33.12
CA ASN A 235 -47.95 -44.24 31.75
C ASN A 235 -47.86 -42.77 31.36
N THR A 236 -47.80 -41.85 32.34
CA THR A 236 -47.80 -40.43 32.03
C THR A 236 -46.54 -39.70 32.48
N GLY A 237 -45.91 -40.13 33.56
CA GLY A 237 -44.68 -39.49 34.00
C GLY A 237 -43.54 -39.79 33.04
N LYS A 238 -42.68 -38.79 32.82
CA LYS A 238 -41.62 -38.90 31.83
C LYS A 238 -40.33 -38.33 32.37
N LEU A 239 -39.21 -38.85 31.86
CA LEU A 239 -37.87 -38.36 32.18
C LEU A 239 -37.12 -38.19 30.88
N GLN A 240 -36.73 -36.95 30.58
CA GLN A 240 -36.11 -36.62 29.30
C GLN A 240 -34.66 -36.20 29.51
N PHE A 241 -33.79 -36.71 28.63
CA PHE A 241 -32.35 -36.53 28.71
C PHE A 241 -31.85 -36.14 27.34
N ASP A 242 -31.07 -35.07 27.26
CA ASP A 242 -30.52 -34.67 25.98
C ASP A 242 -29.16 -34.01 26.17
N VAL A 243 -28.41 -33.92 25.07
CA VAL A 243 -27.12 -33.25 25.03
C VAL A 243 -27.07 -32.37 23.79
N LYS A 244 -26.71 -31.11 23.97
CA LYS A 244 -26.43 -30.19 22.89
C LYS A 244 -24.97 -29.74 23.02
N ILE A 245 -24.28 -29.64 21.88
CA ILE A 245 -22.94 -29.04 21.85
C ILE A 245 -23.09 -27.58 21.47
N GLU A 246 -22.45 -26.70 22.24
CA GLU A 246 -22.43 -25.27 21.96
C GLU A 246 -21.00 -24.86 21.67
N ALA A 247 -20.83 -23.93 20.71
CA ALA A 247 -19.48 -23.57 20.28
C ALA A 247 -18.74 -22.75 21.31
N MET A 248 -19.48 -21.98 22.13
CA MET A 248 -18.93 -21.15 23.19
C MET A 248 -19.72 -21.40 24.46
N GLY A 249 -19.00 -21.57 25.58
CA GLY A 249 -19.69 -21.75 26.85
C GLY A 249 -18.70 -21.77 27.99
N THR A 250 -19.25 -21.96 29.18
CA THR A 250 -18.48 -22.01 30.43
C THR A 250 -18.93 -23.21 31.25
N GLN A 251 -17.97 -23.88 31.89
CA GLN A 251 -18.30 -25.02 32.72
C GLN A 251 -19.15 -24.58 33.91
N GLY A 252 -20.18 -25.37 34.20
CA GLY A 252 -21.07 -25.07 35.31
C GLY A 252 -21.81 -26.29 35.79
N GLY A 253 -21.78 -26.52 37.11
CA GLY A 253 -22.45 -27.68 37.68
C GLY A 253 -23.96 -27.62 37.56
N ASN A 254 -24.60 -28.73 37.92
CA ASN A 254 -26.05 -28.84 37.80
C ASN A 254 -26.74 -27.73 38.59
N ASP A 255 -27.86 -27.28 38.04
CA ASP A 255 -28.66 -26.21 38.63
C ASP A 255 -29.97 -26.72 39.22
N ALA A 256 -29.96 -27.95 39.77
CA ALA A 256 -31.15 -28.51 40.40
C ALA A 256 -31.56 -27.74 41.65
N ALA A 257 -30.64 -26.99 42.25
CA ALA A 257 -30.97 -26.23 43.46
C ALA A 257 -31.99 -25.12 43.19
N SER A 258 -32.20 -24.74 41.94
CA SER A 258 -33.20 -23.73 41.60
C SER A 258 -34.35 -24.28 40.77
N LYS A 259 -34.36 -25.58 40.46
CA LYS A 259 -35.40 -26.13 39.61
C LYS A 259 -36.07 -27.34 40.23
N TRP A 260 -35.35 -28.08 41.08
CA TRP A 260 -35.89 -29.27 41.71
C TRP A 260 -36.03 -29.13 43.22
N GLU A 261 -35.94 -27.90 43.75
CA GLU A 261 -35.98 -27.67 45.19
C GLU A 261 -37.40 -27.63 45.74
N SER A 262 -38.41 -27.58 44.88
CA SER A 262 -39.81 -27.62 45.32
C SER A 262 -40.64 -28.16 44.16
N ALA A 263 -41.89 -28.52 44.48
CA ALA A 263 -42.82 -29.00 43.48
C ALA A 263 -43.34 -27.82 42.67
N LYS A 264 -42.99 -27.76 41.40
CA LYS A 264 -43.39 -26.67 40.53
C LYS A 264 -43.31 -27.15 39.09
N ALA A 265 -43.66 -26.25 38.16
CA ALA A 265 -43.64 -26.57 36.74
C ALA A 265 -42.27 -27.11 36.31
N ALA A 266 -42.30 -28.23 35.59
CA ALA A 266 -41.07 -28.91 35.22
C ALA A 266 -40.24 -28.05 34.27
N GLU A 267 -38.95 -27.93 34.55
CA GLU A 267 -37.98 -27.34 33.64
C GLU A 267 -36.72 -28.18 33.70
N PRO A 268 -36.03 -28.35 32.57
CA PRO A 268 -34.84 -29.22 32.56
C PRO A 268 -33.73 -28.67 33.43
N VAL A 269 -33.06 -29.57 34.14
CA VAL A 269 -31.83 -29.24 34.85
C VAL A 269 -30.67 -29.34 33.87
N TYR A 270 -29.80 -28.33 33.87
CA TYR A 270 -28.70 -28.25 32.92
C TYR A 270 -27.36 -28.46 33.61
N ILE A 271 -26.47 -29.18 32.93
CA ILE A 271 -25.06 -29.30 33.29
C ILE A 271 -24.28 -28.88 32.06
N THR A 272 -23.27 -28.03 32.25
CA THR A 272 -22.43 -27.58 31.14
C THR A 272 -20.99 -28.01 31.42
N ASN A 273 -20.45 -28.83 30.53
CA ASN A 273 -19.11 -29.38 30.70
C ASN A 273 -18.25 -28.96 29.52
N GLU A 274 -17.03 -28.52 29.79
CA GLU A 274 -16.13 -28.05 28.73
C GLU A 274 -15.43 -29.24 28.09
N LEU A 275 -15.49 -29.29 26.75
CA LEU A 275 -14.96 -30.42 25.98
C LEU A 275 -13.47 -30.28 25.66
N ASN A 276 -12.97 -29.04 25.58
CA ASN A 276 -11.59 -28.78 25.17
C ASN A 276 -11.21 -29.57 23.92
N ILE A 277 -12.07 -29.48 22.91
CA ILE A 277 -11.79 -30.00 21.58
C ILE A 277 -11.98 -28.86 20.58
N ILE A 278 -11.25 -28.95 19.47
CA ILE A 278 -11.45 -28.12 18.28
C ILE A 278 -10.93 -26.70 18.45
N ALA A 279 -11.12 -26.11 19.63
CA ALA A 279 -10.75 -24.71 19.84
C ALA A 279 -9.28 -24.45 19.50
N LYS A 280 -8.39 -25.35 19.92
CA LYS A 280 -6.97 -25.10 19.70
C LYS A 280 -6.63 -25.12 18.21
N THR A 281 -7.24 -26.03 17.45
CA THR A 281 -7.04 -26.04 16.01
C THR A 281 -7.45 -24.70 15.40
N LEU A 282 -8.57 -24.14 15.84
CA LEU A 282 -9.03 -22.87 15.29
C LEU A 282 -8.11 -21.73 15.71
N GLU A 283 -7.67 -21.70 16.97
CA GLU A 283 -6.70 -20.70 17.40
C GLU A 283 -5.45 -20.76 16.52
N SER A 284 -4.92 -21.96 16.28
N SER A 284 -4.92 -21.96 16.28
CA SER A 284 -3.72 -22.09 15.45
CA SER A 284 -3.73 -22.09 15.44
C SER A 284 -4.00 -21.66 14.01
C SER A 284 -4.00 -21.63 14.02
N ALA A 285 -5.21 -21.91 13.51
CA ALA A 285 -5.55 -21.46 12.16
C ALA A 285 -5.61 -19.94 12.07
N GLY A 286 -6.09 -19.28 13.13
CA GLY A 286 -6.13 -17.82 13.11
C GLY A 286 -4.75 -17.21 13.07
N VAL A 287 -3.82 -17.74 13.87
CA VAL A 287 -2.44 -17.29 13.81
C VAL A 287 -1.86 -17.56 12.42
N ALA A 288 -2.13 -18.74 11.87
CA ALA A 288 -1.62 -19.08 10.54
C ALA A 288 -2.18 -18.13 9.48
N ASN A 289 -3.47 -17.79 9.58
CA ASN A 289 -4.05 -16.88 8.60
C ASN A 289 -3.41 -15.50 8.70
N GLN A 290 -3.07 -15.06 9.90
CA GLN A 290 -2.45 -13.74 10.04
C GLN A 290 -1.05 -13.74 9.44
N ALA A 291 -0.29 -14.81 9.66
CA ALA A 291 1.05 -14.90 9.08
C ALA A 291 0.98 -14.94 7.55
N LEU A 292 0.03 -15.69 7.01
CA LEU A 292 -0.13 -15.76 5.56
C LEU A 292 -0.57 -14.41 4.99
N GLN A 293 -1.53 -13.76 5.64
CA GLN A 293 -2.00 -12.45 5.18
C GLN A 293 -0.85 -11.47 5.02
N ASN A 294 0.05 -11.44 6.00
CA ASN A 294 1.14 -10.47 5.96
C ASN A 294 2.06 -10.71 4.77
N GLU A 295 2.36 -11.97 4.48
CA GLU A 295 3.22 -12.30 3.34
C GLU A 295 2.50 -12.10 2.01
N PHE A 296 1.21 -12.43 1.96
CA PHE A 296 0.50 -12.46 0.68
C PHE A 296 -0.19 -11.14 0.33
N LYS A 297 -0.20 -10.16 1.23
CA LYS A 297 -0.90 -8.91 0.94
C LYS A 297 -0.25 -8.12 -0.18
N GLN A 298 1.00 -8.42 -0.52
CA GLN A 298 1.69 -7.72 -1.59
C GLN A 298 2.74 -8.65 -2.20
N ASN A 299 3.04 -8.43 -3.48
CA ASN A 299 4.16 -9.09 -4.13
C ASN A 299 4.53 -8.29 -5.36
N SER A 300 5.81 -8.36 -5.74
CA SER A 300 6.37 -7.52 -6.78
C SER A 300 6.61 -8.26 -8.10
N CYS A 301 6.06 -9.45 -8.24
CA CYS A 301 6.23 -10.21 -9.49
C CYS A 301 5.47 -9.50 -10.62
N ALA A 302 6.20 -9.09 -11.66
CA ALA A 302 5.58 -8.35 -12.75
C ALA A 302 4.95 -9.31 -13.76
N GLU A 303 3.93 -8.80 -14.44
CA GLU A 303 3.30 -9.58 -15.51
C GLU A 303 4.16 -9.51 -16.76
N PRO A 304 4.44 -10.64 -17.40
CA PRO A 304 5.24 -10.61 -18.64
C PRO A 304 4.51 -9.84 -19.73
N SER A 305 5.27 -9.07 -20.51
CA SER A 305 4.71 -8.20 -21.52
C SER A 305 5.73 -8.01 -22.63
N GLU A 306 5.23 -7.77 -23.84
CA GLU A 306 6.08 -7.38 -24.96
C GLU A 306 5.93 -5.91 -25.33
N GLU A 307 5.15 -5.15 -24.55
CA GLU A 307 4.95 -3.73 -24.83
C GLU A 307 6.19 -2.93 -24.46
N TYR A 308 6.56 -1.99 -25.34
CA TYR A 308 7.69 -1.11 -25.06
C TYR A 308 7.51 -0.36 -23.75
N SER A 309 6.28 0.06 -23.45
CA SER A 309 6.02 0.86 -22.27
C SER A 309 6.33 0.13 -20.97
N ASP A 310 6.29 -1.20 -20.97
CA ASP A 310 6.70 -1.94 -19.78
C ASP A 310 8.21 -2.10 -19.69
N PHE A 311 8.92 -2.07 -20.82
CA PHE A 311 10.38 -2.10 -20.75
C PHE A 311 10.97 -0.74 -20.40
N SER A 312 10.34 0.35 -20.84
CA SER A 312 10.88 1.67 -20.53
C SER A 312 10.80 1.99 -19.04
N ASN A 313 9.95 1.30 -18.29
CA ASN A 313 9.90 1.48 -16.84
C ASN A 313 11.12 0.93 -16.13
N SER A 314 11.91 0.09 -16.79
CA SER A 314 13.03 -0.58 -16.13
C SER A 314 14.31 0.23 -16.29
N GLY A 315 15.00 0.45 -15.17
CA GLY A 315 16.32 1.06 -15.24
C GLY A 315 17.36 0.13 -15.84
N ASP A 316 17.19 -1.19 -15.64
CA ASP A 316 18.08 -2.14 -16.29
C ASP A 316 18.02 -2.00 -17.81
N PHE A 317 16.81 -1.81 -18.34
CA PHE A 317 16.62 -1.65 -19.78
C PHE A 317 17.38 -0.44 -20.31
N SER A 318 17.19 0.72 -19.67
N SER A 318 17.19 0.72 -19.67
CA SER A 318 17.84 1.94 -20.16
CA SER A 318 17.83 1.94 -20.15
C SER A 318 19.35 1.88 -19.98
C SER A 318 19.34 1.90 -19.96
N ARG A 319 19.80 1.35 -18.84
CA ARG A 319 21.25 1.24 -18.62
C ARG A 319 21.90 0.38 -19.69
N GLN A 320 21.24 -0.74 -20.05
CA GLN A 320 21.80 -1.62 -21.06
C GLN A 320 21.76 -1.00 -22.45
N ILE A 321 20.76 -0.17 -22.74
CA ILE A 321 20.72 0.53 -24.03
C ILE A 321 21.96 1.41 -24.18
N ILE A 322 22.25 2.22 -23.16
CA ILE A 322 23.45 3.05 -23.20
C ILE A 322 24.70 2.18 -23.28
N ARG A 323 24.70 1.04 -22.59
CA ARG A 323 25.86 0.16 -22.63
C ARG A 323 26.07 -0.43 -24.02
N SER A 324 24.99 -0.74 -24.73
CA SER A 324 25.10 -1.47 -25.99
C SER A 324 25.16 -0.56 -27.22
N TYR A 325 24.61 0.67 -27.14
CA TYR A 325 24.52 1.53 -28.30
C TYR A 325 25.32 2.82 -28.21
N SER A 326 25.63 3.30 -27.01
CA SER A 326 26.40 4.54 -26.87
C SER A 326 27.88 4.24 -27.07
N ASN A 327 28.73 5.23 -26.81
CA ASN A 327 30.17 5.05 -26.92
C ASN A 327 30.82 4.71 -25.59
N ASN A 328 30.03 4.57 -24.52
CA ASN A 328 30.53 4.18 -23.21
C ASN A 328 30.03 2.75 -22.97
N LYS A 329 30.82 1.77 -23.42
CA LYS A 329 30.48 0.37 -23.20
C LYS A 329 30.39 0.04 -21.71
N ASP A 330 31.04 0.81 -20.84
CA ASP A 330 31.06 0.58 -19.41
C ASP A 330 30.07 1.44 -18.64
N ASN A 331 29.03 1.94 -19.32
CA ASN A 331 28.09 2.84 -18.66
C ASN A 331 27.38 2.13 -17.51
N GLU A 332 27.19 2.83 -16.41
CA GLU A 332 26.44 2.31 -15.28
C GLU A 332 25.24 3.17 -14.92
N LYS A 333 25.06 4.31 -15.57
CA LYS A 333 23.94 5.20 -15.30
C LYS A 333 22.66 4.69 -15.97
N GLU A 334 21.53 4.92 -15.30
CA GLU A 334 20.25 4.51 -15.88
C GLU A 334 19.71 5.50 -16.90
N THR A 335 20.31 6.67 -17.01
CA THR A 335 19.90 7.65 -18.01
C THR A 335 21.10 8.50 -18.38
N THR A 336 20.98 9.22 -19.49
CA THR A 336 22.04 10.12 -19.93
C THR A 336 21.82 11.50 -19.33
N ASP A 337 22.91 12.27 -19.24
CA ASP A 337 22.82 13.62 -18.68
C ASP A 337 21.85 14.48 -19.48
N LYS A 338 21.92 14.40 -20.81
CA LYS A 338 20.93 15.01 -21.67
C LYS A 338 19.92 13.94 -22.05
N PRO A 339 18.67 14.04 -21.61
CA PRO A 339 17.68 12.99 -21.92
C PRO A 339 17.58 12.68 -23.41
N SER A 340 17.80 13.68 -24.26
CA SER A 340 17.71 13.47 -25.70
C SER A 340 18.73 12.46 -26.20
N ASP A 341 19.86 12.32 -25.49
CA ASP A 341 20.88 11.35 -25.91
C ASP A 341 20.36 9.93 -25.83
N LEU A 342 19.81 9.54 -24.68
CA LEU A 342 19.18 8.23 -24.58
C LEU A 342 18.07 8.07 -25.60
N GLU A 343 17.29 9.13 -25.83
CA GLU A 343 16.18 9.03 -26.79
C GLU A 343 16.70 8.77 -28.21
N LYS A 344 17.88 9.29 -28.55
CA LYS A 344 18.45 9.00 -29.87
C LYS A 344 18.88 7.54 -29.98
N LEU A 345 19.43 6.99 -28.90
CA LEU A 345 19.78 5.57 -28.91
C LEU A 345 18.55 4.70 -29.09
N ILE A 346 17.44 5.06 -28.43
CA ILE A 346 16.20 4.32 -28.56
C ILE A 346 15.67 4.43 -29.99
N GLU A 347 15.78 5.60 -30.58
CA GLU A 347 15.23 5.78 -31.94
C GLU A 347 15.98 4.85 -32.90
N SER A 348 17.28 4.72 -32.70
CA SER A 348 18.10 3.91 -33.63
C SER A 348 17.73 2.43 -33.51
N ALA A 349 17.42 1.96 -32.30
CA ALA A 349 17.18 0.52 -32.09
C ALA A 349 15.70 0.16 -32.24
N TYR A 350 14.81 0.99 -31.70
CA TYR A 350 13.41 0.58 -31.64
C TYR A 350 12.47 1.64 -32.20
N GLY A 351 12.97 2.57 -33.00
CA GLY A 351 12.16 3.67 -33.49
C GLY A 351 11.93 4.72 -32.43
N LYS A 352 11.55 5.91 -32.89
CA LYS A 352 11.34 7.03 -31.97
C LYS A 352 10.31 6.65 -30.90
N ASN A 353 10.69 6.83 -29.63
CA ASN A 353 9.83 6.53 -28.49
C ASN A 353 9.37 5.08 -28.49
N GLY A 354 10.20 4.19 -29.03
CA GLY A 354 9.89 2.77 -29.10
C GLY A 354 8.78 2.41 -30.06
N ALA A 355 8.41 3.31 -30.98
CA ALA A 355 7.28 3.05 -31.88
C ALA A 355 7.51 1.85 -32.78
N LYS A 356 8.76 1.43 -32.98
CA LYS A 356 9.10 0.27 -33.81
C LYS A 356 9.57 -0.91 -32.96
N PHE A 357 9.17 -0.96 -31.69
CA PHE A 357 9.64 -2.02 -30.80
C PHE A 357 9.23 -3.39 -31.30
N LYS A 358 7.97 -3.56 -31.68
CA LYS A 358 7.49 -4.84 -32.17
C LYS A 358 8.14 -5.21 -33.49
N GLU A 359 8.25 -4.25 -34.41
CA GLU A 359 8.75 -4.55 -35.74
C GLU A 359 10.25 -4.86 -35.71
N ASN A 360 11.00 -4.18 -34.85
CA ASN A 360 12.45 -4.38 -34.78
C ASN A 360 12.86 -5.51 -33.85
N LEU A 361 11.99 -5.96 -32.97
CA LEU A 361 12.38 -7.01 -32.04
C LEU A 361 11.54 -8.27 -32.21
N TRP A 362 10.29 -8.24 -31.74
CA TRP A 362 9.46 -9.44 -31.70
C TRP A 362 9.15 -9.97 -33.10
N ASP A 363 8.83 -9.06 -34.05
CA ASP A 363 8.57 -9.51 -35.42
C ASP A 363 9.81 -10.16 -36.03
N GLN A 364 11.00 -9.74 -35.62
N GLN A 364 11.00 -9.74 -35.62
CA GLN A 364 12.22 -10.37 -36.13
CA GLN A 364 12.22 -10.37 -36.13
C GLN A 364 12.49 -11.71 -35.46
C GLN A 364 12.49 -11.71 -35.46
N ILE A 365 12.15 -11.85 -34.18
CA ILE A 365 12.31 -13.12 -33.49
C ILE A 365 11.39 -14.17 -34.11
N ASP A 366 10.19 -13.75 -34.51
CA ASP A 366 9.24 -14.67 -35.15
C ASP A 366 9.75 -15.22 -36.47
N LYS A 367 10.76 -14.59 -37.08
CA LYS A 367 11.29 -15.06 -38.35
C LYS A 367 12.47 -16.00 -38.21
N LEU A 368 13.05 -16.12 -37.02
CA LEU A 368 14.16 -17.04 -36.82
C LEU A 368 13.65 -18.48 -36.83
N SER A 369 14.48 -19.38 -37.34
CA SER A 369 14.13 -20.80 -37.42
C SER A 369 15.26 -21.64 -36.85
N PRO A 370 15.54 -21.53 -35.56
CA PRO A 370 16.52 -22.41 -34.94
C PRO A 370 15.96 -23.83 -34.85
N THR A 371 16.85 -24.80 -34.81
CA THR A 371 16.46 -26.20 -34.89
C THR A 371 16.68 -26.90 -33.57
N VAL A 372 15.99 -28.03 -33.41
CA VAL A 372 16.22 -28.99 -32.35
C VAL A 372 16.32 -30.35 -33.00
N ASN A 373 16.81 -31.32 -32.22
CA ASN A 373 16.92 -32.68 -32.72
C ASN A 373 15.53 -33.29 -32.89
N LYS A 374 15.33 -34.01 -34.00
CA LYS A 374 14.11 -34.78 -34.27
C LYS A 374 14.56 -36.15 -34.76
N GLY A 375 14.88 -37.03 -33.81
CA GLY A 375 15.36 -38.37 -34.14
C GLY A 375 16.65 -38.37 -34.93
N GLU A 376 16.59 -38.79 -36.18
CA GLU A 376 17.75 -38.80 -37.05
C GLU A 376 17.93 -37.50 -37.82
N THR A 377 16.92 -36.63 -37.83
CA THR A 377 17.00 -35.35 -38.53
C THR A 377 16.79 -34.21 -37.55
N ASN A 378 16.28 -33.08 -38.03
CA ASN A 378 16.06 -31.92 -37.16
C ASN A 378 14.65 -31.38 -37.37
N GLU A 379 14.28 -30.42 -36.53
CA GLU A 379 12.98 -29.77 -36.58
C GLU A 379 13.16 -28.29 -36.31
N LYS A 380 12.61 -27.46 -37.20
CA LYS A 380 12.71 -26.01 -37.05
C LYS A 380 11.62 -25.50 -36.11
N LEU A 381 12.00 -24.69 -35.13
CA LEU A 381 11.04 -24.10 -34.20
C LEU A 381 10.45 -22.81 -34.76
N ASN A 382 9.16 -22.64 -34.54
CA ASN A 382 8.46 -21.38 -34.81
C ASN A 382 8.44 -20.64 -33.48
N LEU A 383 9.30 -19.62 -33.36
CA LEU A 383 9.44 -18.89 -32.09
C LEU A 383 8.20 -18.09 -31.74
N LYS A 384 7.28 -17.87 -32.68
CA LYS A 384 6.06 -17.14 -32.35
C LYS A 384 5.12 -17.98 -31.48
N THR A 385 5.11 -19.30 -31.67
CA THR A 385 4.17 -20.17 -31.00
C THR A 385 4.79 -21.18 -30.05
N GLU A 386 6.11 -21.39 -30.12
CA GLU A 386 6.75 -22.41 -29.30
C GLU A 386 6.67 -22.02 -27.82
N LYS A 387 6.24 -22.96 -26.99
CA LYS A 387 6.10 -22.70 -25.56
C LYS A 387 6.85 -23.69 -24.68
N ASP A 388 7.49 -24.70 -25.26
CA ASP A 388 8.23 -25.70 -24.50
C ASP A 388 9.64 -25.16 -24.24
N ILE A 389 9.99 -24.96 -22.98
CA ILE A 389 11.35 -24.45 -22.60
C ILE A 389 12.43 -25.49 -22.90
N SER A 390 12.07 -26.78 -22.95
CA SER A 390 13.05 -27.84 -23.31
C SER A 390 13.52 -27.63 -24.75
N LYS A 391 12.57 -27.36 -25.65
CA LYS A 391 12.92 -27.15 -27.07
C LYS A 391 13.69 -25.83 -27.24
N LEU A 392 13.24 -24.79 -26.55
CA LEU A 392 13.92 -23.51 -26.71
C LEU A 392 15.34 -23.57 -26.15
N GLY A 393 15.52 -24.25 -25.02
CA GLY A 393 16.87 -24.39 -24.46
C GLY A 393 17.79 -25.18 -25.38
N GLU A 394 17.24 -26.22 -26.00
CA GLU A 394 18.04 -27.08 -26.90
C GLU A 394 18.46 -26.25 -28.12
N ALA A 395 17.51 -25.50 -28.67
CA ALA A 395 17.81 -24.64 -29.83
C ALA A 395 18.89 -23.63 -29.46
N LEU A 396 18.81 -23.07 -28.26
CA LEU A 396 19.86 -22.14 -27.84
C LEU A 396 21.22 -22.82 -27.80
N ALA A 397 21.30 -24.02 -27.21
CA ALA A 397 22.59 -24.69 -27.09
C ALA A 397 23.13 -25.11 -28.46
N ARG A 398 22.24 -25.57 -29.35
CA ARG A 398 22.69 -25.94 -30.68
C ARG A 398 23.22 -24.73 -31.43
N GLN A 399 22.55 -23.59 -31.27
CA GLN A 399 22.99 -22.36 -31.91
C GLN A 399 24.39 -21.98 -31.44
N LEU A 400 24.63 -22.02 -30.13
CA LEU A 400 25.93 -21.66 -29.59
C LEU A 400 27.02 -22.64 -30.01
N GLY A 401 26.70 -23.92 -30.17
CA GLY A 401 27.68 -24.87 -30.65
C GLY A 401 27.89 -24.85 -32.15
N TYR A 402 27.11 -24.06 -32.88
CA TYR A 402 27.14 -24.04 -34.33
C TYR A 402 28.14 -23.04 -34.91
N ILE A 403 28.60 -22.08 -34.12
CA ILE A 403 29.43 -20.99 -34.62
C ILE A 403 30.82 -21.49 -35.02
N THR B 43 -3.77 7.32 -16.71
CA THR B 43 -3.12 8.34 -17.52
C THR B 43 -1.62 8.08 -17.61
N LYS B 44 -1.08 8.12 -18.82
CA LYS B 44 0.35 7.93 -19.03
C LYS B 44 1.14 9.02 -18.34
N ALA B 45 2.06 8.62 -17.45
CA ALA B 45 2.96 9.55 -16.79
C ALA B 45 4.37 9.00 -16.91
N GLU B 46 5.30 9.86 -17.35
CA GLU B 46 6.69 9.48 -17.57
C GLU B 46 7.60 10.56 -17.01
N ALA B 47 8.88 10.24 -16.88
CA ALA B 47 9.85 11.21 -16.40
C ALA B 47 9.94 12.39 -17.35
N CYS B 48 9.85 13.60 -16.80
CA CYS B 48 9.98 14.79 -17.63
C CYS B 48 11.42 14.94 -18.14
N GLN B 49 11.56 15.54 -19.33
CA GLN B 49 12.85 15.61 -19.99
C GLN B 49 13.22 17.04 -20.40
N THR B 50 12.22 17.88 -20.61
CA THR B 50 12.39 19.26 -21.03
C THR B 50 11.90 20.22 -19.95
N PRO B 51 12.38 21.46 -19.96
CA PRO B 51 11.89 22.45 -18.97
C PRO B 51 10.37 22.60 -19.00
N CYS B 52 9.77 22.66 -20.19
CA CYS B 52 8.31 22.76 -20.27
C CYS B 52 7.64 21.56 -19.63
N GLN B 53 8.13 20.35 -19.92
CA GLN B 53 7.52 19.16 -19.35
C GLN B 53 7.62 19.17 -17.83
N CYS B 54 8.80 19.49 -17.31
CA CYS B 54 8.97 19.50 -15.86
C CYS B 54 8.17 20.61 -15.19
N SER B 55 7.97 21.72 -15.91
N SER B 55 7.96 21.72 -15.92
CA SER B 55 7.16 22.85 -15.36
CA SER B 55 7.16 22.85 -15.36
C SER B 55 5.73 22.38 -15.12
C SER B 55 5.72 22.39 -15.12
N HIS B 56 5.15 21.68 -16.10
CA HIS B 56 3.76 21.19 -15.97
C HIS B 56 3.68 20.08 -14.92
N GLN B 57 4.70 19.24 -14.86
CA GLN B 57 4.70 18.12 -13.90
C GLN B 57 4.73 18.66 -12.49
N LEU B 58 5.56 19.67 -12.25
CA LEU B 58 5.69 20.20 -10.87
C LEU B 58 4.39 20.93 -10.49
N ARG B 59 3.76 21.59 -11.45
CA ARG B 59 2.48 22.29 -11.18
C ARG B 59 1.37 21.26 -10.91
N GLN B 60 1.41 20.15 -11.64
CA GLN B 60 0.41 19.06 -11.44
C GLN B 60 0.61 18.46 -10.04
N ALA B 61 1.86 18.29 -9.63
CA ALA B 61 2.12 17.78 -8.29
C ALA B 61 1.53 18.70 -7.24
N ALA B 62 1.86 19.99 -7.31
CA ALA B 62 1.32 20.96 -6.36
C ALA B 62 -0.20 20.93 -6.34
N ALA B 63 -0.82 20.86 -7.52
CA ALA B 63 -2.28 20.82 -7.59
C ALA B 63 -2.83 19.56 -6.94
N HIS B 64 -2.13 18.43 -7.09
CA HIS B 64 -2.61 17.18 -6.51
C HIS B 64 -2.54 17.22 -4.99
N TYR B 65 -1.41 17.66 -4.44
CA TYR B 65 -1.27 17.69 -2.98
C TYR B 65 -2.28 18.64 -2.36
N ASN B 66 -2.53 19.79 -3.00
CA ASN B 66 -3.55 20.71 -2.49
C ASN B 66 -4.93 20.06 -2.53
N SER B 67 -5.21 19.27 -3.56
CA SER B 67 -6.49 18.60 -3.66
C SER B 67 -6.67 17.56 -2.56
N VAL B 68 -5.63 16.79 -2.26
CA VAL B 68 -5.70 15.81 -1.19
C VAL B 68 -5.91 16.50 0.16
N LEU B 69 -5.24 17.64 0.36
CA LEU B 69 -5.38 18.37 1.63
C LEU B 69 -6.79 18.94 1.77
N ARG B 70 -7.35 19.50 0.69
CA ARG B 70 -8.72 19.97 0.73
C ARG B 70 -9.69 18.85 1.05
N GLU B 71 -9.44 17.65 0.52
CA GLU B 71 -10.33 16.53 0.81
C GLU B 71 -10.23 16.10 2.26
N ALA B 72 -9.02 16.15 2.83
CA ALA B 72 -8.88 15.85 4.26
C ALA B 72 -9.66 16.84 5.10
N GLU B 73 -9.60 18.12 4.74
CA GLU B 73 -10.35 19.14 5.47
C GLU B 73 -11.85 18.95 5.32
N ARG B 74 -12.30 18.56 4.13
CA ARG B 74 -13.74 18.33 3.92
C ARG B 74 -14.24 17.18 4.79
N LYS B 75 -13.48 16.09 4.84
CA LYS B 75 -13.90 14.93 5.61
C LYS B 75 -13.88 15.22 7.10
N THR B 76 -12.88 15.96 7.57
CA THR B 76 -12.87 16.39 8.97
C THR B 76 -14.13 17.14 9.33
N ASP B 77 -14.50 18.13 8.50
CA ASP B 77 -15.72 18.91 8.73
C ASP B 77 -16.96 18.01 8.75
N GLY B 78 -16.96 16.97 7.91
CA GLY B 78 -18.12 16.08 7.87
C GLY B 78 -18.29 15.28 9.15
N HIS B 79 -17.18 14.86 9.77
CA HIS B 79 -17.25 14.09 11.00
C HIS B 79 -17.72 14.95 12.18
N ILE B 80 -17.19 16.17 12.29
CA ILE B 80 -17.60 17.02 13.42
C ILE B 80 -19.04 17.46 13.24
N LEU B 81 -19.50 17.62 12.00
CA LEU B 81 -20.92 17.92 11.77
C LEU B 81 -21.80 16.77 12.24
N GLN B 82 -21.38 15.54 11.95
CA GLN B 82 -22.13 14.38 12.41
C GLN B 82 -22.06 14.24 13.94
N ALA B 83 -20.89 14.48 14.53
CA ALA B 83 -20.76 14.36 15.98
C ALA B 83 -21.65 15.36 16.69
N LEU B 84 -21.80 16.55 16.12
CA LEU B 84 -22.61 17.59 16.79
C LEU B 84 -24.07 17.18 16.75
N LYS B 85 -24.53 16.72 15.59
CA LYS B 85 -25.94 16.27 15.46
C LYS B 85 -26.18 15.06 16.40
N LEU B 86 -25.19 14.20 16.54
CA LEU B 86 -25.33 13.03 17.44
C LEU B 86 -25.33 13.50 18.89
N LEU B 87 -24.58 14.56 19.17
CA LEU B 87 -24.53 15.08 20.53
C LEU B 87 -25.88 15.67 20.93
N ILE B 88 -26.55 16.33 19.99
CA ILE B 88 -27.90 16.82 20.27
C ILE B 88 -28.84 15.66 20.55
N ALA B 89 -28.68 14.54 19.83
CA ALA B 89 -29.45 13.35 20.15
C ALA B 89 -29.04 12.76 21.48
N ALA B 90 -27.75 12.78 21.79
CA ALA B 90 -27.23 12.16 23.01
C ALA B 90 -27.61 12.93 24.27
N THR B 91 -28.04 14.19 24.13
CA THR B 91 -28.48 14.99 25.26
C THR B 91 -29.96 15.33 25.18
N GLY B 92 -30.69 14.73 24.24
CA GLY B 92 -32.09 15.03 24.05
C GLY B 92 -33.00 14.34 25.05
N ASN B 93 -34.29 14.49 24.82
CA ASN B 93 -35.27 13.93 25.78
C ASN B 93 -35.69 12.50 25.42
N ASN B 94 -35.67 12.13 24.14
CA ASN B 94 -35.95 10.71 23.76
C ASN B 94 -34.93 9.83 24.47
N GLN B 95 -35.36 9.09 25.48
CA GLN B 95 -34.44 8.22 26.26
C GLN B 95 -33.87 7.14 25.34
N LYS B 96 -34.68 6.69 24.39
CA LYS B 96 -34.25 5.60 23.50
C LYS B 96 -33.19 6.17 22.54
N LEU B 97 -33.51 7.29 21.89
CA LEU B 97 -32.54 7.92 20.95
C LEU B 97 -31.27 8.28 21.72
N GLN B 98 -31.40 8.78 22.94
CA GLN B 98 -30.20 9.14 23.72
C GLN B 98 -29.21 7.98 23.71
N ALA B 99 -29.64 6.79 24.12
CA ALA B 99 -28.69 5.65 24.24
C ALA B 99 -28.21 5.20 22.87
N ALA B 100 -29.08 5.26 21.86
CA ALA B 100 -28.74 4.81 20.50
C ALA B 100 -27.70 5.71 19.85
N ALA B 101 -27.52 6.92 20.36
CA ALA B 101 -26.62 7.88 19.69
C ALA B 101 -25.22 7.80 20.28
N VAL B 102 -25.06 7.12 21.41
CA VAL B 102 -23.77 7.19 22.10
C VAL B 102 -22.70 6.42 21.33
N ALA B 103 -22.98 5.17 20.97
CA ALA B 103 -21.99 4.40 20.22
C ALA B 103 -21.66 5.05 18.88
N PRO B 104 -22.63 5.47 18.06
CA PRO B 104 -22.25 6.23 16.86
C PRO B 104 -21.46 7.48 17.16
N LEU B 105 -21.77 8.16 18.28
CA LEU B 105 -21.04 9.38 18.63
C LEU B 105 -19.59 9.09 18.98
N ALA B 106 -19.34 7.99 19.69
CA ALA B 106 -17.96 7.59 19.98
C ALA B 106 -17.16 7.40 18.70
N THR B 107 -17.77 6.80 17.68
CA THR B 107 -17.06 6.56 16.43
C THR B 107 -16.88 7.84 15.64
N ALA B 108 -17.90 8.70 15.65
CA ALA B 108 -17.79 9.98 14.96
C ALA B 108 -16.67 10.83 15.54
N LEU B 109 -16.62 10.95 16.88
CA LEU B 109 -15.58 11.75 17.51
C LEU B 109 -14.19 11.16 17.26
N LYS B 110 -14.10 9.84 17.23
CA LYS B 110 -12.81 9.20 16.94
C LYS B 110 -12.41 9.43 15.48
N ASN B 111 -13.36 9.30 14.55
CA ASN B 111 -13.09 9.58 13.15
C ASN B 111 -12.67 11.04 12.97
N TRP B 112 -13.37 11.95 13.65
CA TRP B 112 -13.07 13.37 13.55
C TRP B 112 -11.66 13.67 14.06
N ALA B 113 -11.32 13.17 15.25
CA ALA B 113 -9.99 13.43 15.79
C ALA B 113 -8.89 12.85 14.90
N ASN B 114 -9.12 11.66 14.34
CA ASN B 114 -8.13 11.07 13.45
C ASN B 114 -7.97 11.89 12.17
N CYS B 115 -9.09 12.37 11.61
CA CYS B 115 -9.02 13.20 10.42
C CYS B 115 -8.31 14.52 10.71
N LYS B 116 -8.53 15.09 11.89
CA LYS B 116 -7.85 16.33 12.25
C LYS B 116 -6.36 16.12 12.43
N ALA B 117 -5.97 14.99 13.03
CA ALA B 117 -4.54 14.69 13.16
C ALA B 117 -3.90 14.50 11.79
N GLU B 118 -4.60 13.86 10.86
CA GLU B 118 -4.06 13.65 9.53
C GLU B 118 -4.02 14.95 8.73
N THR B 119 -5.05 15.78 8.87
CA THR B 119 -5.04 17.10 8.22
C THR B 119 -3.86 17.93 8.69
N GLY B 120 -3.54 17.83 9.99
CA GLY B 120 -2.39 18.56 10.50
C GLY B 120 -1.07 18.04 9.96
N ARG B 121 -0.90 16.72 9.92
CA ARG B 121 0.32 16.14 9.36
C ARG B 121 0.47 16.49 7.89
N LEU B 122 -0.63 16.46 7.13
CA LEU B 122 -0.58 16.80 5.71
C LEU B 122 -0.36 18.30 5.51
N GLY B 123 -1.07 19.12 6.30
CA GLY B 123 -0.88 20.56 6.19
C GLY B 123 0.53 20.99 6.56
N THR B 124 1.11 20.33 7.56
CA THR B 124 2.49 20.61 7.92
C THR B 124 3.44 20.33 6.76
N ALA B 125 3.31 19.16 6.14
CA ALA B 125 4.14 18.85 4.98
C ALA B 125 3.89 19.83 3.85
N ALA B 126 2.66 20.25 3.65
CA ALA B 126 2.36 21.14 2.52
C ALA B 126 2.96 22.53 2.75
N ARG B 127 2.81 23.07 3.97
CA ARG B 127 3.30 24.45 4.25
C ARG B 127 4.83 24.48 4.18
N ASN B 128 5.47 23.34 4.40
CA ASN B 128 6.95 23.33 4.42
C ASN B 128 7.53 22.98 3.05
N ASN B 129 6.70 22.75 2.03
CA ASN B 129 7.27 22.22 0.79
C ASN B 129 6.59 22.69 -0.49
N ILE B 130 5.30 23.02 -0.50
CA ILE B 130 4.63 23.33 -1.76
C ILE B 130 5.19 24.59 -2.40
N ASP B 131 5.71 25.50 -1.59
CA ASP B 131 6.30 26.75 -2.12
C ASP B 131 7.45 26.40 -3.07
N LYS B 132 8.23 25.39 -2.73
CA LYS B 132 9.40 25.00 -3.56
C LYS B 132 8.91 24.41 -4.88
N LEU B 133 7.73 23.79 -4.89
CA LEU B 133 7.17 23.26 -6.15
C LEU B 133 6.69 24.44 -7.00
N ASN B 134 5.99 25.38 -6.39
CA ASN B 134 5.55 26.55 -7.14
C ASN B 134 6.75 27.29 -7.74
N ALA B 135 7.79 27.49 -6.94
CA ALA B 135 9.01 28.14 -7.45
C ALA B 135 9.67 27.28 -8.52
N GLY B 136 9.63 25.96 -8.34
CA GLY B 136 10.21 25.07 -9.34
C GLY B 136 9.47 25.12 -10.66
N ALA B 137 8.13 25.10 -10.63
CA ALA B 137 7.36 25.19 -11.86
C ALA B 137 7.64 26.48 -12.60
N GLU B 138 7.76 27.59 -11.87
CA GLU B 138 8.00 28.88 -12.52
C GLU B 138 9.41 28.96 -13.09
N ALA B 139 10.41 28.51 -12.33
CA ALA B 139 11.78 28.56 -12.81
C ALA B 139 11.98 27.66 -14.01
N ALA B 140 11.32 26.50 -14.03
CA ALA B 140 11.41 25.61 -15.18
C ALA B 140 10.76 26.24 -16.41
N ALA B 141 9.61 26.90 -16.22
CA ALA B 141 8.95 27.59 -17.32
C ALA B 141 9.81 28.74 -17.85
N ILE B 142 10.51 29.45 -16.96
CA ILE B 142 11.38 30.52 -17.43
C ILE B 142 12.59 29.94 -18.16
N LEU B 143 13.10 28.80 -17.69
CA LEU B 143 14.13 28.11 -18.45
C LEU B 143 13.64 27.76 -19.85
N ALA B 144 12.39 27.29 -19.96
CA ALA B 144 11.80 27.03 -21.26
C ALA B 144 11.84 28.26 -22.16
N ASN B 145 11.41 29.42 -21.62
CA ASN B 145 11.51 30.67 -22.37
C ASN B 145 12.93 30.89 -22.88
N LEU B 146 13.90 30.79 -21.98
CA LEU B 146 15.29 31.11 -22.31
C LEU B 146 15.82 30.21 -23.42
N THR B 147 15.48 28.93 -23.37
CA THR B 147 16.01 27.99 -24.37
C THR B 147 15.41 28.19 -25.75
N LYS B 148 14.31 28.93 -25.86
CA LYS B 148 13.69 29.20 -27.15
C LYS B 148 14.13 30.53 -27.74
N LEU B 149 14.97 31.28 -27.02
CA LEU B 149 15.41 32.58 -27.50
C LEU B 149 16.42 32.39 -28.63
N GLY B 150 16.24 33.13 -29.72
CA GLY B 150 17.11 33.00 -30.88
C GLY B 150 17.56 34.31 -31.46
N GLY B 151 17.82 34.33 -32.77
CA GLY B 151 18.29 35.51 -33.44
C GLY B 151 19.81 35.64 -33.43
N LYS B 152 20.29 36.78 -33.92
CA LYS B 152 21.72 37.02 -34.03
C LYS B 152 21.95 38.51 -34.22
N VAL B 153 23.21 38.91 -34.03
CA VAL B 153 23.71 40.21 -34.45
C VAL B 153 24.68 39.97 -35.59
N GLU B 154 24.53 40.73 -36.67
CA GLU B 154 25.38 40.57 -37.84
C GLU B 154 25.98 41.91 -38.21
N LEU B 155 27.29 41.91 -38.44
CA LEU B 155 28.01 43.09 -38.91
C LEU B 155 28.47 42.82 -40.33
N THR B 156 28.42 43.85 -41.17
CA THR B 156 28.95 43.79 -42.53
C THR B 156 29.97 44.90 -42.72
N ALA B 157 31.11 44.55 -43.31
CA ALA B 157 32.16 45.52 -43.54
C ALA B 157 31.66 46.64 -44.47
N LYS B 158 32.02 47.87 -44.12
CA LYS B 158 31.60 49.05 -44.89
C LYS B 158 32.75 50.02 -44.95
N GLY B 159 32.96 50.65 -46.12
CA GLY B 159 34.00 51.63 -46.33
C GLY B 159 35.34 51.04 -46.76
N GLY B 160 35.58 49.78 -46.47
CA GLY B 160 36.82 49.10 -46.79
C GLY B 160 36.84 47.78 -46.06
N ASN B 161 37.84 46.96 -46.38
CA ASN B 161 37.97 45.68 -45.70
C ASN B 161 38.13 45.87 -44.20
N GLY B 162 37.34 45.13 -43.43
CA GLY B 162 37.46 45.14 -41.99
C GLY B 162 36.97 46.38 -41.28
N GLN B 163 36.32 47.31 -41.99
CA GLN B 163 35.86 48.55 -41.38
C GLN B 163 34.35 48.47 -41.07
N LEU B 164 33.93 49.28 -40.10
CA LEU B 164 32.54 49.27 -39.62
C LEU B 164 32.03 50.70 -39.60
N GLN B 165 30.93 50.95 -40.30
CA GLN B 165 30.35 52.29 -40.40
C GLN B 165 28.87 52.25 -40.02
N GLN B 166 28.15 53.32 -40.36
CA GLN B 166 26.81 53.54 -39.84
C GLN B 166 25.78 52.53 -40.36
N ASP B 167 26.07 51.86 -41.47
CA ASP B 167 25.15 50.87 -42.03
C ASP B 167 25.69 49.44 -41.91
N SER B 168 26.60 49.20 -40.98
CA SER B 168 27.23 47.88 -40.86
C SER B 168 26.38 46.88 -40.07
N VAL B 169 25.42 47.31 -39.27
CA VAL B 169 24.57 46.37 -38.53
C VAL B 169 23.46 45.90 -39.46
N THR B 170 23.58 44.66 -39.94
CA THR B 170 22.68 44.13 -40.94
C THR B 170 21.76 43.04 -40.39
N ALA B 171 21.84 42.74 -39.10
CA ALA B 171 20.87 41.89 -38.41
C ALA B 171 20.97 42.20 -36.93
N GLU B 172 19.82 42.28 -36.26
CA GLU B 172 19.80 42.71 -34.86
C GLU B 172 18.60 42.16 -34.10
N ASP B 173 18.15 40.95 -34.43
CA ASP B 173 16.97 40.39 -33.79
C ASP B 173 17.30 39.43 -32.65
N LEU B 174 18.53 39.47 -32.15
CA LEU B 174 18.94 38.54 -31.11
C LEU B 174 18.03 38.67 -29.88
N TRP B 175 17.34 37.57 -29.57
CA TRP B 175 16.48 37.40 -28.38
C TRP B 175 15.24 38.28 -28.40
N ARG B 176 14.84 38.79 -29.56
CA ARG B 176 13.49 39.32 -29.71
C ARG B 176 12.48 38.21 -29.46
N ASN B 177 11.52 38.47 -28.59
CA ASN B 177 10.60 37.39 -28.21
C ASN B 177 9.22 37.95 -27.92
N THR B 178 8.21 37.16 -28.26
CA THR B 178 6.82 37.41 -27.92
C THR B 178 6.36 36.37 -26.91
N ALA B 179 5.64 36.82 -25.87
CA ALA B 179 5.25 35.93 -24.79
C ALA B 179 4.21 34.93 -25.26
N THR B 180 4.53 33.65 -25.10
CA THR B 180 3.60 32.56 -25.48
C THR B 180 3.69 31.48 -24.39
N GLU B 181 2.76 30.55 -24.38
CA GLU B 181 2.83 29.43 -23.42
C GLU B 181 3.73 28.33 -24.02
N CYS B 182 4.58 27.75 -23.19
CA CYS B 182 5.50 26.69 -23.68
C CYS B 182 4.67 25.54 -24.26
N GLN B 183 5.08 25.05 -25.41
CA GLN B 183 4.34 23.96 -26.09
C GLN B 183 4.92 22.62 -25.61
N ILE B 184 4.07 21.80 -24.99
CA ILE B 184 4.54 20.52 -24.40
C ILE B 184 5.07 19.63 -25.53
N GLU B 185 6.31 19.21 -25.36
CA GLU B 185 6.93 18.35 -26.38
C GLU B 185 6.54 16.89 -26.15
N GLU B 186 6.29 16.17 -27.23
CA GLU B 186 5.99 14.74 -27.15
C GLU B 186 4.89 14.46 -26.14
N ALA B 187 3.79 15.21 -26.26
CA ALA B 187 2.76 15.20 -25.23
C ALA B 187 2.16 13.81 -25.02
N GLU B 188 2.03 13.02 -26.09
CA GLU B 188 1.45 11.69 -25.93
C GLU B 188 2.35 10.75 -25.13
N GLN B 189 3.62 11.10 -24.95
CA GLN B 189 4.45 10.32 -24.04
C GLN B 189 4.14 10.60 -22.58
N GLY B 190 3.37 11.64 -22.28
CA GLY B 190 3.00 11.91 -20.91
C GLY B 190 4.15 12.30 -20.02
N ARG B 191 5.22 12.85 -20.60
CA ARG B 191 6.37 13.31 -19.78
C ARG B 191 6.01 14.58 -19.01
N HIS B 192 4.85 15.16 -19.27
CA HIS B 192 4.40 16.35 -18.50
C HIS B 192 3.45 15.96 -17.37
N ASN B 193 3.10 14.68 -17.29
CA ASN B 193 2.07 14.24 -16.31
C ASN B 193 2.71 13.76 -15.00
N PHE B 194 2.09 14.09 -13.87
CA PHE B 194 2.60 13.67 -12.56
C PHE B 194 1.86 12.43 -12.08
N ASP B 195 2.61 11.43 -11.62
CA ASP B 195 2.03 10.24 -11.02
C ASP B 195 2.26 10.28 -9.52
N PRO B 196 1.24 10.53 -8.70
CA PRO B 196 1.46 10.66 -7.25
C PRO B 196 1.97 9.39 -6.59
N ALA B 197 1.80 8.23 -7.22
CA ALA B 197 2.31 6.98 -6.67
C ALA B 197 3.80 6.77 -6.92
N ASN B 198 4.42 7.59 -7.79
CA ASN B 198 5.83 7.42 -8.18
C ASN B 198 6.12 6.00 -8.62
N SER B 199 5.22 5.44 -9.45
CA SER B 199 5.39 4.09 -9.93
C SER B 199 6.70 3.95 -10.70
N SER B 200 7.44 2.88 -10.42
CA SER B 200 8.74 2.60 -11.02
C SER B 200 9.75 3.73 -10.78
N ASP B 201 9.52 4.55 -9.75
CA ASP B 201 10.44 5.61 -9.34
C ASP B 201 10.68 6.61 -10.47
N LYS B 202 9.73 6.72 -11.39
CA LYS B 202 9.95 7.48 -12.62
C LYS B 202 9.87 8.98 -12.40
N MET B 203 9.28 9.45 -11.31
CA MET B 203 9.00 10.88 -11.17
C MET B 203 10.23 11.58 -10.61
N LYS B 204 11.25 11.69 -11.46
CA LYS B 204 12.52 12.30 -11.11
C LYS B 204 12.81 13.46 -12.04
N LEU B 205 13.54 14.44 -11.53
CA LEU B 205 13.90 15.59 -12.36
C LEU B 205 15.21 15.34 -13.08
N PRO B 206 15.36 15.80 -14.32
CA PRO B 206 16.64 15.69 -15.01
C PRO B 206 17.69 16.57 -14.35
N LYS B 207 18.94 16.25 -14.63
CA LYS B 207 20.05 17.10 -14.20
C LYS B 207 20.09 18.34 -15.08
N PHE B 208 19.73 19.49 -14.52
CA PHE B 208 19.77 20.75 -15.23
C PHE B 208 21.05 21.49 -14.89
N ASN B 209 21.65 22.11 -15.90
CA ASN B 209 22.83 22.93 -15.74
C ASN B 209 22.85 23.94 -16.88
N PRO B 210 22.10 25.02 -16.77
CA PRO B 210 21.97 25.94 -17.89
C PRO B 210 23.30 26.58 -18.26
N VAL B 211 23.56 26.67 -19.57
CA VAL B 211 24.76 27.29 -20.09
C VAL B 211 24.37 28.29 -21.17
N ALA B 212 25.26 29.23 -21.42
CA ALA B 212 25.15 30.14 -22.55
C ALA B 212 26.15 29.70 -23.60
N LYS B 213 25.66 29.37 -24.79
CA LYS B 213 26.50 28.96 -25.91
C LYS B 213 26.62 30.15 -26.85
N ILE B 214 27.80 30.76 -26.87
CA ILE B 214 28.06 31.94 -27.68
C ILE B 214 28.73 31.51 -28.97
N GLY B 215 28.18 31.92 -30.10
CA GLY B 215 28.73 31.64 -31.41
C GLY B 215 29.25 32.90 -32.07
N ILE B 216 30.47 32.81 -32.62
CA ILE B 216 31.11 33.88 -33.36
C ILE B 216 31.55 33.32 -34.70
N ASN B 217 30.96 33.82 -35.78
CA ASN B 217 31.24 33.32 -37.12
C ASN B 217 31.73 34.47 -37.98
N CYS B 218 32.99 34.41 -38.42
CA CYS B 218 33.57 35.38 -39.34
C CYS B 218 33.60 34.80 -40.74
N LYS B 219 33.19 35.61 -41.72
CA LYS B 219 33.17 35.20 -43.12
C LYS B 219 33.82 36.30 -43.95
N LYS B 220 34.90 35.97 -44.66
CA LYS B 220 35.60 37.01 -45.41
C LYS B 220 34.76 37.54 -46.57
N GLY B 221 33.77 36.78 -47.05
CA GLY B 221 32.97 37.17 -48.18
C GLY B 221 33.53 36.67 -49.50
N GLY B 222 32.65 36.60 -50.49
CA GLY B 222 33.04 36.08 -51.79
C GLY B 222 32.98 34.56 -51.82
N ASP B 223 34.01 33.91 -51.29
CA ASP B 223 33.99 32.48 -51.11
C ASP B 223 33.33 32.17 -49.76
N THR B 224 33.52 30.96 -49.25
CA THR B 224 32.94 30.55 -47.97
C THR B 224 33.96 30.58 -46.83
N ASN B 225 35.17 31.07 -47.08
CA ASN B 225 36.24 30.94 -46.11
C ASN B 225 36.04 31.90 -44.92
N ASN B 226 36.74 31.59 -43.84
CA ASN B 226 36.74 32.42 -42.63
C ASN B 226 37.62 33.65 -42.85
N CYS B 227 38.06 34.27 -41.77
CA CYS B 227 38.88 35.49 -41.83
C CYS B 227 40.31 35.23 -41.39
N ASN B 228 40.80 33.99 -41.51
CA ASN B 228 42.15 33.70 -41.06
C ASN B 228 43.19 34.41 -41.92
N ALA B 229 42.97 34.46 -43.23
CA ALA B 229 43.96 35.00 -44.16
C ALA B 229 43.56 36.34 -44.77
N ASN B 230 42.32 36.77 -44.59
CA ASN B 230 41.85 38.03 -45.13
C ASN B 230 40.86 38.65 -44.15
N ALA B 231 40.85 39.97 -44.11
CA ALA B 231 39.80 40.66 -43.36
C ALA B 231 38.46 40.50 -44.08
N MET B 232 37.39 40.66 -43.32
CA MET B 232 36.05 40.92 -43.86
C MET B 232 36.09 41.84 -45.07
N ALA B 233 35.71 41.32 -46.23
CA ALA B 233 35.75 42.13 -47.44
C ALA B 233 34.63 43.17 -47.42
N GLN B 234 34.93 44.35 -47.96
CA GLN B 234 33.97 45.44 -48.02
C GLN B 234 32.67 44.99 -48.70
N ASN B 235 31.56 45.30 -48.04
CA ASN B 235 30.19 45.02 -48.48
C ASN B 235 29.82 43.54 -48.44
N THR B 236 30.80 42.63 -48.44
CA THR B 236 30.50 41.20 -48.45
C THR B 236 30.92 40.46 -47.20
N GLY B 237 31.99 40.87 -46.54
CA GLY B 237 32.42 40.21 -45.32
C GLY B 237 31.42 40.40 -44.20
N LYS B 238 31.16 39.32 -43.47
CA LYS B 238 30.16 39.31 -42.41
C LYS B 238 30.75 38.72 -41.14
N LEU B 239 30.24 39.20 -40.00
CA LEU B 239 30.59 38.65 -38.70
C LEU B 239 29.32 38.53 -37.89
N GLN B 240 28.98 37.31 -37.49
CA GLN B 240 27.72 37.01 -36.82
C GLN B 240 27.98 36.58 -35.38
N PHE B 241 27.27 37.23 -34.46
N PHE B 241 27.22 37.15 -34.45
CA PHE B 241 27.28 36.89 -33.05
CA PHE B 241 27.35 36.84 -33.04
C PHE B 241 25.91 36.35 -32.68
C PHE B 241 25.99 36.47 -32.48
N ASP B 242 25.88 35.30 -31.86
CA ASP B 242 24.62 34.83 -31.31
C ASP B 242 24.86 34.14 -29.98
N VAL B 243 23.81 34.09 -29.17
CA VAL B 243 23.83 33.44 -27.87
C VAL B 243 22.60 32.57 -27.76
N LYS B 244 22.78 31.32 -27.35
N LYS B 244 22.78 31.33 -27.34
CA LYS B 244 21.68 30.40 -27.09
CA LYS B 244 21.69 30.41 -27.10
C LYS B 244 21.84 29.83 -25.70
C LYS B 244 21.84 29.82 -25.71
N ILE B 245 20.74 29.72 -24.98
CA ILE B 245 20.72 29.13 -23.65
C ILE B 245 20.31 27.67 -23.78
N GLU B 246 21.11 26.78 -23.22
CA GLU B 246 20.83 25.35 -23.25
C GLU B 246 20.55 24.87 -21.83
N ALA B 247 19.57 23.96 -21.70
CA ALA B 247 19.16 23.49 -20.38
C ALA B 247 20.25 22.71 -19.68
N MET B 248 21.09 21.99 -20.42
N MET B 248 21.08 21.98 -20.43
CA MET B 248 22.18 21.23 -19.86
CA MET B 248 22.18 21.21 -19.88
C MET B 248 23.42 21.43 -20.72
C MET B 248 23.42 21.48 -20.72
N GLY B 249 24.58 21.52 -20.07
CA GLY B 249 25.82 21.72 -20.80
C GLY B 249 27.00 21.72 -19.85
N THR B 250 28.17 21.99 -20.42
CA THR B 250 29.41 22.04 -19.63
C THR B 250 30.26 23.23 -20.12
N GLN B 251 30.91 23.91 -19.19
CA GLN B 251 31.73 25.09 -19.54
C GLN B 251 32.90 24.66 -20.43
N GLY B 252 33.13 25.41 -21.50
CA GLY B 252 34.26 25.11 -22.39
C GLY B 252 34.79 26.39 -23.01
N GLY B 253 36.11 26.54 -23.06
CA GLY B 253 36.69 27.70 -23.70
C GLY B 253 36.50 27.66 -25.21
N ASN B 254 36.82 28.80 -25.84
CA ASN B 254 36.62 28.92 -27.27
C ASN B 254 37.42 27.85 -28.02
N ASP B 255 36.90 27.41 -29.16
CA ASP B 255 37.55 26.41 -29.99
C ASP B 255 38.12 27.01 -31.27
N ALA B 256 38.57 28.27 -31.21
CA ALA B 256 39.18 28.89 -32.38
C ALA B 256 40.43 28.15 -32.84
N ALA B 257 41.07 27.37 -31.97
CA ALA B 257 42.25 26.61 -32.37
C ALA B 257 41.95 25.54 -33.41
N SER B 258 40.69 25.12 -33.54
CA SER B 258 40.31 24.12 -34.52
C SER B 258 39.42 24.67 -35.63
N LYS B 259 39.15 25.97 -35.64
CA LYS B 259 38.23 26.53 -36.62
C LYS B 259 38.82 27.75 -37.32
N TRP B 260 39.73 28.45 -36.63
CA TRP B 260 40.35 29.68 -37.15
C TRP B 260 41.84 29.55 -37.31
N GLU B 261 42.40 28.34 -37.23
CA GLU B 261 43.84 28.14 -37.30
C GLU B 261 44.36 28.15 -38.73
N SER B 262 43.48 28.23 -39.73
CA SER B 262 43.87 28.23 -41.12
C SER B 262 42.69 28.73 -41.94
N ALA B 263 42.98 29.18 -43.16
CA ALA B 263 41.94 29.66 -44.06
C ALA B 263 41.15 28.47 -44.60
N LYS B 264 39.93 28.30 -44.10
CA LYS B 264 39.06 27.21 -44.49
C LYS B 264 37.62 27.70 -44.40
N ALA B 265 36.68 26.82 -44.76
CA ALA B 265 35.26 27.17 -44.74
C ALA B 265 34.86 27.66 -43.35
N ALA B 266 34.14 28.79 -43.32
CA ALA B 266 33.80 29.43 -42.06
C ALA B 266 32.92 28.52 -41.21
N GLU B 267 33.33 28.33 -39.97
CA GLU B 267 32.57 27.67 -38.93
C GLU B 267 32.36 28.62 -37.76
N PRO B 268 31.21 28.55 -37.08
CA PRO B 268 31.05 29.35 -35.86
C PRO B 268 32.00 28.86 -34.79
N VAL B 269 32.76 29.79 -34.22
CA VAL B 269 33.55 29.50 -33.03
C VAL B 269 32.61 29.54 -31.84
N TYR B 270 32.66 28.53 -30.98
CA TYR B 270 31.73 28.43 -29.87
C TYR B 270 32.43 28.62 -28.52
N ILE B 271 31.76 29.35 -27.64
CA ILE B 271 32.14 29.47 -26.24
C ILE B 271 30.93 29.05 -25.41
N THR B 272 31.15 28.16 -24.45
CA THR B 272 30.04 27.66 -23.60
C THR B 272 30.34 28.06 -22.15
N ASN B 273 29.48 28.91 -21.58
CA ASN B 273 29.72 29.39 -20.19
C ASN B 273 28.60 28.92 -19.26
N GLU B 274 28.96 28.49 -18.07
CA GLU B 274 27.96 27.97 -17.09
C GLU B 274 27.31 29.15 -16.37
N LEU B 275 25.98 29.17 -16.33
CA LEU B 275 25.22 30.32 -15.76
C LEU B 275 24.96 30.12 -14.27
N ASN B 276 24.82 28.87 -13.81
CA ASN B 276 24.46 28.64 -12.42
C ASN B 276 23.27 29.49 -11.99
N ILE B 277 22.24 29.47 -12.84
CA ILE B 277 20.91 29.97 -12.50
C ILE B 277 19.91 28.81 -12.65
N ILE B 278 18.81 28.90 -11.89
CA ILE B 278 17.65 28.02 -12.03
C ILE B 278 17.90 26.59 -11.58
N ALA B 279 19.12 26.07 -11.79
CA ALA B 279 19.39 24.67 -11.42
C ALA B 279 19.09 24.40 -9.95
N LYS B 280 19.49 25.32 -9.06
CA LYS B 280 19.32 25.08 -7.63
C LYS B 280 17.86 25.08 -7.23
N THR B 281 17.05 25.94 -7.84
CA THR B 281 15.62 25.93 -7.57
C THR B 281 15.00 24.59 -7.97
N LEU B 282 15.42 24.03 -9.09
CA LEU B 282 14.85 22.78 -9.56
C LEU B 282 15.28 21.62 -8.68
N GLU B 283 16.56 21.59 -8.27
CA GLU B 283 17.02 20.57 -7.32
C GLU B 283 16.18 20.61 -6.05
N SER B 284 15.94 21.81 -5.53
N SER B 284 15.94 21.81 -5.53
CA SER B 284 15.14 21.96 -4.32
CA SER B 284 15.14 21.95 -4.31
C SER B 284 13.69 21.53 -4.55
C SER B 284 13.68 21.55 -4.55
N ALA B 285 13.17 21.79 -5.75
CA ALA B 285 11.80 21.36 -6.06
C ALA B 285 11.69 19.85 -6.10
N GLY B 286 12.70 19.17 -6.64
CA GLY B 286 12.67 17.71 -6.67
C GLY B 286 12.70 17.12 -5.28
N VAL B 287 13.53 17.69 -4.40
CA VAL B 287 13.61 17.21 -3.02
C VAL B 287 12.30 17.46 -2.29
N ALA B 288 11.72 18.66 -2.46
CA ALA B 288 10.44 18.94 -1.81
C ALA B 288 9.34 18.04 -2.35
N ASN B 289 9.36 17.75 -3.66
CA ASN B 289 8.34 16.88 -4.22
C ASN B 289 8.47 15.46 -3.69
N GLN B 290 9.70 15.01 -3.41
CA GLN B 290 9.89 13.69 -2.81
C GLN B 290 9.29 13.63 -1.42
N ALA B 291 9.49 14.68 -0.62
CA ALA B 291 8.98 14.69 0.74
C ALA B 291 7.46 14.76 0.76
N LEU B 292 6.87 15.56 -0.14
CA LEU B 292 5.42 15.62 -0.23
C LEU B 292 4.83 14.29 -0.67
N GLN B 293 5.48 13.62 -1.65
CA GLN B 293 5.01 12.32 -2.11
C GLN B 293 4.92 11.34 -0.96
N ASN B 294 5.96 11.27 -0.13
CA ASN B 294 5.99 10.29 0.94
C ASN B 294 4.92 10.56 2.00
N GLU B 295 4.61 11.83 2.25
CA GLU B 295 3.58 12.14 3.25
C GLU B 295 2.18 11.97 2.68
N PHE B 296 1.99 12.30 1.41
CA PHE B 296 0.67 12.32 0.80
C PHE B 296 0.28 11.00 0.12
N LYS B 297 1.17 10.02 0.07
CA LYS B 297 0.84 8.78 -0.62
C LYS B 297 -0.29 8.02 0.07
N GLN B 298 -0.45 8.21 1.38
CA GLN B 298 -1.54 7.56 2.10
C GLN B 298 -2.01 8.46 3.23
N ASN B 299 -3.24 8.20 3.67
CA ASN B 299 -3.81 8.88 4.82
C ASN B 299 -4.99 8.07 5.32
N SER B 300 -5.25 8.16 6.61
CA SER B 300 -6.24 7.32 7.28
C SER B 300 -7.54 8.07 7.59
N CYS B 301 -7.74 9.26 7.03
CA CYS B 301 -8.98 9.99 7.23
C CYS B 301 -10.14 9.26 6.55
N ALA B 302 -11.13 8.85 7.33
CA ALA B 302 -12.27 8.11 6.80
C ALA B 302 -13.30 9.06 6.21
N GLU B 303 -14.04 8.55 5.23
CA GLU B 303 -15.14 9.32 4.64
C GLU B 303 -16.34 9.27 5.56
N PRO B 304 -16.92 10.41 5.92
CA PRO B 304 -18.10 10.37 6.81
C PRO B 304 -19.26 9.63 6.16
N SER B 305 -19.96 8.84 6.97
CA SER B 305 -21.03 8.00 6.45
C SER B 305 -22.10 7.82 7.52
N GLU B 306 -23.31 7.51 7.06
CA GLU B 306 -24.41 7.14 7.94
C GLU B 306 -24.75 5.66 7.83
N GLU B 307 -24.02 4.90 7.01
CA GLU B 307 -24.32 3.49 6.82
C GLU B 307 -23.89 2.68 8.04
N TYR B 308 -24.75 1.72 8.43
CA TYR B 308 -24.42 0.84 9.55
C TYR B 308 -23.10 0.11 9.33
N SER B 309 -22.88 -0.41 8.12
CA SER B 309 -21.68 -1.22 7.87
C SER B 309 -20.40 -0.44 8.16
N ASP B 310 -20.45 0.89 8.06
CA ASP B 310 -19.27 1.69 8.37
C ASP B 310 -19.10 1.94 9.87
N PHE B 311 -20.17 1.84 10.66
CA PHE B 311 -19.99 1.90 12.10
C PHE B 311 -19.61 0.55 12.68
N SER B 312 -20.15 -0.54 12.12
CA SER B 312 -19.79 -1.86 12.63
C SER B 312 -18.31 -2.19 12.41
N ASN B 313 -17.65 -1.47 11.51
CA ASN B 313 -16.22 -1.64 11.32
C ASN B 313 -15.41 -1.15 12.51
N SER B 314 -16.01 -0.33 13.37
CA SER B 314 -15.29 0.36 14.44
C SER B 314 -15.33 -0.44 15.73
N GLY B 315 -14.15 -0.66 16.32
CA GLY B 315 -14.11 -1.23 17.66
C GLY B 315 -14.66 -0.29 18.72
N ASP B 316 -14.51 1.02 18.51
CA ASP B 316 -15.14 1.97 19.41
C ASP B 316 -16.66 1.82 19.43
N PHE B 317 -17.25 1.58 18.25
CA PHE B 317 -18.70 1.46 18.16
C PHE B 317 -19.21 0.24 18.92
N SER B 318 -18.49 -0.87 18.77
CA SER B 318 -18.90 -2.13 19.43
C SER B 318 -18.71 -2.03 20.94
N ARG B 319 -17.55 -1.56 21.40
CA ARG B 319 -17.27 -1.50 22.85
C ARG B 319 -18.32 -0.62 23.55
N GLN B 320 -18.73 0.46 22.89
CA GLN B 320 -19.69 1.40 23.53
C GLN B 320 -21.07 0.77 23.57
N ILE B 321 -21.42 0.01 22.54
CA ILE B 321 -22.74 -0.69 22.51
C ILE B 321 -22.80 -1.60 23.74
N ILE B 322 -21.77 -2.37 23.99
CA ILE B 322 -21.75 -3.27 25.18
C ILE B 322 -21.74 -2.39 26.44
N ARG B 323 -21.05 -1.25 26.41
CA ARG B 323 -20.95 -0.39 27.62
C ARG B 323 -22.29 0.27 27.90
N SER B 324 -23.12 0.46 26.88
CA SER B 324 -24.37 1.24 27.04
C SER B 324 -25.62 0.34 27.04
N TYR B 325 -25.51 -0.92 26.65
CA TYR B 325 -26.73 -1.75 26.53
C TYR B 325 -26.58 -3.05 27.33
N SER B 326 -25.38 -3.34 27.81
CA SER B 326 -25.10 -4.59 28.55
C SER B 326 -25.13 -4.33 30.06
N ASN B 327 -24.84 -5.37 30.84
CA ASN B 327 -24.79 -5.20 32.29
C ASN B 327 -23.44 -4.73 32.79
N ASN B 328 -22.38 -4.91 31.97
CA ASN B 328 -21.04 -4.39 32.34
C ASN B 328 -20.91 -3.00 31.72
N LYS B 329 -21.20 -1.97 32.50
CA LYS B 329 -21.11 -0.58 32.01
C LYS B 329 -19.64 -0.21 31.94
N ASP B 330 -18.78 -1.03 32.55
CA ASP B 330 -17.32 -0.80 32.55
C ASP B 330 -16.64 -1.71 31.52
N ASN B 331 -17.39 -2.11 30.51
CA ASN B 331 -16.83 -3.02 29.47
C ASN B 331 -15.69 -2.35 28.72
N GLU B 332 -14.57 -3.04 28.55
CA GLU B 332 -13.46 -2.51 27.74
C GLU B 332 -13.22 -3.43 26.54
N LYS B 333 -14.14 -4.36 26.29
CA LYS B 333 -13.91 -5.35 25.20
C LYS B 333 -14.65 -4.91 23.94
N GLU B 334 -14.03 -5.14 22.79
CA GLU B 334 -14.64 -4.73 21.53
C GLU B 334 -15.72 -5.71 21.06
N THR B 335 -15.76 -6.91 21.60
CA THR B 335 -16.77 -7.88 21.21
C THR B 335 -17.14 -8.71 22.42
N THR B 336 -18.25 -9.42 22.30
CA THR B 336 -18.72 -10.29 23.37
C THR B 336 -18.20 -11.71 23.15
N ASP B 337 -18.12 -12.46 24.26
CA ASP B 337 -17.55 -13.80 24.22
C ASP B 337 -18.34 -14.69 23.26
N LYS B 338 -19.66 -14.61 23.32
CA LYS B 338 -20.52 -15.22 22.32
C LYS B 338 -20.95 -14.14 21.34
N PRO B 339 -20.59 -14.26 20.05
CA PRO B 339 -20.94 -13.20 19.09
C PRO B 339 -22.43 -12.84 19.10
N SER B 340 -23.29 -13.80 19.37
CA SER B 340 -24.73 -13.55 19.40
C SER B 340 -25.15 -12.62 20.52
N ASP B 341 -24.37 -12.51 21.59
CA ASP B 341 -24.70 -11.57 22.65
C ASP B 341 -24.63 -10.14 22.15
N LEU B 342 -23.57 -9.80 21.41
CA LEU B 342 -23.47 -8.48 20.81
C LEU B 342 -24.57 -8.25 19.77
N GLU B 343 -24.85 -9.27 18.95
CA GLU B 343 -25.89 -9.12 17.94
C GLU B 343 -27.25 -8.86 18.56
N LYS B 344 -27.50 -9.43 19.75
CA LYS B 344 -28.74 -9.14 20.47
C LYS B 344 -28.80 -7.68 20.92
N LEU B 345 -27.69 -7.17 21.45
CA LEU B 345 -27.62 -5.75 21.81
C LEU B 345 -27.88 -4.86 20.59
N ILE B 346 -27.29 -5.23 19.45
CA ILE B 346 -27.51 -4.47 18.21
C ILE B 346 -28.98 -4.53 17.82
N GLU B 347 -29.59 -5.70 17.91
CA GLU B 347 -30.97 -5.88 17.47
C GLU B 347 -31.93 -4.98 18.21
N SER B 348 -31.78 -4.89 19.54
CA SER B 348 -32.71 -4.06 20.32
C SER B 348 -32.49 -2.57 20.09
N ALA B 349 -31.29 -2.18 19.64
CA ALA B 349 -30.98 -0.78 19.40
C ALA B 349 -31.25 -0.36 17.96
N TYR B 350 -30.79 -1.16 16.99
CA TYR B 350 -30.82 -0.76 15.58
C TYR B 350 -31.45 -1.80 14.67
N GLY B 351 -32.14 -2.78 15.23
CA GLY B 351 -32.68 -3.87 14.45
C GLY B 351 -31.64 -4.92 14.13
N LYS B 352 -32.13 -6.09 13.74
CA LYS B 352 -31.26 -7.23 13.47
C LYS B 352 -30.25 -6.90 12.37
N ASN B 353 -28.96 -7.09 12.68
CA ASN B 353 -27.85 -6.75 11.79
C ASN B 353 -27.88 -5.28 11.36
N GLY B 354 -28.39 -4.41 12.23
CA GLY B 354 -28.48 -3.01 11.90
C GLY B 354 -29.44 -2.68 10.78
N ALA B 355 -30.42 -3.55 10.53
CA ALA B 355 -31.35 -3.31 9.44
C ALA B 355 -32.18 -2.05 9.66
N LYS B 356 -32.43 -1.68 10.92
CA LYS B 356 -33.17 -0.48 11.26
C LYS B 356 -32.25 0.64 11.77
N PHE B 357 -31.03 0.72 11.24
CA PHE B 357 -30.09 1.75 11.68
C PHE B 357 -30.59 3.14 11.34
N LYS B 358 -31.00 3.34 10.09
CA LYS B 358 -31.51 4.64 9.68
C LYS B 358 -32.83 4.95 10.38
N GLU B 359 -33.67 3.94 10.59
CA GLU B 359 -34.98 4.18 11.18
C GLU B 359 -34.87 4.55 12.66
N ASN B 360 -33.96 3.91 13.40
CA ASN B 360 -33.86 4.15 14.83
C ASN B 360 -32.98 5.34 15.19
N LEU B 361 -32.13 5.80 14.28
CA LEU B 361 -31.19 6.85 14.61
C LEU B 361 -31.37 8.07 13.72
N TRP B 362 -30.85 7.99 12.50
CA TRP B 362 -30.86 9.18 11.61
C TRP B 362 -32.27 9.73 11.40
N ASP B 363 -33.24 8.88 11.11
CA ASP B 363 -34.60 9.39 10.79
C ASP B 363 -35.15 10.11 12.03
N GLN B 364 -34.73 9.69 13.22
CA GLN B 364 -35.21 10.30 14.48
C GLN B 364 -34.52 11.66 14.70
N ILE B 365 -33.22 11.74 14.46
CA ILE B 365 -32.47 13.02 14.59
C ILE B 365 -33.09 14.02 13.61
N ASP B 366 -33.56 13.54 12.47
CA ASP B 366 -34.09 14.44 11.44
C ASP B 366 -35.43 15.02 11.89
N LYS B 367 -36.03 14.44 12.91
CA LYS B 367 -37.37 14.87 13.36
C LYS B 367 -37.17 15.75 14.59
N LEU B 368 -35.94 15.82 15.09
CA LEU B 368 -35.67 16.72 16.22
C LEU B 368 -35.73 18.16 15.70
N SER B 369 -36.14 19.08 16.55
CA SER B 369 -36.27 20.50 16.12
C SER B 369 -35.63 21.38 17.19
N PRO B 370 -34.29 21.36 17.36
CA PRO B 370 -33.66 22.11 18.42
C PRO B 370 -33.73 23.58 17.99
N THR B 371 -33.61 24.50 18.94
CA THR B 371 -33.84 25.93 18.60
C THR B 371 -32.58 26.77 18.64
N VAL B 372 -32.57 27.84 17.83
CA VAL B 372 -31.46 28.82 17.88
C VAL B 372 -32.09 30.22 17.99
N ASN B 373 -31.32 31.18 18.47
CA ASN B 373 -31.81 32.58 18.54
C ASN B 373 -32.05 33.18 17.15
N LYS B 374 -33.14 33.93 16.99
CA LYS B 374 -33.41 34.66 15.72
C LYS B 374 -33.90 36.05 16.13
N GLY B 375 -33.02 36.84 16.75
CA GLY B 375 -33.43 38.16 17.23
C GLY B 375 -34.33 38.04 18.44
N GLU B 376 -35.58 38.50 18.29
CA GLU B 376 -36.53 38.50 19.40
C GLU B 376 -37.13 37.14 19.68
N THR B 377 -37.14 36.23 18.70
CA THR B 377 -37.69 34.90 18.90
C THR B 377 -36.64 33.84 18.58
N ASN B 378 -37.09 32.61 18.31
CA ASN B 378 -36.20 31.52 18.01
C ASN B 378 -36.45 30.99 16.60
N GLU B 379 -35.60 30.06 16.19
CA GLU B 379 -35.72 29.37 14.91
C GLU B 379 -35.41 27.90 15.14
N LYS B 380 -36.36 27.03 14.80
CA LYS B 380 -36.12 25.59 14.90
C LYS B 380 -35.29 25.12 13.70
N LEU B 381 -34.32 24.26 13.98
CA LEU B 381 -33.43 23.75 12.91
C LEU B 381 -33.96 22.46 12.29
N ASN B 382 -33.73 22.25 10.98
CA ASN B 382 -34.02 20.95 10.35
C ASN B 382 -32.69 20.21 10.40
N LEU B 383 -32.54 19.25 11.31
CA LEU B 383 -31.23 18.59 11.51
C LEU B 383 -30.87 17.71 10.31
N LYS B 384 -31.72 17.64 9.30
CA LYS B 384 -31.35 16.91 8.07
C LYS B 384 -30.66 17.88 7.11
N THR B 385 -31.15 19.12 7.03
CA THR B 385 -30.63 20.10 6.05
C THR B 385 -29.55 21.01 6.65
N GLU B 386 -29.52 21.19 7.97
CA GLU B 386 -28.56 22.13 8.62
C GLU B 386 -27.12 21.69 8.45
N LYS B 387 -26.21 22.64 8.25
CA LYS B 387 -24.78 22.34 8.07
C LYS B 387 -23.90 23.36 8.81
N ASP B 388 -24.47 24.47 9.26
CA ASP B 388 -23.65 25.46 9.94
C ASP B 388 -23.36 24.97 11.36
N ILE B 389 -22.07 24.73 11.66
CA ILE B 389 -21.70 24.25 12.98
C ILE B 389 -21.98 25.28 14.06
N SER B 390 -22.04 26.57 13.71
N SER B 390 -22.04 26.57 13.71
CA SER B 390 -22.39 27.59 14.69
CA SER B 390 -22.40 27.59 14.69
C SER B 390 -23.82 27.41 15.18
C SER B 390 -23.82 27.39 15.19
N LYS B 391 -24.75 27.11 14.27
CA LYS B 391 -26.14 26.89 14.67
C LYS B 391 -26.27 25.63 15.51
N LEU B 392 -25.63 24.54 15.06
CA LEU B 392 -25.71 23.27 15.77
C LEU B 392 -25.06 23.36 17.14
N GLY B 393 -23.91 24.04 17.22
CA GLY B 393 -23.32 24.27 18.53
C GLY B 393 -24.24 25.05 19.44
N GLU B 394 -24.87 26.10 18.92
CA GLU B 394 -25.78 26.91 19.71
C GLU B 394 -27.01 26.11 20.14
N ALA B 395 -27.56 25.31 19.23
CA ALA B 395 -28.71 24.48 19.59
C ALA B 395 -28.36 23.47 20.68
N LEU B 396 -27.17 22.87 20.58
CA LEU B 396 -26.72 21.96 21.63
C LEU B 396 -26.64 22.67 22.97
N ALA B 397 -26.09 23.88 23.00
CA ALA B 397 -25.95 24.55 24.31
C ALA B 397 -27.33 24.94 24.86
N ARG B 398 -28.25 25.34 23.99
CA ARG B 398 -29.58 25.80 24.45
C ARG B 398 -30.39 24.58 24.94
N GLN B 399 -30.26 23.45 24.24
CA GLN B 399 -30.97 22.21 24.67
C GLN B 399 -30.45 21.81 26.05
N LEU B 400 -29.14 21.85 26.24
CA LEU B 400 -28.58 21.50 27.55
C LEU B 400 -29.07 22.52 28.58
N GLY B 401 -29.31 23.75 28.12
CA GLY B 401 -29.77 24.80 29.05
C GLY B 401 -31.24 24.67 29.39
N TYR B 402 -32.03 23.97 28.57
CA TYR B 402 -33.50 23.90 28.76
C TYR B 402 -33.82 22.93 29.91
N ILE B 403 -32.81 22.50 30.66
CA ILE B 403 -33.01 21.56 31.80
C ILE B 403 -32.12 22.03 32.95
N THR C 43 9.34 47.87 11.78
CA THR C 43 10.32 47.80 10.70
C THR C 43 9.96 48.74 9.56
N LYS C 44 10.96 49.41 9.00
CA LYS C 44 10.73 50.29 7.86
C LYS C 44 10.40 49.45 6.63
N ALA C 45 9.29 49.80 5.97
CA ALA C 45 8.88 49.12 4.75
C ALA C 45 8.56 50.17 3.69
N GLU C 46 9.10 49.99 2.50
CA GLU C 46 8.94 50.92 1.40
C GLU C 46 8.71 50.15 0.10
N ALA C 47 8.31 50.87 -0.94
CA ALA C 47 8.06 50.23 -2.23
C ALA C 47 9.33 49.66 -2.80
N CYS C 48 9.26 48.40 -3.25
CA CYS C 48 10.44 47.76 -3.83
C CYS C 48 10.75 48.37 -5.20
N GLN C 49 12.04 48.46 -5.51
CA GLN C 49 12.50 49.09 -6.73
C GLN C 49 13.31 48.17 -7.63
N THR C 50 14.03 47.21 -7.06
CA THR C 50 14.88 46.29 -7.81
C THR C 50 14.30 44.88 -7.77
N PRO C 51 14.68 44.03 -8.72
CA PRO C 51 14.24 42.63 -8.68
C PRO C 51 14.53 41.93 -7.37
N CYS C 52 15.71 42.12 -6.81
CA CYS C 52 16.06 41.47 -5.54
C CYS C 52 15.16 41.96 -4.41
N GLN C 53 14.96 43.28 -4.33
CA GLN C 53 14.04 43.83 -3.33
C GLN C 53 12.64 43.24 -3.47
N CYS C 54 12.13 43.20 -4.70
CA CYS C 54 10.75 42.73 -4.88
C CYS C 54 10.62 41.24 -4.61
N SER C 55 11.69 40.48 -4.83
CA SER C 55 11.63 39.04 -4.55
C SER C 55 11.53 38.80 -3.05
N HIS C 56 12.35 39.48 -2.25
CA HIS C 56 12.24 39.38 -0.81
C HIS C 56 10.88 39.85 -0.31
N GLN C 57 10.35 40.93 -0.92
CA GLN C 57 9.08 41.48 -0.46
C GLN C 57 7.93 40.52 -0.74
N LEU C 58 7.94 39.87 -1.89
CA LEU C 58 6.84 38.92 -2.22
C LEU C 58 6.93 37.68 -1.32
N ARG C 59 8.15 37.27 -0.97
CA ARG C 59 8.35 36.08 -0.10
C ARG C 59 7.93 36.44 1.33
N GLN C 60 8.25 37.65 1.78
CA GLN C 60 7.81 38.11 3.11
C GLN C 60 6.27 38.13 3.15
N ALA C 61 5.64 38.54 2.08
CA ALA C 61 4.17 38.55 2.03
C ALA C 61 3.63 37.13 2.22
N ALA C 62 4.12 36.20 1.41
CA ALA C 62 3.69 34.78 1.49
C ALA C 62 3.88 34.26 2.92
N ALA C 63 5.01 34.56 3.52
CA ALA C 63 5.28 34.12 4.90
C ALA C 63 4.25 34.71 5.86
N HIS C 64 4.01 36.01 5.76
CA HIS C 64 3.03 36.67 6.65
C HIS C 64 1.68 35.97 6.54
N TYR C 65 1.19 35.80 5.33
CA TYR C 65 -0.17 35.24 5.16
C TYR C 65 -0.24 33.84 5.76
N ASN C 66 0.83 33.06 5.58
CA ASN C 66 0.86 31.68 6.10
C ASN C 66 0.85 31.76 7.63
N SER C 67 1.56 32.73 8.20
CA SER C 67 1.63 32.83 9.67
C SER C 67 0.26 33.22 10.26
N VAL C 68 -0.48 34.08 9.58
CA VAL C 68 -1.84 34.46 10.07
C VAL C 68 -2.73 33.21 10.04
N LEU C 69 -2.62 32.42 8.97
CA LEU C 69 -3.45 31.20 8.84
C LEU C 69 -3.08 30.21 9.95
N ARG C 70 -1.79 30.08 10.23
CA ARG C 70 -1.34 29.18 11.32
C ARG C 70 -1.92 29.68 12.64
N GLU C 71 -1.87 30.99 12.88
CA GLU C 71 -2.38 31.52 14.18
C GLU C 71 -3.88 31.25 14.26
N ALA C 72 -4.57 31.38 13.14
CA ALA C 72 -6.03 31.17 13.14
C ALA C 72 -6.30 29.69 13.49
N GLU C 73 -5.53 28.79 12.88
CA GLU C 73 -5.68 27.34 13.14
C GLU C 73 -5.45 27.09 14.64
N ARG C 74 -4.42 27.69 15.21
CA ARG C 74 -4.08 27.47 16.63
C ARG C 74 -5.25 27.95 17.50
N LYS C 75 -5.75 29.15 17.20
CA LYS C 75 -6.87 29.68 18.00
C LYS C 75 -8.06 28.73 17.86
N THR C 76 -8.35 28.29 16.65
CA THR C 76 -9.46 27.36 16.46
C THR C 76 -9.32 26.13 17.33
N ASP C 77 -8.11 25.56 17.36
CA ASP C 77 -7.87 24.35 18.15
C ASP C 77 -8.08 24.61 19.64
N GLY C 78 -7.65 25.79 20.12
CA GLY C 78 -7.82 26.10 21.54
C GLY C 78 -9.27 26.19 21.94
N HIS C 79 -10.13 26.69 21.05
CA HIS C 79 -11.55 26.82 21.38
C HIS C 79 -12.23 25.46 21.46
N ILE C 80 -11.99 24.60 20.47
CA ILE C 80 -12.63 23.28 20.48
C ILE C 80 -12.14 22.46 21.67
N LEU C 81 -10.87 22.63 22.05
CA LEU C 81 -10.35 21.92 23.22
C LEU C 81 -11.06 22.39 24.48
N GLN C 82 -11.39 23.67 24.56
CA GLN C 82 -12.15 24.20 25.69
C GLN C 82 -13.59 23.71 25.66
N ALA C 83 -14.21 23.68 24.47
CA ALA C 83 -15.60 23.24 24.36
C ALA C 83 -15.77 21.78 24.72
N LEU C 84 -14.75 20.98 24.43
CA LEU C 84 -14.81 19.53 24.77
C LEU C 84 -14.75 19.39 26.30
N LYS C 85 -13.80 20.08 26.93
CA LYS C 85 -13.64 19.99 28.40
C LYS C 85 -14.91 20.55 29.06
N LEU C 86 -15.62 21.45 28.39
CA LEU C 86 -16.85 22.05 28.92
C LEU C 86 -18.03 21.11 28.70
N LEU C 87 -18.08 20.45 27.55
CA LEU C 87 -19.23 19.56 27.22
C LEU C 87 -19.24 18.39 28.20
N ILE C 88 -18.06 17.98 28.64
CA ILE C 88 -18.00 16.93 29.67
C ILE C 88 -18.69 17.49 30.92
N ALA C 89 -18.31 18.70 31.33
CA ALA C 89 -18.88 19.29 32.55
C ALA C 89 -20.38 19.37 32.36
N ALA C 90 -20.78 19.77 31.18
CA ALA C 90 -22.21 19.94 30.97
C ALA C 90 -22.96 18.62 31.05
N THR C 91 -22.26 17.49 30.97
CA THR C 91 -22.89 16.17 31.03
C THR C 91 -22.43 15.33 32.21
N GLY C 92 -21.61 15.88 33.11
CA GLY C 92 -21.00 15.11 34.16
C GLY C 92 -21.80 15.06 35.44
N ASN C 93 -21.09 14.80 36.55
CA ASN C 93 -21.70 14.56 37.85
C ASN C 93 -22.32 15.80 38.51
N ASN C 94 -21.51 16.81 38.88
CA ASN C 94 -22.02 18.00 39.58
C ASN C 94 -23.17 18.66 38.84
N GLN C 95 -24.35 18.62 39.45
CA GLN C 95 -25.53 19.25 38.86
C GLN C 95 -25.35 20.75 38.72
N LYS C 96 -24.71 21.38 39.72
CA LYS C 96 -24.45 22.81 39.62
C LYS C 96 -23.51 23.11 38.46
N LEU C 97 -22.49 22.27 38.27
CA LEU C 97 -21.58 22.43 37.13
C LEU C 97 -22.31 22.28 35.81
N GLN C 98 -23.34 21.43 35.76
CA GLN C 98 -24.10 21.26 34.53
C GLN C 98 -24.64 22.60 34.03
N ALA C 99 -25.48 23.25 34.85
CA ALA C 99 -26.03 24.53 34.47
C ALA C 99 -24.95 25.60 34.36
N ALA C 100 -23.85 25.45 35.10
CA ALA C 100 -22.81 26.47 35.08
C ALA C 100 -22.03 26.45 33.77
N ALA C 101 -21.77 25.26 33.24
CA ALA C 101 -20.93 25.13 32.06
C ALA C 101 -21.65 25.51 30.78
N VAL C 102 -22.97 25.61 30.80
CA VAL C 102 -23.75 25.76 29.56
C VAL C 102 -23.43 27.10 28.88
N ALA C 103 -23.61 28.20 29.59
CA ALA C 103 -23.38 29.50 28.98
C ALA C 103 -21.94 29.66 28.47
N PRO C 104 -20.90 29.28 29.23
CA PRO C 104 -19.55 29.33 28.64
C PRO C 104 -19.41 28.44 27.42
N LEU C 105 -20.05 27.26 27.44
CA LEU C 105 -19.97 26.36 26.30
C LEU C 105 -20.64 26.97 25.08
N ALA C 106 -21.73 27.72 25.29
CA ALA C 106 -22.37 28.40 24.17
C ALA C 106 -21.42 29.37 23.48
N THR C 107 -20.59 30.07 24.27
CA THR C 107 -19.64 31.03 23.69
C THR C 107 -18.42 30.32 23.12
N ALA C 108 -17.92 29.29 23.78
CA ALA C 108 -16.80 28.54 23.24
C ALA C 108 -17.16 27.93 21.89
N LEU C 109 -18.33 27.31 21.81
CA LEU C 109 -18.80 26.78 20.53
C LEU C 109 -18.99 27.89 19.51
N LYS C 110 -19.45 29.07 19.95
CA LYS C 110 -19.59 30.18 19.02
C LYS C 110 -18.22 30.69 18.58
N ASN C 111 -17.27 30.80 19.52
CA ASN C 111 -15.91 31.23 19.18
C ASN C 111 -15.26 30.27 18.20
N TRP C 112 -15.36 28.97 18.49
CA TRP C 112 -14.77 27.96 17.63
C TRP C 112 -15.35 27.99 16.23
N ALA C 113 -16.68 28.09 16.13
CA ALA C 113 -17.32 28.08 14.82
C ALA C 113 -16.94 29.32 14.01
N ASN C 114 -16.85 30.47 14.65
CA ASN C 114 -16.44 31.68 13.94
C ASN C 114 -14.98 31.57 13.49
N CYS C 115 -14.11 31.07 14.36
CA CYS C 115 -12.73 30.84 13.99
C CYS C 115 -12.62 29.88 12.80
N LYS C 116 -13.44 28.83 12.80
CA LYS C 116 -13.43 27.89 11.69
C LYS C 116 -13.88 28.57 10.39
N ALA C 117 -14.92 29.39 10.47
CA ALA C 117 -15.36 30.13 9.29
C ALA C 117 -14.28 31.08 8.80
N GLU C 118 -13.53 31.67 9.72
CA GLU C 118 -12.47 32.63 9.33
C GLU C 118 -11.30 31.85 8.71
N THR C 119 -10.92 30.71 9.30
CA THR C 119 -9.82 29.89 8.75
C THR C 119 -10.20 29.47 7.34
N GLY C 120 -11.49 29.24 7.12
CA GLY C 120 -11.95 28.90 5.76
C GLY C 120 -11.75 30.05 4.81
N ARG C 121 -12.21 31.24 5.19
CA ARG C 121 -12.11 32.42 4.32
C ARG C 121 -10.65 32.64 3.96
N LEU C 122 -9.79 32.64 4.98
CA LEU C 122 -8.37 32.93 4.73
C LEU C 122 -7.74 31.77 3.94
N GLY C 123 -8.13 30.54 4.26
CA GLY C 123 -7.56 29.38 3.57
C GLY C 123 -7.92 29.38 2.10
N THR C 124 -9.14 29.77 1.79
CA THR C 124 -9.59 29.83 0.38
C THR C 124 -8.80 30.91 -0.34
N ALA C 125 -8.61 32.05 0.30
CA ALA C 125 -7.84 33.13 -0.31
C ALA C 125 -6.43 32.61 -0.59
N ALA C 126 -5.84 31.96 0.39
CA ALA C 126 -4.45 31.48 0.25
C ALA C 126 -4.34 30.48 -0.88
N ARG C 127 -5.28 29.54 -0.97
CA ARG C 127 -5.18 28.46 -1.98
C ARG C 127 -5.36 29.06 -3.37
N ASN C 128 -6.03 30.20 -3.45
CA ASN C 128 -6.32 30.78 -4.78
C ASN C 128 -5.24 31.78 -5.21
N ASN C 129 -4.28 32.11 -4.35
CA ASN C 129 -3.34 33.20 -4.72
C ASN C 129 -1.89 33.02 -4.23
N ILE C 130 -1.63 32.21 -3.21
CA ILE C 130 -0.25 32.17 -2.66
C ILE C 130 0.75 31.63 -3.70
N ASP C 131 0.30 30.74 -4.56
CA ASP C 131 1.20 30.13 -5.57
C ASP C 131 1.77 31.25 -6.45
N LYS C 132 0.92 32.21 -6.82
CA LYS C 132 1.35 33.36 -7.67
C LYS C 132 2.39 34.20 -6.94
N LEU C 133 2.30 34.31 -5.62
CA LEU C 133 3.35 35.02 -4.85
C LEU C 133 4.66 34.23 -4.93
N ASN C 134 4.60 32.93 -4.68
CA ASN C 134 5.82 32.08 -4.71
C ASN C 134 6.45 32.17 -6.11
N ALA C 135 5.62 32.04 -7.14
CA ALA C 135 6.10 32.14 -8.53
C ALA C 135 6.69 33.53 -8.78
N GLY C 136 6.02 34.54 -8.25
CA GLY C 136 6.54 35.89 -8.41
C GLY C 136 7.87 36.09 -7.71
N ALA C 137 8.01 35.57 -6.49
CA ALA C 137 9.27 35.73 -5.77
C ALA C 137 10.41 35.07 -6.55
N GLU C 138 10.17 33.87 -7.08
CA GLU C 138 11.19 33.18 -7.86
C GLU C 138 11.51 33.91 -9.15
N ALA C 139 10.48 34.35 -9.87
CA ALA C 139 10.70 35.04 -11.14
C ALA C 139 11.48 36.33 -10.94
N ALA C 140 11.16 37.08 -9.87
CA ALA C 140 11.92 38.28 -9.55
C ALA C 140 13.36 37.94 -9.21
N ALA C 141 13.57 36.83 -8.50
CA ALA C 141 14.92 36.40 -8.14
C ALA C 141 15.73 36.01 -9.37
N ILE C 142 15.08 35.36 -10.35
CA ILE C 142 15.77 35.00 -11.58
C ILE C 142 16.10 36.25 -12.40
N LEU C 143 15.18 37.21 -12.45
CA LEU C 143 15.49 38.50 -13.08
C LEU C 143 16.69 39.16 -12.43
N ALA C 144 16.76 39.13 -11.09
CA ALA C 144 17.92 39.67 -10.40
C ALA C 144 19.21 39.00 -10.85
N ASN C 145 19.21 37.67 -10.97
CA ASN C 145 20.38 36.96 -11.51
C ASN C 145 20.73 37.47 -12.89
N LEU C 146 19.72 37.60 -13.77
CA LEU C 146 19.98 37.94 -15.17
C LEU C 146 20.59 39.33 -15.29
N THR C 147 20.16 40.27 -14.45
CA THR C 147 20.66 41.64 -14.54
C THR C 147 22.08 41.77 -13.97
N LYS C 148 22.55 40.77 -13.22
CA LYS C 148 23.91 40.81 -12.69
C LYS C 148 24.90 40.07 -13.59
N LEU C 149 24.43 39.51 -14.69
CA LEU C 149 25.33 38.80 -15.60
C LEU C 149 26.17 39.82 -16.36
N GLY C 150 27.46 39.53 -16.49
CA GLY C 150 28.37 40.44 -17.15
C GLY C 150 29.42 39.73 -17.98
N GLY C 151 30.61 40.30 -18.04
CA GLY C 151 31.64 39.76 -18.91
C GLY C 151 31.39 40.15 -20.36
N LYS C 152 32.24 39.61 -21.22
CA LYS C 152 32.21 40.00 -22.62
C LYS C 152 32.95 38.96 -23.44
N VAL C 153 32.78 39.04 -24.75
CA VAL C 153 33.61 38.33 -25.71
C VAL C 153 34.42 39.39 -26.46
N GLU C 154 35.73 39.21 -26.51
CA GLU C 154 36.62 40.15 -27.19
C GLU C 154 37.39 39.40 -28.27
N LEU C 155 37.46 40.00 -29.44
CA LEU C 155 38.29 39.53 -30.54
C LEU C 155 39.41 40.53 -30.76
N THR C 156 40.63 40.03 -30.91
CA THR C 156 41.79 40.85 -31.23
C THR C 156 42.30 40.41 -32.59
N ALA C 157 42.65 41.38 -33.44
CA ALA C 157 43.18 41.07 -34.75
C ALA C 157 44.50 40.31 -34.64
N LYS C 158 44.64 39.29 -35.47
CA LYS C 158 45.85 38.46 -35.47
C LYS C 158 46.21 38.12 -36.91
N GLY C 159 47.51 38.10 -37.20
CA GLY C 159 48.00 37.78 -38.52
C GLY C 159 47.99 38.94 -39.49
N GLY C 160 47.19 39.97 -39.24
CA GLY C 160 47.07 41.11 -40.13
C GLY C 160 45.87 41.92 -39.71
N ASN C 161 45.77 43.12 -40.29
CA ASN C 161 44.66 44.01 -39.98
C ASN C 161 43.33 43.36 -40.31
N GLY C 162 42.45 43.28 -39.32
CA GLY C 162 41.11 42.75 -39.50
C GLY C 162 41.02 41.24 -39.59
N GLN C 163 42.12 40.53 -39.42
CA GLN C 163 42.12 39.08 -39.55
C GLN C 163 41.92 38.43 -38.18
N LEU C 164 41.34 37.23 -38.19
CA LEU C 164 40.97 36.51 -36.98
C LEU C 164 41.52 35.09 -37.08
N GLN C 165 42.41 34.73 -36.16
CA GLN C 165 43.10 33.45 -36.19
C GLN C 165 42.86 32.69 -34.88
N GLN C 166 43.64 31.63 -34.68
CA GLN C 166 43.39 30.71 -33.57
C GLN C 166 43.54 31.39 -32.22
N ASP C 167 44.30 32.48 -32.14
CA ASP C 167 44.51 33.17 -30.87
C ASP C 167 43.81 34.52 -30.81
N SER C 168 42.76 34.71 -31.60
CA SER C 168 42.11 36.01 -31.66
C SER C 168 41.10 36.24 -30.53
N VAL C 169 40.56 35.17 -29.95
CA VAL C 169 39.55 35.31 -28.90
C VAL C 169 40.30 35.64 -27.60
N THR C 170 40.32 36.91 -27.22
CA THR C 170 41.12 37.37 -26.09
C THR C 170 40.30 37.63 -24.84
N ALA C 171 38.98 37.44 -24.94
CA ALA C 171 38.08 37.50 -23.78
C ALA C 171 36.89 36.59 -24.10
N GLU C 172 36.45 35.80 -23.12
CA GLU C 172 35.36 34.81 -23.37
C GLU C 172 34.56 34.57 -22.08
N ASP C 173 34.44 35.56 -21.22
CA ASP C 173 33.79 35.36 -19.89
C ASP C 173 32.32 35.81 -19.92
N LEU C 174 31.73 35.94 -21.10
CA LEU C 174 30.34 36.47 -21.17
C LEU C 174 29.39 35.56 -20.40
N TRP C 175 28.75 36.06 -19.35
CA TRP C 175 27.69 35.32 -18.62
C TRP C 175 28.24 34.15 -17.81
N ARG C 176 29.54 34.15 -17.55
CA ARG C 176 30.11 33.16 -16.61
C ARG C 176 29.65 33.59 -15.23
N ASN C 177 29.00 32.71 -14.49
CA ASN C 177 28.44 33.15 -13.20
C ASN C 177 28.51 32.04 -12.16
N THR C 178 28.85 32.41 -10.94
CA THR C 178 28.85 31.45 -9.81
C THR C 178 27.60 31.77 -8.97
N ALA C 179 26.85 30.75 -8.60
CA ALA C 179 25.59 30.97 -7.89
C ALA C 179 25.82 31.66 -6.56
N THR C 180 25.07 32.74 -6.34
CA THR C 180 25.15 33.52 -5.09
C THR C 180 23.74 34.03 -4.76
N GLU C 181 23.55 34.47 -3.53
CA GLU C 181 22.25 35.03 -3.11
C GLU C 181 22.24 36.53 -3.43
N CYS C 182 21.13 37.03 -3.96
CA CYS C 182 21.07 38.46 -4.38
C CYS C 182 21.34 39.37 -3.18
N GLN C 183 22.21 40.36 -3.40
CA GLN C 183 22.55 41.31 -2.35
C GLN C 183 21.49 42.41 -2.33
N ILE C 184 20.81 42.55 -1.20
CA ILE C 184 19.74 43.52 -1.07
C ILE C 184 20.33 44.93 -1.16
N GLU C 185 19.83 45.72 -2.12
CA GLU C 185 20.33 47.06 -2.34
C GLU C 185 19.66 48.04 -1.37
N GLU C 186 20.47 48.93 -0.79
CA GLU C 186 19.98 49.99 0.08
C GLU C 186 19.10 49.42 1.20
N ALA C 187 19.60 48.37 1.86
CA ALA C 187 18.79 47.62 2.81
C ALA C 187 18.27 48.49 3.96
N GLU C 188 18.94 49.59 4.28
CA GLU C 188 18.46 50.49 5.32
C GLU C 188 17.16 51.17 4.93
N GLN C 189 16.86 51.28 3.64
CA GLN C 189 15.61 51.88 3.21
C GLN C 189 14.43 50.94 3.35
N GLY C 190 14.67 49.63 3.46
CA GLY C 190 13.58 48.69 3.65
C GLY C 190 12.69 48.51 2.44
N ARG C 191 13.22 48.73 1.24
CA ARG C 191 12.42 48.46 0.04
C ARG C 191 12.20 46.97 -0.19
N HIS C 192 12.80 46.11 0.63
CA HIS C 192 12.61 44.67 0.56
C HIS C 192 11.62 44.15 1.59
N ASN C 193 11.11 45.01 2.46
CA ASN C 193 10.22 44.59 3.55
C ASN C 193 8.76 44.80 3.18
N PHE C 194 7.92 43.83 3.53
CA PHE C 194 6.51 43.86 3.20
C PHE C 194 5.73 44.42 4.38
N ASP C 195 4.83 45.35 4.09
CA ASP C 195 3.94 45.92 5.10
C ASP C 195 2.54 45.37 4.87
N PRO C 196 2.06 44.46 5.72
CA PRO C 196 0.74 43.83 5.47
C PRO C 196 -0.42 44.80 5.48
N ALA C 197 -0.27 45.98 6.06
CA ALA C 197 -1.35 46.98 6.06
C ALA C 197 -1.38 47.83 4.80
N ASN C 198 -0.36 47.73 3.95
CA ASN C 198 -0.26 48.54 2.74
C ASN C 198 -0.42 50.03 3.06
N SER C 199 0.32 50.48 4.06
CA SER C 199 0.28 51.88 4.47
C SER C 199 0.64 52.79 3.30
N SER C 200 -0.17 53.83 3.10
CA SER C 200 -0.02 54.80 2.02
C SER C 200 0.04 54.14 0.64
N ASP C 201 -0.51 52.93 0.51
CA ASP C 201 -0.57 52.21 -0.75
C ASP C 201 0.83 51.95 -1.32
N LYS C 202 1.83 51.79 -0.46
CA LYS C 202 3.21 51.72 -0.93
C LYS C 202 3.57 50.36 -1.51
N MET C 203 2.89 49.30 -1.07
CA MET C 203 3.24 47.94 -1.47
C MET C 203 2.84 47.68 -2.93
N LYS C 204 3.58 48.29 -3.85
CA LYS C 204 3.31 48.22 -5.27
C LYS C 204 4.50 47.58 -5.99
N LEU C 205 4.21 46.89 -7.10
CA LEU C 205 5.36 46.43 -7.88
C LEU C 205 5.72 47.46 -8.94
N PRO C 206 7.01 47.61 -9.25
CA PRO C 206 7.40 48.45 -10.39
C PRO C 206 6.96 47.82 -11.71
N LYS C 207 6.93 48.65 -12.74
CA LYS C 207 6.71 48.15 -14.09
C LYS C 207 7.98 47.46 -14.57
N PHE C 208 7.90 46.16 -14.82
CA PHE C 208 9.00 45.41 -15.38
C PHE C 208 8.75 45.14 -16.85
N ASN C 209 9.82 45.21 -17.63
CA ASN C 209 9.76 44.90 -19.06
C ASN C 209 11.18 44.54 -19.47
N PRO C 210 11.61 43.31 -19.16
CA PRO C 210 13.02 42.97 -19.33
C PRO C 210 13.45 43.09 -20.78
N VAL C 211 14.68 43.54 -20.99
CA VAL C 211 15.26 43.70 -22.31
C VAL C 211 16.66 43.14 -22.31
N ALA C 212 17.12 42.77 -23.49
CA ALA C 212 18.51 42.42 -23.72
C ALA C 212 19.15 43.61 -24.42
N LYS C 213 20.12 44.23 -23.75
CA LYS C 213 20.86 45.36 -24.31
C LYS C 213 22.21 44.82 -24.81
N ILE C 214 22.35 44.76 -26.13
CA ILE C 214 23.52 44.14 -26.77
C ILE C 214 24.48 45.24 -27.21
N GLY C 215 25.74 45.12 -26.80
CA GLY C 215 26.76 46.12 -27.10
C GLY C 215 27.82 45.58 -28.05
N ILE C 216 28.23 46.42 -29.00
CA ILE C 216 29.29 46.10 -29.94
C ILE C 216 30.23 47.30 -30.02
N ASN C 217 31.51 47.07 -29.75
CA ASN C 217 32.50 48.14 -29.67
C ASN C 217 33.69 47.76 -30.51
N CYS C 218 33.96 48.52 -31.56
CA CYS C 218 35.14 48.30 -32.40
C CYS C 218 36.21 49.32 -32.04
N LYS C 219 37.45 48.86 -31.96
CA LYS C 219 38.59 49.73 -31.68
C LYS C 219 39.67 49.43 -32.71
N LYS C 220 40.13 50.47 -33.41
CA LYS C 220 41.13 50.26 -34.45
C LYS C 220 42.50 49.93 -33.87
N GLY C 221 42.76 50.26 -32.61
CA GLY C 221 44.07 50.04 -32.03
C GLY C 221 45.01 51.19 -32.30
N GLY C 222 45.93 51.42 -31.36
CA GLY C 222 46.88 52.51 -31.50
C GLY C 222 46.38 53.75 -30.78
N ASP C 223 45.41 54.43 -31.39
CA ASP C 223 44.69 55.50 -30.73
C ASP C 223 43.42 54.91 -30.10
N THR C 224 42.48 55.77 -29.72
CA THR C 224 41.24 55.32 -29.09
C THR C 224 40.06 55.33 -30.05
N ASN C 225 40.31 55.44 -31.36
CA ASN C 225 39.25 55.63 -32.34
C ASN C 225 38.54 54.31 -32.65
N ASN C 226 37.41 54.44 -33.34
CA ASN C 226 36.62 53.29 -33.77
C ASN C 226 37.19 52.72 -35.07
N CYS C 227 36.40 51.89 -35.77
CA CYS C 227 36.82 51.26 -37.01
C CYS C 227 36.11 51.84 -38.23
N ASN C 228 35.67 53.09 -38.16
CA ASN C 228 34.99 53.67 -39.31
C ASN C 228 35.95 53.83 -40.49
N ALA C 229 37.19 54.21 -40.22
CA ALA C 229 38.16 54.53 -41.26
C ALA C 229 39.34 53.57 -41.30
N ASN C 230 39.46 52.67 -40.33
CA ASN C 230 40.58 51.74 -40.25
C ASN C 230 40.08 50.41 -39.71
N ALA C 231 40.68 49.33 -40.20
CA ALA C 231 40.37 48.02 -39.63
C ALA C 231 41.07 47.84 -38.29
N MET C 232 40.76 46.73 -37.64
CA MET C 232 41.41 46.37 -36.39
C MET C 232 42.89 46.11 -36.67
N ALA C 233 43.77 46.96 -36.16
CA ALA C 233 45.20 46.75 -36.37
C ALA C 233 45.64 45.42 -35.79
N GLN C 234 46.58 44.78 -36.48
CA GLN C 234 47.16 43.52 -35.99
C GLN C 234 47.64 43.67 -34.57
N ASN C 235 47.18 42.76 -33.70
CA ASN C 235 47.59 42.63 -32.30
C ASN C 235 47.03 43.71 -31.38
N THR C 236 46.53 44.82 -31.93
CA THR C 236 46.01 45.89 -31.09
C THR C 236 44.55 46.24 -31.33
N GLY C 237 44.05 46.07 -32.56
CA GLY C 237 42.65 46.30 -32.81
C GLY C 237 41.77 45.27 -32.11
N LYS C 238 40.58 45.71 -31.69
CA LYS C 238 39.74 44.89 -30.84
C LYS C 238 38.28 45.03 -31.27
N LEU C 239 37.53 43.96 -31.06
CA LEU C 239 36.08 43.97 -31.22
C LEU C 239 35.48 43.31 -29.99
N GLN C 240 34.66 44.07 -29.25
CA GLN C 240 34.12 43.62 -27.98
C GLN C 240 32.61 43.49 -28.06
N PHE C 241 32.07 42.41 -27.52
N PHE C 241 32.10 42.35 -27.59
CA PHE C 241 30.64 42.11 -27.63
CA PHE C 241 30.69 42.03 -27.57
C PHE C 241 30.13 41.60 -26.30
C PHE C 241 30.26 41.78 -26.13
N ASP C 242 29.08 42.24 -25.77
CA ASP C 242 28.49 41.85 -24.51
C ASP C 242 26.98 41.92 -24.60
N VAL C 243 26.32 41.34 -23.61
CA VAL C 243 24.87 41.36 -23.48
C VAL C 243 24.55 41.63 -22.02
N LYS C 244 23.71 42.63 -21.76
CA LYS C 244 23.20 42.91 -20.43
C LYS C 244 21.68 42.84 -20.45
N ILE C 245 21.12 42.12 -19.48
CA ILE C 245 19.67 42.12 -19.27
C ILE C 245 19.33 43.28 -18.35
N GLU C 246 18.32 44.05 -18.73
CA GLU C 246 17.84 45.15 -17.91
C GLU C 246 16.39 44.89 -17.55
N ALA C 247 16.03 45.15 -16.29
CA ALA C 247 14.70 44.80 -15.79
C ALA C 247 13.60 45.67 -16.42
N MET C 248 13.95 46.86 -16.89
CA MET C 248 13.02 47.77 -17.57
C MET C 248 13.70 48.34 -18.79
N GLY C 249 12.97 48.40 -19.90
CA GLY C 249 13.56 48.92 -21.13
C GLY C 249 12.51 49.02 -22.22
N THR C 250 12.95 49.63 -23.33
CA THR C 250 12.15 49.79 -24.53
C THR C 250 12.96 49.30 -25.72
N GLN C 251 12.30 48.61 -26.64
CA GLN C 251 13.00 48.10 -27.82
C GLN C 251 13.46 49.23 -28.71
N GLY C 252 14.64 49.06 -29.31
CA GLY C 252 15.18 50.04 -30.22
C GLY C 252 16.26 49.46 -31.11
N GLY C 253 16.30 49.88 -32.37
CA GLY C 253 17.31 49.40 -33.29
C GLY C 253 18.70 49.90 -32.93
N ASN C 254 19.69 49.37 -33.64
CA ASN C 254 21.07 49.78 -33.42
C ASN C 254 21.22 51.28 -33.63
N ASP C 255 22.16 51.87 -32.90
CA ASP C 255 22.43 53.31 -32.98
C ASP C 255 23.78 53.59 -33.63
N ALA C 256 24.17 52.76 -34.61
CA ALA C 256 25.41 53.01 -35.35
C ALA C 256 25.36 54.32 -36.13
N ALA C 257 24.17 54.85 -36.41
CA ALA C 257 24.06 56.10 -37.15
C ALA C 257 24.71 57.26 -36.41
N SER C 258 24.79 57.18 -35.08
CA SER C 258 25.36 58.25 -34.29
C SER C 258 26.70 57.88 -33.64
N LYS C 259 27.23 56.69 -33.90
CA LYS C 259 28.46 56.28 -33.24
C LYS C 259 29.51 55.77 -34.22
N TRP C 260 29.08 55.19 -35.34
CA TRP C 260 29.99 54.68 -36.35
C TRP C 260 29.94 55.49 -37.64
N GLU C 261 29.30 56.66 -37.63
CA GLU C 261 29.14 57.47 -38.83
C GLU C 261 30.42 58.18 -39.25
N SER C 262 31.42 58.20 -38.39
CA SER C 262 32.66 58.92 -38.68
C SER C 262 33.76 58.38 -37.78
N ALA C 263 35.00 58.66 -38.16
CA ALA C 263 36.14 58.24 -37.35
C ALA C 263 36.22 59.11 -36.10
N LYS C 264 35.99 58.50 -34.94
CA LYS C 264 35.93 59.20 -33.68
C LYS C 264 36.18 58.20 -32.55
N ALA C 265 36.21 58.70 -31.31
CA ALA C 265 36.49 57.86 -30.16
C ALA C 265 35.51 56.69 -30.09
N ALA C 266 36.03 55.49 -29.89
CA ALA C 266 35.21 54.28 -29.89
C ALA C 266 34.16 54.34 -28.79
N GLU C 267 32.92 54.04 -29.18
CA GLU C 267 31.79 53.91 -28.26
C GLU C 267 31.00 52.68 -28.69
N PRO C 268 30.51 51.89 -27.73
CA PRO C 268 29.73 50.70 -28.10
C PRO C 268 28.44 51.09 -28.80
N VAL C 269 28.12 50.36 -29.86
CA VAL C 269 26.80 50.41 -30.47
C VAL C 269 25.86 49.52 -29.67
N TYR C 270 24.63 49.99 -29.43
CA TYR C 270 23.68 49.27 -28.60
C TYR C 270 22.45 48.87 -29.40
N ILE C 271 22.00 47.63 -29.17
CA ILE C 271 20.71 47.13 -29.64
C ILE C 271 19.94 46.69 -28.41
N THR C 272 18.70 47.14 -28.28
CA THR C 272 17.84 46.77 -27.16
C THR C 272 16.62 46.02 -27.69
N ASN C 273 16.49 44.76 -27.28
CA ASN C 273 15.41 43.89 -27.72
C ASN C 273 14.56 43.45 -26.53
N GLU C 274 13.24 43.60 -26.67
CA GLU C 274 12.31 43.23 -25.62
C GLU C 274 12.23 41.71 -25.49
N LEU C 275 12.34 41.22 -24.26
CA LEU C 275 12.38 39.78 -24.01
C LEU C 275 11.00 39.20 -23.75
N ASN C 276 10.09 39.97 -23.18
CA ASN C 276 8.75 39.51 -22.81
C ASN C 276 8.82 38.18 -22.05
N ILE C 277 9.71 38.15 -21.05
CA ILE C 277 9.76 37.10 -20.05
C ILE C 277 9.61 37.75 -18.69
N ILE C 278 9.08 36.98 -17.73
CA ILE C 278 9.06 37.32 -16.31
C ILE C 278 8.03 38.40 -15.96
N ALA C 279 7.84 39.38 -16.84
CA ALA C 279 6.98 40.51 -16.51
C ALA C 279 5.56 40.06 -16.15
N LYS C 280 4.99 39.15 -16.94
CA LYS C 280 3.60 38.78 -16.69
C LYS C 280 3.45 37.96 -15.40
N THR C 281 4.47 37.19 -15.04
CA THR C 281 4.43 36.52 -13.74
C THR C 281 4.42 37.54 -12.60
N LEU C 282 5.15 38.63 -12.76
CA LEU C 282 5.18 39.66 -11.72
C LEU C 282 3.88 40.43 -11.69
N GLU C 283 3.32 40.77 -12.85
CA GLU C 283 1.99 41.40 -12.88
C GLU C 283 0.97 40.53 -12.15
N SER C 284 0.96 39.24 -12.44
N SER C 284 0.95 39.23 -12.42
CA SER C 284 0.04 38.32 -11.77
CA SER C 284 0.00 38.35 -11.75
C SER C 284 0.29 38.29 -10.27
C SER C 284 0.28 38.27 -10.25
N ALA C 285 1.56 38.30 -9.86
CA ALA C 285 1.88 38.28 -8.43
C ALA C 285 1.38 39.54 -7.73
N GLY C 286 1.55 40.70 -8.37
CA GLY C 286 1.05 41.93 -7.76
C GLY C 286 -0.45 41.91 -7.56
N VAL C 287 -1.19 41.41 -8.55
CA VAL C 287 -2.64 41.32 -8.44
C VAL C 287 -3.02 40.35 -7.32
N ALA C 288 -2.30 39.23 -7.22
CA ALA C 288 -2.60 38.23 -6.21
C ALA C 288 -2.28 38.74 -4.81
N ASN C 289 -1.18 39.47 -4.68
CA ASN C 289 -0.83 40.04 -3.37
C ASN C 289 -1.90 41.02 -2.90
N GLN C 290 -2.51 41.74 -3.84
CA GLN C 290 -3.56 42.69 -3.46
C GLN C 290 -4.84 41.96 -3.03
N ALA C 291 -5.11 40.84 -3.65
CA ALA C 291 -6.27 40.02 -3.25
C ALA C 291 -6.03 39.46 -1.85
N LEU C 292 -4.82 39.01 -1.59
CA LEU C 292 -4.50 38.40 -0.28
C LEU C 292 -4.51 39.46 0.82
N GLN C 293 -3.90 40.62 0.54
CA GLN C 293 -3.86 41.70 1.55
C GLN C 293 -5.29 42.03 1.97
N ASN C 294 -6.19 42.12 1.01
CA ASN C 294 -7.54 42.56 1.32
C ASN C 294 -8.23 41.55 2.24
N GLU C 295 -8.00 40.27 2.04
CA GLU C 295 -8.63 39.23 2.88
C GLU C 295 -7.89 39.11 4.23
N PHE C 296 -6.57 39.19 4.23
CA PHE C 296 -5.78 38.93 5.46
C PHE C 296 -5.58 40.16 6.36
N LYS C 297 -6.02 41.34 5.93
CA LYS C 297 -5.75 42.56 6.73
C LYS C 297 -6.54 42.52 8.04
N GLN C 298 -7.47 41.58 8.15
CA GLN C 298 -8.35 41.56 9.31
C GLN C 298 -8.96 40.16 9.43
N ASN C 299 -9.20 39.74 10.67
CA ASN C 299 -10.00 38.55 10.92
C ASN C 299 -10.58 38.65 12.33
N SER C 300 -11.66 37.90 12.55
CA SER C 300 -12.42 37.98 13.79
C SER C 300 -12.20 36.77 14.70
N CYS C 301 -11.24 35.90 14.39
CA CYS C 301 -10.96 34.75 15.24
C CYS C 301 -10.42 35.23 16.59
N ALA C 302 -11.13 34.87 17.66
CA ALA C 302 -10.78 35.32 19.01
C ALA C 302 -9.73 34.41 19.63
N GLU C 303 -8.92 34.99 20.52
CA GLU C 303 -7.95 34.18 21.25
C GLU C 303 -8.65 33.43 22.38
N PRO C 304 -8.49 32.10 22.46
CA PRO C 304 -9.14 31.36 23.53
C PRO C 304 -8.70 31.87 24.89
N SER C 305 -9.65 31.98 25.81
CA SER C 305 -9.39 32.50 27.14
C SER C 305 -10.33 31.83 28.13
N GLU C 306 -9.92 31.86 29.39
CA GLU C 306 -10.80 31.34 30.48
C GLU C 306 -11.21 32.51 31.39
N GLU C 307 -11.09 33.74 30.90
CA GLU C 307 -11.39 34.94 31.74
C GLU C 307 -12.85 35.34 31.62
N TYR C 308 -13.48 35.71 32.73
CA TYR C 308 -14.91 36.10 32.71
C TYR C 308 -15.08 37.28 31.77
N SER C 309 -14.11 38.19 31.78
CA SER C 309 -14.15 39.39 30.90
C SER C 309 -14.42 38.94 29.47
N ASP C 310 -13.69 37.92 29.03
CA ASP C 310 -13.82 37.44 27.63
C ASP C 310 -15.20 36.80 27.41
N PHE C 311 -15.84 36.29 28.46
CA PHE C 311 -17.21 35.75 28.30
C PHE C 311 -18.25 36.87 28.47
N SER C 312 -18.00 37.83 29.36
CA SER C 312 -18.92 38.98 29.53
C SER C 312 -19.25 39.64 28.18
N ASN C 313 -18.28 39.72 27.27
CA ASN C 313 -18.49 40.43 25.99
C ASN C 313 -19.47 39.70 25.08
N SER C 314 -19.88 38.49 25.46
CA SER C 314 -20.74 37.71 24.53
C SER C 314 -22.22 37.88 24.84
N GLY C 315 -23.03 38.10 23.81
CA GLY C 315 -24.49 38.15 23.97
C GLY C 315 -25.03 36.73 24.00
N ASP C 316 -24.29 35.78 23.42
CA ASP C 316 -24.68 34.36 23.51
C ASP C 316 -24.60 33.95 24.98
N PHE C 317 -23.49 34.28 25.64
CA PHE C 317 -23.29 33.94 27.06
C PHE C 317 -24.44 34.51 27.88
N SER C 318 -24.75 35.78 27.67
CA SER C 318 -25.78 36.45 28.50
C SER C 318 -27.17 35.90 28.17
N ARG C 319 -27.49 35.72 26.89
CA ARG C 319 -28.82 35.18 26.50
C ARG C 319 -28.99 33.82 27.16
N GLN C 320 -27.93 33.01 27.16
CA GLN C 320 -28.00 31.65 27.75
C GLN C 320 -28.25 31.76 29.25
N ILE C 321 -27.65 32.73 29.93
CA ILE C 321 -27.80 32.77 31.42
C ILE C 321 -29.28 33.03 31.75
N ILE C 322 -29.87 34.02 31.09
CA ILE C 322 -31.33 34.27 31.29
C ILE C 322 -32.07 32.98 30.91
N ARG C 323 -31.63 32.30 29.86
CA ARG C 323 -32.29 31.05 29.42
C ARG C 323 -32.09 29.93 30.45
N SER C 324 -30.99 29.95 31.20
CA SER C 324 -30.68 28.83 32.10
C SER C 324 -31.05 29.10 33.56
N TYR C 325 -31.06 30.37 34.00
CA TYR C 325 -31.26 30.64 35.44
C TYR C 325 -32.56 31.43 35.71
N SER C 326 -33.11 32.07 34.70
CA SER C 326 -34.40 32.76 34.87
C SER C 326 -35.54 31.76 34.69
N ASN C 327 -36.76 32.27 34.78
CA ASN C 327 -37.95 31.41 34.56
C ASN C 327 -38.34 31.52 33.09
N ASN C 328 -37.77 32.52 32.40
CA ASN C 328 -38.04 32.64 30.95
C ASN C 328 -37.05 31.72 30.24
N LYS C 329 -37.30 30.41 30.31
CA LYS C 329 -36.40 29.42 29.68
C LYS C 329 -36.30 29.74 28.19
N ASP C 330 -37.35 30.33 27.63
CA ASP C 330 -37.38 30.65 26.18
C ASP C 330 -36.92 32.09 25.96
N ASN C 331 -35.94 32.55 26.73
CA ASN C 331 -35.43 33.94 26.59
C ASN C 331 -34.67 34.09 25.26
N GLU C 332 -34.85 35.24 24.60
CA GLU C 332 -34.12 35.50 23.33
C GLU C 332 -33.42 36.86 23.45
N LYS C 333 -33.36 37.40 24.66
CA LYS C 333 -32.77 38.75 24.88
C LYS C 333 -31.37 38.58 25.45
N GLU C 334 -30.45 39.43 25.00
CA GLU C 334 -29.04 39.36 25.48
C GLU C 334 -28.94 40.00 26.87
N THR C 335 -29.96 40.75 27.26
CA THR C 335 -29.98 41.36 28.62
C THR C 335 -31.40 41.49 29.16
N THR C 336 -31.52 41.60 30.48
CA THR C 336 -32.83 41.86 31.05
C THR C 336 -33.18 43.33 30.90
N ASP C 337 -34.48 43.61 30.90
CA ASP C 337 -34.93 45.01 30.86
C ASP C 337 -34.38 45.77 32.07
N LYS C 338 -34.60 45.25 33.27
CA LYS C 338 -33.90 45.73 34.45
C LYS C 338 -32.54 45.03 34.51
N PRO C 339 -31.45 45.74 34.25
CA PRO C 339 -30.14 45.07 34.18
C PRO C 339 -29.74 44.40 35.48
N SER C 340 -30.29 44.83 36.62
CA SER C 340 -30.03 44.14 37.88
C SER C 340 -30.51 42.70 37.84
N ASP C 341 -31.58 42.42 37.09
CA ASP C 341 -32.10 41.05 37.01
C ASP C 341 -31.07 40.11 36.40
N LEU C 342 -30.39 40.54 35.33
CA LEU C 342 -29.38 39.66 34.74
C LEU C 342 -28.18 39.54 35.66
N GLU C 343 -27.75 40.66 36.27
CA GLU C 343 -26.63 40.64 37.20
C GLU C 343 -26.89 39.70 38.37
N LYS C 344 -28.16 39.51 38.73
CA LYS C 344 -28.49 38.64 39.84
C LYS C 344 -28.21 37.18 39.52
N LEU C 345 -28.49 36.77 38.27
CA LEU C 345 -28.20 35.38 37.89
C LEU C 345 -26.71 35.11 37.86
N ILE C 346 -25.94 36.03 37.30
CA ILE C 346 -24.46 35.86 37.29
C ILE C 346 -24.01 35.68 38.74
N GLU C 347 -24.62 36.46 39.63
CA GLU C 347 -24.26 36.39 41.07
C GLU C 347 -24.47 34.95 41.54
N SER C 348 -25.64 34.39 41.26
CA SER C 348 -25.97 33.00 41.70
C SER C 348 -25.05 32.00 41.02
N ALA C 349 -24.79 32.16 39.73
CA ALA C 349 -24.01 31.14 38.98
C ALA C 349 -22.50 31.31 39.18
N TYR C 350 -21.96 32.48 38.84
CA TYR C 350 -20.48 32.65 38.88
C TYR C 350 -20.07 33.79 39.82
N GLY C 351 -20.97 34.24 40.68
CA GLY C 351 -20.56 35.26 41.67
C GLY C 351 -20.77 36.67 41.18
N LYS C 352 -20.79 37.63 42.11
CA LYS C 352 -21.04 39.05 41.73
C LYS C 352 -20.04 39.48 40.66
N ASN C 353 -20.54 40.00 39.55
CA ASN C 353 -19.66 40.51 38.48
C ASN C 353 -18.68 39.42 38.03
N GLY C 354 -19.07 38.14 38.12
CA GLY C 354 -18.21 37.04 37.64
C GLY C 354 -16.98 36.82 38.49
N ALA C 355 -17.00 37.32 39.71
CA ALA C 355 -15.82 37.22 40.60
C ALA C 355 -15.50 35.77 40.95
N LYS C 356 -16.48 34.86 40.83
CA LYS C 356 -16.29 33.44 41.21
C LYS C 356 -16.28 32.55 39.97
N PHE C 357 -15.89 33.08 38.80
CA PHE C 357 -15.93 32.30 37.57
C PHE C 357 -14.99 31.11 37.63
N LYS C 358 -13.75 31.33 38.06
CA LYS C 358 -12.77 30.24 38.08
C LYS C 358 -13.21 29.10 39.00
N GLU C 359 -13.52 29.41 40.26
CA GLU C 359 -13.86 28.37 41.23
C GLU C 359 -15.13 27.63 40.84
N ASN C 360 -16.18 28.37 40.48
CA ASN C 360 -17.45 27.74 40.14
C ASN C 360 -17.37 26.93 38.85
N LEU C 361 -16.45 27.29 37.94
CA LEU C 361 -16.39 26.61 36.65
C LEU C 361 -15.09 25.84 36.46
N TRP C 362 -14.02 26.54 36.07
CA TRP C 362 -12.79 25.86 35.66
C TRP C 362 -12.26 24.94 36.76
N ASP C 363 -12.16 25.46 37.99
CA ASP C 363 -11.62 24.65 39.09
C ASP C 363 -12.41 23.36 39.29
N GLN C 364 -13.72 23.44 39.15
CA GLN C 364 -14.57 22.23 39.29
C GLN C 364 -14.28 21.29 38.11
N ILE C 365 -14.14 21.85 36.91
CA ILE C 365 -13.91 21.04 35.68
C ILE C 365 -12.58 20.30 35.81
N ASP C 366 -11.66 20.82 36.62
CA ASP C 366 -10.33 20.18 36.69
C ASP C 366 -10.38 18.99 37.63
N LYS C 367 -11.49 18.83 38.33
CA LYS C 367 -11.64 17.73 39.30
C LYS C 367 -12.36 16.57 38.58
N LEU C 368 -13.20 16.90 37.61
CA LEU C 368 -13.87 15.85 36.80
C LEU C 368 -12.82 14.82 36.38
N SER C 369 -13.08 13.53 36.64
CA SER C 369 -12.10 12.45 36.33
C SER C 369 -12.70 11.47 35.32
N PRO C 370 -12.72 11.77 33.99
CA PRO C 370 -13.36 10.90 33.02
C PRO C 370 -12.39 9.83 32.51
N THR C 371 -12.93 8.80 31.86
CA THR C 371 -12.06 7.65 31.48
C THR C 371 -12.03 7.40 29.99
N VAL C 372 -10.95 6.79 29.53
CA VAL C 372 -10.85 6.34 28.13
C VAL C 372 -10.41 4.87 28.18
N ASN C 373 -10.65 4.12 27.12
CA ASN C 373 -10.21 2.70 27.06
C ASN C 373 -8.70 2.61 27.04
N LYS C 374 -8.12 1.64 27.76
CA LYS C 374 -6.67 1.36 27.69
C LYS C 374 -6.54 -0.16 27.56
N GLY C 375 -6.78 -0.69 26.37
CA GLY C 375 -6.74 -2.13 26.16
C GLY C 375 -7.87 -2.86 26.86
N GLU C 376 -7.54 -3.66 27.86
CA GLU C 376 -8.53 -4.36 28.66
C GLU C 376 -8.92 -3.61 29.92
N THR C 377 -8.22 -2.50 30.16
CA THR C 377 -8.55 -1.63 31.33
C THR C 377 -8.84 -0.20 30.85
N ASN C 378 -8.76 0.78 31.74
CA ASN C 378 -9.10 2.18 31.40
C ASN C 378 -7.93 3.10 31.73
N GLU C 379 -8.02 4.35 31.28
CA GLU C 379 -7.00 5.36 31.61
C GLU C 379 -7.75 6.59 32.13
N LYS C 380 -7.38 7.07 33.31
CA LYS C 380 -8.06 8.23 33.90
C LYS C 380 -7.52 9.50 33.25
N LEU C 381 -8.39 10.44 32.97
CA LEU C 381 -7.92 11.65 32.25
C LEU C 381 -7.75 12.84 33.21
N ASN C 382 -6.58 13.48 33.19
CA ASN C 382 -6.37 14.73 33.96
C ASN C 382 -6.84 15.86 33.04
N LEU C 383 -8.01 16.42 33.29
CA LEU C 383 -8.59 17.44 32.38
C LEU C 383 -7.89 18.78 32.57
N LYS C 384 -6.57 18.82 32.36
CA LYS C 384 -5.78 20.06 32.54
C LYS C 384 -4.53 19.98 31.66
N THR C 385 -3.79 18.89 31.78
CA THR C 385 -2.60 18.71 30.90
C THR C 385 -3.03 17.97 29.63
N GLU C 386 -4.23 17.39 29.62
CA GLU C 386 -4.64 16.55 28.46
C GLU C 386 -5.15 17.45 27.35
N LYS C 387 -4.54 17.35 26.18
CA LYS C 387 -4.95 18.17 25.03
C LYS C 387 -5.14 17.27 23.80
N ASP C 388 -5.33 15.97 24.02
CA ASP C 388 -5.60 15.04 22.90
C ASP C 388 -7.11 14.99 22.68
N ILE C 389 -7.58 15.66 21.65
CA ILE C 389 -9.03 15.70 21.42
C ILE C 389 -9.60 14.31 21.18
N SER C 390 -8.78 13.36 20.74
CA SER C 390 -9.26 11.99 20.60
C SER C 390 -9.62 11.39 21.94
N LYS C 391 -8.77 11.58 22.95
CA LYS C 391 -9.05 11.06 24.30
C LYS C 391 -10.22 11.84 24.92
N LEU C 392 -10.22 13.17 24.76
CA LEU C 392 -11.29 14.01 25.35
C LEU C 392 -12.65 13.61 24.77
N GLY C 393 -12.73 13.36 23.47
CA GLY C 393 -14.02 13.01 22.84
C GLY C 393 -14.47 11.62 23.27
N GLU C 394 -13.51 10.72 23.44
CA GLU C 394 -13.86 9.34 23.88
C GLU C 394 -14.51 9.44 25.25
N ALA C 395 -13.87 10.16 26.16
CA ALA C 395 -14.40 10.32 27.53
C ALA C 395 -15.80 10.92 27.51
N LEU C 396 -16.04 11.92 26.67
CA LEU C 396 -17.41 12.48 26.58
C LEU C 396 -18.41 11.37 26.26
N ALA C 397 -18.16 10.60 25.21
CA ALA C 397 -19.15 9.58 24.79
C ALA C 397 -19.29 8.50 25.86
N ARG C 398 -18.18 8.10 26.46
CA ARG C 398 -18.21 7.06 27.53
C ARG C 398 -19.08 7.58 28.67
N GLN C 399 -18.90 8.84 29.04
CA GLN C 399 -19.68 9.44 30.14
C GLN C 399 -21.16 9.41 29.77
N LEU C 400 -21.48 9.76 28.53
CA LEU C 400 -22.90 9.82 28.13
C LEU C 400 -23.48 8.41 28.05
N GLY C 401 -22.61 7.40 27.98
CA GLY C 401 -23.08 6.01 27.91
C GLY C 401 -23.16 5.36 29.27
N TYR C 402 -22.43 5.88 30.27
CA TYR C 402 -22.42 5.34 31.65
C TYR C 402 -23.69 5.77 32.37
N ILE C 403 -24.69 6.23 31.61
CA ILE C 403 -25.97 6.72 32.20
C ILE C 403 -25.67 7.97 33.02
N THR D 43 11.03 -48.35 9.02
CA THR D 43 10.97 -49.44 10.02
C THR D 43 9.69 -50.23 9.75
N LYS D 44 8.77 -50.28 10.72
CA LYS D 44 7.48 -50.94 10.45
C LYS D 44 6.45 -49.90 10.03
N ALA D 45 5.75 -50.16 8.93
CA ALA D 45 4.66 -49.27 8.52
C ALA D 45 3.49 -50.20 8.27
N GLU D 46 2.43 -50.07 9.06
N GLU D 46 2.43 -50.08 9.06
CA GLU D 46 1.29 -51.01 8.93
CA GLU D 46 1.28 -51.01 8.94
C GLU D 46 -0.02 -50.25 8.77
C GLU D 46 -0.02 -50.25 8.77
N ALA D 47 -1.05 -50.91 8.25
CA ALA D 47 -2.37 -50.27 8.05
C ALA D 47 -2.90 -49.70 9.37
N CYS D 48 -3.40 -48.47 9.32
CA CYS D 48 -3.91 -47.82 10.52
C CYS D 48 -5.25 -48.41 10.92
N GLN D 49 -5.46 -48.53 12.22
CA GLN D 49 -6.69 -49.11 12.76
C GLN D 49 -7.51 -48.12 13.57
N THR D 50 -6.87 -47.30 14.39
CA THR D 50 -7.55 -46.36 15.27
C THR D 50 -7.54 -44.97 14.67
N PRO D 51 -8.48 -44.11 15.09
CA PRO D 51 -8.46 -42.72 14.63
C PRO D 51 -7.13 -42.03 14.86
N CYS D 52 -6.51 -42.22 16.03
CA CYS D 52 -5.21 -41.63 16.29
C CYS D 52 -4.16 -42.15 15.31
N GLN D 53 -4.19 -43.44 15.00
CA GLN D 53 -3.22 -44.00 14.06
C GLN D 53 -3.41 -43.43 12.66
N CYS D 54 -4.66 -43.38 12.18
CA CYS D 54 -4.90 -42.91 10.83
C CYS D 54 -4.62 -41.41 10.70
N SER D 55 -4.74 -40.67 11.80
CA SER D 55 -4.45 -39.21 11.80
C SER D 55 -2.97 -38.99 11.53
N HIS D 56 -2.13 -39.64 12.32
CA HIS D 56 -0.67 -39.49 12.17
C HIS D 56 -0.25 -39.98 10.78
N GLN D 57 -0.87 -41.06 10.32
CA GLN D 57 -0.47 -41.64 9.02
C GLN D 57 -0.80 -40.65 7.91
N LEU D 58 -1.97 -40.05 8.00
CA LEU D 58 -2.38 -39.12 6.91
C LEU D 58 -1.51 -37.86 6.97
N ARG D 59 -1.09 -37.44 8.17
CA ARG D 59 -0.18 -36.28 8.30
C ARG D 59 1.19 -36.66 7.72
N GLN D 60 1.63 -37.88 7.98
CA GLN D 60 2.97 -38.32 7.49
C GLN D 60 2.93 -38.34 5.96
N ALA D 61 1.82 -38.79 5.40
CA ALA D 61 1.70 -38.84 3.94
C ALA D 61 1.86 -37.42 3.39
N ALA D 62 1.08 -36.49 3.92
CA ALA D 62 1.15 -35.11 3.44
C ALA D 62 2.56 -34.56 3.59
N ALA D 63 3.23 -34.85 4.71
CA ALA D 63 4.59 -34.39 4.90
C ALA D 63 5.54 -35.02 3.88
N HIS D 64 5.32 -36.29 3.55
CA HIS D 64 6.18 -36.96 2.58
C HIS D 64 6.07 -36.29 1.21
N TYR D 65 4.84 -36.08 0.73
CA TYR D 65 4.66 -35.49 -0.59
C TYR D 65 5.26 -34.09 -0.65
N ASN D 66 5.13 -33.32 0.43
CA ASN D 66 5.73 -31.98 0.46
C ASN D 66 7.25 -32.05 0.41
N SER D 67 7.84 -33.07 1.03
CA SER D 67 9.30 -33.20 0.99
C SER D 67 9.79 -33.54 -0.40
N VAL D 68 9.08 -34.43 -1.11
CA VAL D 68 9.43 -34.76 -2.48
C VAL D 68 9.33 -33.52 -3.36
N LEU D 69 8.27 -32.72 -3.16
CA LEU D 69 8.09 -31.50 -3.95
C LEU D 69 9.22 -30.51 -3.68
N ARG D 70 9.56 -30.30 -2.40
CA ARG D 70 10.70 -29.44 -2.08
C ARG D 70 11.96 -29.94 -2.75
N GLU D 71 12.07 -31.27 -2.85
CA GLU D 71 13.26 -31.89 -3.40
C GLU D 71 13.37 -31.60 -4.89
N ALA D 72 12.27 -31.75 -5.62
CA ALA D 72 12.27 -31.45 -7.04
C ALA D 72 12.55 -29.98 -7.30
N GLU D 73 12.02 -29.09 -6.45
CA GLU D 73 12.29 -27.66 -6.64
C GLU D 73 13.76 -27.33 -6.41
N ARG D 74 14.40 -27.97 -5.42
CA ARG D 74 15.81 -27.71 -5.17
C ARG D 74 16.67 -28.18 -6.33
N LYS D 75 16.37 -29.36 -6.87
CA LYS D 75 17.12 -29.85 -8.01
C LYS D 75 16.93 -28.95 -9.23
N THR D 76 15.69 -28.47 -9.45
CA THR D 76 15.43 -27.52 -10.52
C THR D 76 16.33 -26.29 -10.41
N ASP D 77 16.41 -25.72 -9.20
CA ASP D 77 17.23 -24.53 -8.99
C ASP D 77 18.71 -24.85 -9.22
N GLY D 78 19.15 -26.04 -8.85
CA GLY D 78 20.55 -26.40 -9.07
C GLY D 78 20.93 -26.46 -10.53
N HIS D 79 20.00 -26.91 -11.38
CA HIS D 79 20.28 -27.01 -12.81
C HIS D 79 20.33 -25.61 -13.45
N ILE D 80 19.34 -24.77 -13.16
CA ILE D 80 19.32 -23.45 -13.78
C ILE D 80 20.52 -22.62 -13.31
N LEU D 81 20.94 -22.82 -12.07
CA LEU D 81 22.16 -22.17 -11.59
C LEU D 81 23.35 -22.61 -12.44
N GLN D 82 23.46 -23.91 -12.70
CA GLN D 82 24.53 -24.42 -13.55
C GLN D 82 24.42 -23.88 -14.96
N ALA D 83 23.21 -23.85 -15.53
CA ALA D 83 23.04 -23.43 -16.92
C ALA D 83 23.43 -21.97 -17.10
N LEU D 84 23.12 -21.12 -16.13
CA LEU D 84 23.48 -19.72 -16.24
C LEU D 84 24.99 -19.54 -16.24
N LYS D 85 25.70 -20.26 -15.37
CA LYS D 85 27.15 -20.17 -15.37
C LYS D 85 27.73 -20.69 -16.67
N LEU D 86 27.17 -21.77 -17.20
CA LEU D 86 27.62 -22.30 -18.48
C LEU D 86 27.33 -21.34 -19.63
N LEU D 87 26.22 -20.60 -19.54
CA LEU D 87 25.89 -19.62 -20.57
C LEU D 87 26.88 -18.47 -20.58
N ILE D 88 27.33 -18.04 -19.39
CA ILE D 88 28.36 -17.02 -19.31
C ILE D 88 29.67 -17.54 -19.91
N ALA D 89 29.97 -18.82 -19.68
CA ALA D 89 31.13 -19.43 -20.31
C ALA D 89 30.94 -19.55 -21.81
N ALA D 90 29.75 -19.94 -22.26
CA ALA D 90 29.50 -20.15 -23.67
C ALA D 90 29.41 -18.86 -24.47
N THR D 91 29.33 -17.71 -23.80
CA THR D 91 29.32 -16.42 -24.49
C THR D 91 30.52 -15.57 -24.13
N GLY D 92 31.50 -16.16 -23.47
CA GLY D 92 32.73 -15.44 -23.14
C GLY D 92 33.68 -15.35 -24.31
N ASN D 93 34.84 -14.74 -24.10
CA ASN D 93 35.80 -14.51 -25.22
C ASN D 93 36.88 -15.59 -25.21
N ASN D 94 36.90 -16.44 -24.17
CA ASN D 94 37.84 -17.59 -24.16
C ASN D 94 37.26 -18.60 -25.15
N GLN D 95 37.87 -18.69 -26.32
CA GLN D 95 37.29 -19.55 -27.36
C GLN D 95 37.38 -21.03 -26.99
N LYS D 96 38.42 -21.44 -26.28
CA LYS D 96 38.51 -22.83 -25.85
C LYS D 96 37.44 -23.17 -24.82
N LEU D 97 37.23 -22.28 -23.85
CA LEU D 97 36.17 -22.50 -22.88
C LEU D 97 34.79 -22.37 -23.52
N GLN D 98 34.65 -21.46 -24.48
CA GLN D 98 33.37 -21.26 -25.14
C GLN D 98 32.86 -22.57 -25.74
N ALA D 99 33.73 -23.26 -26.49
CA ALA D 99 33.32 -24.53 -27.11
C ALA D 99 33.09 -25.60 -26.05
N ALA D 100 33.92 -25.62 -24.99
CA ALA D 100 33.81 -26.67 -23.98
C ALA D 100 32.56 -26.55 -23.14
N ALA D 101 31.94 -25.37 -23.10
CA ALA D 101 30.77 -25.15 -22.25
C ALA D 101 29.48 -25.59 -22.91
N VAL D 102 29.47 -25.79 -24.23
CA VAL D 102 28.21 -25.90 -24.96
C VAL D 102 27.54 -27.25 -24.73
N ALA D 103 28.29 -28.36 -24.87
CA ALA D 103 27.68 -29.66 -24.60
C ALA D 103 27.18 -29.79 -23.17
N PRO D 104 27.97 -29.43 -22.13
CA PRO D 104 27.38 -29.43 -20.78
C PRO D 104 26.20 -28.49 -20.64
N LEU D 105 26.18 -27.38 -21.37
CA LEU D 105 25.02 -26.46 -21.30
C LEU D 105 23.76 -27.15 -21.82
N ALA D 106 23.89 -27.88 -22.93
CA ALA D 106 22.74 -28.60 -23.52
C ALA D 106 22.15 -29.58 -22.49
N THR D 107 23.01 -30.23 -21.73
CA THR D 107 22.55 -31.23 -20.73
C THR D 107 21.90 -30.51 -19.54
N ALA D 108 22.53 -29.45 -19.06
CA ALA D 108 21.98 -28.70 -17.91
C ALA D 108 20.60 -28.14 -18.27
N LEU D 109 20.44 -27.68 -19.50
CA LEU D 109 19.15 -27.06 -19.92
C LEU D 109 18.07 -28.15 -20.03
N LYS D 110 18.44 -29.31 -20.56
CA LYS D 110 17.48 -30.42 -20.67
C LYS D 110 17.06 -30.86 -19.26
N ASN D 111 18.04 -31.05 -18.39
CA ASN D 111 17.78 -31.47 -16.99
C ASN D 111 16.87 -30.43 -16.33
N TRP D 112 17.20 -29.16 -16.50
CA TRP D 112 16.40 -28.06 -15.89
C TRP D 112 14.97 -28.17 -16.37
N ALA D 113 14.78 -28.17 -17.67
CA ALA D 113 13.42 -28.20 -18.23
C ALA D 113 12.65 -29.43 -17.73
N ASN D 114 13.31 -30.59 -17.70
CA ASN D 114 12.63 -31.83 -17.26
C ASN D 114 12.23 -31.68 -15.79
N CYS D 115 13.15 -31.25 -14.96
CA CYS D 115 12.84 -31.01 -13.53
C CYS D 115 11.66 -30.03 -13.44
N LYS D 116 11.71 -28.94 -14.20
CA LYS D 116 10.64 -27.96 -14.15
C LYS D 116 9.29 -28.60 -14.48
N ALA D 117 9.26 -29.42 -15.53
CA ALA D 117 8.03 -30.11 -15.91
C ALA D 117 7.59 -31.07 -14.81
N GLU D 118 8.54 -31.72 -14.13
CA GLU D 118 8.19 -32.66 -13.08
C GLU D 118 7.70 -31.93 -11.83
N THR D 119 8.31 -30.79 -11.49
CA THR D 119 7.79 -29.99 -10.39
C THR D 119 6.38 -29.52 -10.70
N GLY D 120 6.12 -29.13 -11.95
CA GLY D 120 4.78 -28.76 -12.33
C GLY D 120 3.78 -29.90 -12.17
N ARG D 121 4.18 -31.10 -12.59
CA ARG D 121 3.30 -32.26 -12.46
C ARG D 121 3.05 -32.60 -10.99
N LEU D 122 4.12 -32.70 -10.20
CA LEU D 122 3.97 -33.00 -8.78
C LEU D 122 3.25 -31.87 -8.05
N GLY D 123 3.60 -30.62 -8.37
CA GLY D 123 2.93 -29.50 -7.75
C GLY D 123 1.45 -29.44 -8.08
N THR D 124 1.07 -29.89 -9.28
CA THR D 124 -0.33 -29.92 -9.65
C THR D 124 -1.09 -30.97 -8.86
N ALA D 125 -0.50 -32.17 -8.70
CA ALA D 125 -1.14 -33.18 -7.87
C ALA D 125 -1.27 -32.72 -6.43
N ALA D 126 -0.26 -32.02 -5.91
CA ALA D 126 -0.27 -31.63 -4.51
C ALA D 126 -1.35 -30.57 -4.24
N ARG D 127 -1.47 -29.58 -5.12
N ARG D 127 -1.47 -29.58 -5.13
CA ARG D 127 -2.43 -28.51 -4.87
CA ARG D 127 -2.43 -28.51 -4.90
C ARG D 127 -3.88 -28.95 -5.09
C ARG D 127 -3.87 -28.96 -5.07
N ASN D 128 -4.10 -30.10 -5.72
CA ASN D 128 -5.45 -30.62 -5.92
C ASN D 128 -5.83 -31.70 -4.91
N ASN D 129 -4.92 -32.14 -4.04
CA ASN D 129 -5.20 -33.25 -3.15
C ASN D 129 -4.69 -33.09 -1.73
N ILE D 130 -3.61 -32.35 -1.49
CA ILE D 130 -3.04 -32.34 -0.14
C ILE D 130 -4.00 -31.71 0.87
N ASP D 131 -4.86 -30.79 0.42
CA ASP D 131 -5.87 -30.20 1.32
C ASP D 131 -6.71 -31.30 1.96
N LYS D 132 -7.21 -32.23 1.14
CA LYS D 132 -8.04 -33.35 1.63
C LYS D 132 -7.28 -34.19 2.65
N LEU D 133 -5.96 -34.28 2.54
CA LEU D 133 -5.13 -34.99 3.54
C LEU D 133 -5.10 -34.20 4.84
N ASN D 134 -4.83 -32.89 4.76
CA ASN D 134 -4.79 -32.08 5.97
C ASN D 134 -6.12 -32.15 6.73
N ALA D 135 -7.24 -32.08 6.00
CA ALA D 135 -8.55 -32.18 6.64
C ALA D 135 -8.80 -33.58 7.18
N GLY D 136 -8.31 -34.60 6.45
CA GLY D 136 -8.46 -35.96 6.93
C GLY D 136 -7.72 -36.20 8.24
N ALA D 137 -6.49 -35.71 8.34
CA ALA D 137 -5.74 -35.87 9.59
C ALA D 137 -6.46 -35.18 10.74
N GLU D 138 -6.97 -33.97 10.50
CA GLU D 138 -7.69 -33.25 11.54
C GLU D 138 -8.98 -33.95 11.92
N ALA D 139 -9.77 -34.37 10.92
CA ALA D 139 -11.04 -35.03 11.21
C ALA D 139 -10.83 -36.34 11.95
N ALA D 140 -9.79 -37.10 11.56
CA ALA D 140 -9.47 -38.32 12.29
C ALA D 140 -9.05 -38.02 13.72
N ALA D 141 -8.31 -36.93 13.91
CA ALA D 141 -7.86 -36.56 15.25
C ALA D 141 -9.04 -36.16 16.13
N ILE D 142 -10.01 -35.42 15.58
CA ILE D 142 -11.19 -35.06 16.36
C ILE D 142 -12.02 -36.29 16.70
N LEU D 143 -12.11 -37.25 15.78
CA LEU D 143 -12.79 -38.51 16.08
C LEU D 143 -12.13 -39.22 17.26
N ALA D 144 -10.79 -39.25 17.29
CA ALA D 144 -10.08 -39.81 18.43
C ALA D 144 -10.43 -39.07 19.72
N ASN D 145 -10.54 -37.74 19.67
CA ASN D 145 -11.01 -36.98 20.83
C ASN D 145 -12.37 -37.48 21.29
N LEU D 146 -13.28 -37.69 20.35
CA LEU D 146 -14.66 -38.02 20.68
C LEU D 146 -14.76 -39.42 21.29
N THR D 147 -13.93 -40.36 20.85
CA THR D 147 -13.99 -41.71 21.39
C THR D 147 -13.39 -41.80 22.78
N LYS D 148 -12.60 -40.82 23.20
CA LYS D 148 -11.99 -40.84 24.52
C LYS D 148 -12.86 -40.15 25.58
N LEU D 149 -13.89 -39.41 25.16
CA LEU D 149 -14.80 -38.77 26.09
C LEU D 149 -15.52 -39.83 26.94
N GLY D 150 -15.65 -39.55 28.23
CA GLY D 150 -16.30 -40.46 29.15
C GLY D 150 -17.15 -39.76 30.20
N GLY D 151 -17.24 -40.34 31.39
CA GLY D 151 -18.08 -39.78 32.43
C GLY D 151 -19.53 -40.16 32.26
N LYS D 152 -20.36 -39.65 33.17
CA LYS D 152 -21.78 -39.97 33.13
C LYS D 152 -22.57 -38.89 33.88
N VAL D 153 -23.89 -39.04 33.82
CA VAL D 153 -24.82 -38.29 34.65
C VAL D 153 -25.57 -39.32 35.50
N GLU D 154 -25.64 -39.08 36.81
CA GLU D 154 -26.30 -40.01 37.71
C GLU D 154 -27.31 -39.26 38.56
N LEU D 155 -28.50 -39.83 38.69
CA LEU D 155 -29.58 -39.29 39.49
C LEU D 155 -29.87 -40.26 40.63
N THR D 156 -29.90 -39.75 41.85
CA THR D 156 -30.29 -40.55 43.02
C THR D 156 -31.63 -40.06 43.54
N ALA D 157 -32.49 -41.01 43.91
CA ALA D 157 -33.82 -40.67 44.42
C ALA D 157 -33.70 -39.91 45.73
N LYS D 158 -34.49 -38.85 45.86
CA LYS D 158 -34.49 -38.03 47.06
C LYS D 158 -35.93 -37.69 47.44
N GLY D 159 -36.21 -37.66 48.75
CA GLY D 159 -37.52 -37.29 49.24
C GLY D 159 -38.57 -38.37 49.20
N GLY D 160 -38.36 -39.42 48.41
CA GLY D 160 -39.30 -40.51 48.30
C GLY D 160 -38.86 -41.42 47.19
N ASN D 161 -39.51 -42.58 47.09
CA ASN D 161 -39.20 -43.51 46.02
C ASN D 161 -39.50 -42.87 44.68
N GLY D 162 -38.51 -42.88 43.79
CA GLY D 162 -38.72 -42.35 42.45
C GLY D 162 -38.79 -40.83 42.35
N GLN D 163 -38.49 -40.11 43.42
CA GLN D 163 -38.59 -38.66 43.41
C GLN D 163 -37.22 -38.02 43.19
N LEU D 164 -37.23 -36.81 42.63
CA LEU D 164 -36.00 -36.12 42.25
C LEU D 164 -36.02 -34.71 42.84
N GLN D 165 -35.06 -34.41 43.71
CA GLN D 165 -35.03 -33.13 44.39
C GLN D 165 -33.70 -32.39 44.15
N GLN D 166 -33.41 -31.39 44.98
CA GLN D 166 -32.30 -30.48 44.68
C GLN D 166 -30.94 -31.15 44.80
N ASP D 167 -30.82 -32.25 45.54
CA ASP D 167 -29.55 -32.95 45.67
C ASP D 167 -29.58 -34.31 44.99
N SER D 168 -30.41 -34.45 43.95
CA SER D 168 -30.52 -35.72 43.25
C SER D 168 -29.44 -35.95 42.21
N VAL D 169 -28.72 -34.90 41.77
CA VAL D 169 -27.66 -35.07 40.77
C VAL D 169 -26.39 -35.47 41.51
N THR D 170 -26.04 -36.75 41.47
CA THR D 170 -24.90 -37.28 42.22
C THR D 170 -23.67 -37.53 41.34
N ALA D 171 -23.79 -37.35 40.03
CA ALA D 171 -22.65 -37.40 39.13
C ALA D 171 -22.99 -36.55 37.90
N GLU D 172 -21.99 -35.86 37.37
CA GLU D 172 -22.22 -34.91 36.29
C GLU D 172 -20.96 -34.62 35.50
N ASP D 173 -20.04 -35.59 35.41
CA ASP D 173 -18.78 -35.39 34.70
C ASP D 173 -18.83 -35.85 33.25
N LEU D 174 -20.02 -36.06 32.70
CA LEU D 174 -20.15 -36.53 31.32
C LEU D 174 -19.43 -35.59 30.36
N TRP D 175 -18.32 -36.08 29.81
CA TRP D 175 -17.55 -35.43 28.75
C TRP D 175 -16.75 -34.23 29.23
N ARG D 176 -16.52 -34.10 30.53
CA ARG D 176 -15.46 -33.21 31.00
C ARG D 176 -14.14 -33.73 30.49
N ASN D 177 -13.41 -32.90 29.75
CA ASN D 177 -12.20 -33.34 29.10
C ASN D 177 -11.15 -32.24 29.17
N THR D 178 -9.90 -32.66 29.29
CA THR D 178 -8.75 -31.78 29.21
C THR D 178 -8.02 -32.05 27.89
N ALA D 179 -7.64 -30.99 27.19
CA ALA D 179 -6.97 -31.13 25.90
C ALA D 179 -5.63 -31.83 26.06
N THR D 180 -5.52 -32.99 25.41
CA THR D 180 -4.27 -33.77 25.43
C THR D 180 -4.00 -34.24 23.99
N GLU D 181 -2.77 -34.64 23.72
CA GLU D 181 -2.48 -35.20 22.38
C GLU D 181 -2.77 -36.69 22.44
N CYS D 182 -3.29 -37.23 21.35
CA CYS D 182 -3.66 -38.67 21.32
C CYS D 182 -2.42 -39.53 21.45
N GLN D 183 -2.46 -40.49 22.37
CA GLN D 183 -1.32 -41.41 22.57
C GLN D 183 -1.48 -42.52 21.54
N ILE D 184 -0.46 -42.71 20.71
CA ILE D 184 -0.57 -43.68 19.60
C ILE D 184 -0.73 -45.07 20.19
N GLU D 185 -1.66 -45.84 19.65
CA GLU D 185 -1.87 -47.20 20.17
C GLU D 185 -0.88 -48.15 19.50
N GLU D 186 -0.24 -49.01 20.30
CA GLU D 186 0.66 -50.05 19.72
C GLU D 186 1.69 -49.36 18.83
N ALA D 187 2.42 -48.39 19.38
CA ALA D 187 3.38 -47.60 18.59
C ALA D 187 4.50 -48.50 18.05
N GLU D 188 4.94 -49.49 18.83
CA GLU D 188 5.96 -50.46 18.33
C GLU D 188 5.50 -51.06 17.00
N GLN D 189 4.19 -51.23 16.80
CA GLN D 189 3.70 -51.87 15.56
C GLN D 189 3.70 -50.88 14.40
N GLY D 190 3.98 -49.60 14.66
CA GLY D 190 4.09 -48.61 13.57
C GLY D 190 2.86 -48.57 12.67
N ARG D 191 1.67 -48.68 13.26
CA ARG D 191 0.41 -48.56 12.49
C ARG D 191 0.16 -47.07 12.22
N HIS D 192 0.98 -46.22 12.83
CA HIS D 192 0.86 -44.76 12.65
C HIS D 192 1.80 -44.29 11.54
N ASN D 193 2.71 -45.17 11.10
CA ASN D 193 3.75 -44.78 10.11
C ASN D 193 3.21 -45.00 8.68
N PHE D 194 3.57 -44.11 7.73
CA PHE D 194 3.09 -44.20 6.34
C PHE D 194 4.17 -44.76 5.40
N ASP D 195 3.75 -45.53 4.40
CA ASP D 195 4.67 -46.10 3.43
C ASP D 195 4.35 -45.56 2.05
N PRO D 196 5.20 -44.68 1.48
CA PRO D 196 4.89 -44.08 0.17
C PRO D 196 4.78 -45.06 -0.98
N ALA D 197 5.34 -46.27 -0.85
CA ALA D 197 5.28 -47.25 -1.90
C ALA D 197 4.00 -48.08 -1.86
N ASN D 198 3.20 -47.97 -0.80
CA ASN D 198 1.99 -48.77 -0.62
C ASN D 198 2.31 -50.26 -0.76
N SER D 199 3.36 -50.68 -0.06
CA SER D 199 3.79 -52.08 -0.12
C SER D 199 2.71 -52.98 0.44
N SER D 200 2.47 -54.11 -0.23
CA SER D 200 1.40 -55.04 0.11
C SER D 200 0.03 -54.37 0.15
N ASP D 201 -0.09 -53.21 -0.52
CA ASP D 201 -1.36 -52.48 -0.63
C ASP D 201 -1.93 -52.11 0.74
N LYS D 202 -1.07 -51.98 1.74
CA LYS D 202 -1.54 -51.92 3.12
C LYS D 202 -2.06 -50.53 3.54
N MET D 203 -1.71 -49.47 2.82
CA MET D 203 -2.09 -48.14 3.29
C MET D 203 -3.52 -47.84 2.84
N LYS D 204 -4.46 -48.44 3.57
CA LYS D 204 -5.89 -48.28 3.32
C LYS D 204 -6.54 -47.68 4.57
N LEU D 205 -7.64 -46.96 4.36
CA LEU D 205 -8.34 -46.45 5.54
C LEU D 205 -9.47 -47.38 5.96
N PRO D 206 -9.69 -47.55 7.25
CA PRO D 206 -10.87 -48.29 7.72
C PRO D 206 -12.15 -47.59 7.29
N LYS D 207 -13.22 -48.38 7.22
CA LYS D 207 -14.55 -47.86 6.90
C LYS D 207 -15.15 -47.32 8.20
N PHE D 208 -14.79 -46.09 8.53
CA PHE D 208 -15.33 -45.47 9.73
C PHE D 208 -16.81 -45.16 9.56
N ASN D 209 -17.55 -45.25 10.66
CA ASN D 209 -18.96 -44.89 10.68
C ASN D 209 -19.33 -44.50 12.11
N PRO D 210 -19.00 -43.26 12.52
CA PRO D 210 -19.16 -42.90 13.93
C PRO D 210 -20.60 -42.99 14.42
N VAL D 211 -20.76 -43.52 15.63
CA VAL D 211 -22.06 -43.66 16.24
C VAL D 211 -21.99 -43.12 17.66
N ALA D 212 -23.16 -42.72 18.16
CA ALA D 212 -23.33 -42.39 19.57
C ALA D 212 -23.98 -43.59 20.26
N LYS D 213 -23.28 -44.17 21.23
CA LYS D 213 -23.80 -45.28 22.02
C LYS D 213 -24.30 -44.73 23.34
N ILE D 214 -25.61 -44.67 23.51
CA ILE D 214 -26.23 -44.08 24.69
C ILE D 214 -26.62 -45.21 25.63
N GLY D 215 -26.25 -45.09 26.89
CA GLY D 215 -26.57 -46.09 27.91
C GLY D 215 -27.46 -45.49 28.98
N ILE D 216 -28.45 -46.27 29.41
CA ILE D 216 -29.34 -45.89 30.52
C ILE D 216 -29.38 -47.08 31.48
N ASN D 217 -29.00 -46.83 32.73
CA ASN D 217 -28.94 -47.88 33.74
C ASN D 217 -29.77 -47.45 34.94
N CYS D 218 -30.87 -48.17 35.19
CA CYS D 218 -31.71 -47.91 36.35
C CYS D 218 -31.45 -48.98 37.40
N LYS D 219 -31.20 -48.55 38.63
CA LYS D 219 -30.94 -49.45 39.74
C LYS D 219 -31.91 -49.12 40.86
N LYS D 220 -32.72 -50.10 41.25
CA LYS D 220 -33.75 -49.83 42.25
C LYS D 220 -33.15 -49.55 43.64
N GLY D 221 -31.91 -49.96 43.88
CA GLY D 221 -31.29 -49.76 45.18
C GLY D 221 -31.52 -50.94 46.11
N GLY D 222 -30.60 -51.09 47.07
CA GLY D 222 -30.64 -52.22 47.98
C GLY D 222 -30.01 -53.45 47.37
N ASP D 223 -30.75 -54.11 46.49
CA ASP D 223 -30.22 -55.21 45.70
C ASP D 223 -29.69 -54.68 44.38
N THR D 224 -29.24 -55.59 43.51
CA THR D 224 -28.69 -55.22 42.22
C THR D 224 -29.72 -55.18 41.11
N ASN D 225 -31.01 -55.25 41.45
CA ASN D 225 -32.05 -55.37 40.44
C ASN D 225 -32.27 -54.04 39.72
N ASN D 226 -32.91 -54.13 38.56
CA ASN D 226 -33.32 -52.97 37.79
C ASN D 226 -34.57 -52.37 38.43
N CYS D 227 -35.24 -51.46 37.72
CA CYS D 227 -36.45 -50.81 38.22
C CYS D 227 -37.71 -51.38 37.58
N ASN D 228 -37.67 -52.63 37.11
CA ASN D 228 -38.83 -53.18 36.43
C ASN D 228 -40.01 -53.33 37.38
N ALA D 229 -39.75 -53.69 38.63
CA ALA D 229 -40.82 -53.95 39.60
C ALA D 229 -40.86 -52.96 40.75
N ASN D 230 -39.88 -52.07 40.86
CA ASN D 230 -39.80 -51.13 41.96
C ASN D 230 -39.26 -49.80 41.44
N ALA D 231 -39.74 -48.72 42.02
CA ALA D 231 -39.18 -47.41 41.74
C ALA D 231 -37.77 -47.32 42.35
N MET D 232 -37.03 -46.30 41.92
CA MET D 232 -35.74 -45.99 42.53
C MET D 232 -35.93 -45.72 44.02
N ALA D 233 -35.31 -46.54 44.87
CA ALA D 233 -35.50 -46.37 46.30
C ALA D 233 -34.92 -45.04 46.78
N GLN D 234 -35.60 -44.44 47.74
CA GLN D 234 -35.13 -43.19 48.33
C GLN D 234 -33.70 -43.35 48.86
N ASN D 235 -32.81 -42.46 48.42
CA ASN D 235 -31.41 -42.37 48.83
C ASN D 235 -30.52 -43.48 48.28
N THR D 236 -31.08 -44.57 47.74
CA THR D 236 -30.24 -45.62 47.16
C THR D 236 -30.50 -45.87 45.69
N GLY D 237 -31.72 -45.65 45.20
CA GLY D 237 -31.99 -45.87 43.78
C GLY D 237 -31.21 -44.89 42.92
N LYS D 238 -30.73 -45.39 41.78
CA LYS D 238 -29.90 -44.60 40.90
C LYS D 238 -30.35 -44.77 39.45
N LEU D 239 -30.19 -43.71 38.68
CA LEU D 239 -30.40 -43.73 37.23
C LEU D 239 -29.20 -43.05 36.58
N GLN D 240 -28.51 -43.77 35.71
CA GLN D 240 -27.26 -43.30 35.14
C GLN D 240 -27.38 -43.20 33.62
N PHE D 241 -26.98 -42.07 33.07
CA PHE D 241 -26.90 -41.84 31.63
C PHE D 241 -25.45 -41.63 31.24
N ASP D 242 -25.04 -42.25 30.13
CA ASP D 242 -23.76 -41.91 29.52
C ASP D 242 -23.90 -41.93 28.00
N VAL D 243 -22.94 -41.31 27.34
CA VAL D 243 -22.84 -41.34 25.89
C VAL D 243 -21.39 -41.59 25.54
N LYS D 244 -21.14 -42.63 24.73
CA LYS D 244 -19.82 -42.88 24.17
C LYS D 244 -19.90 -42.79 22.66
N ILE D 245 -18.92 -42.12 22.06
CA ILE D 245 -18.76 -42.11 20.61
C ILE D 245 -17.85 -43.27 20.23
N GLU D 246 -18.27 -44.05 19.24
CA GLU D 246 -17.47 -45.14 18.72
C GLU D 246 -17.16 -44.88 17.25
N ALA D 247 -15.95 -45.24 16.83
CA ALA D 247 -15.50 -44.90 15.47
C ALA D 247 -16.24 -45.70 14.42
N MET D 248 -16.75 -46.88 14.77
N MET D 248 -16.76 -46.88 14.78
CA MET D 248 -17.51 -47.72 13.86
CA MET D 248 -17.51 -47.73 13.86
C MET D 248 -18.70 -48.31 14.62
C MET D 248 -18.69 -48.33 14.62
N GLY D 249 -19.82 -48.45 13.92
CA GLY D 249 -21.01 -49.00 14.55
C GLY D 249 -22.17 -49.02 13.59
N THR D 250 -23.30 -49.51 14.11
CA THR D 250 -24.54 -49.64 13.36
C THR D 250 -25.70 -49.08 14.17
N GLN D 251 -26.61 -48.37 13.51
CA GLN D 251 -27.79 -47.87 14.18
C GLN D 251 -28.64 -49.03 14.71
N GLY D 252 -29.19 -48.83 15.90
CA GLY D 252 -30.04 -49.84 16.49
C GLY D 252 -30.88 -49.29 17.63
N GLY D 253 -32.16 -49.63 17.65
CA GLY D 253 -33.04 -49.15 18.70
C GLY D 253 -32.67 -49.72 20.06
N ASN D 254 -33.33 -49.17 21.08
CA ASN D 254 -33.07 -49.59 22.45
C ASN D 254 -33.31 -51.08 22.62
N ASP D 255 -32.53 -51.70 23.50
CA ASP D 255 -32.65 -53.12 23.79
C ASP D 255 -33.29 -53.39 25.15
N ALA D 256 -34.22 -52.52 25.56
CA ALA D 256 -34.93 -52.72 26.82
C ALA D 256 -35.74 -54.02 26.84
N ALA D 257 -36.07 -54.56 25.66
CA ALA D 257 -36.80 -55.83 25.61
C ALA D 257 -36.02 -56.99 26.20
N SER D 258 -34.69 -56.87 26.30
CA SER D 258 -33.88 -57.93 26.86
C SER D 258 -33.23 -57.55 28.19
N LYS D 259 -33.56 -56.38 28.74
CA LYS D 259 -32.90 -55.92 29.96
C LYS D 259 -33.90 -55.42 31.00
N TRP D 260 -35.02 -54.85 30.54
CA TRP D 260 -36.03 -54.32 31.45
C TRP D 260 -37.35 -55.07 31.37
N GLU D 261 -37.37 -56.25 30.75
CA GLU D 261 -38.61 -57.02 30.60
C GLU D 261 -39.01 -57.78 31.86
N SER D 262 -38.13 -57.84 32.86
CA SER D 262 -38.44 -58.51 34.10
C SER D 262 -37.50 -57.95 35.17
N ALA D 263 -37.86 -58.19 36.42
CA ALA D 263 -37.02 -57.76 37.54
C ALA D 263 -35.80 -58.66 37.63
N LYS D 264 -34.63 -58.11 37.33
CA LYS D 264 -33.39 -58.88 37.40
C LYS D 264 -32.23 -57.90 37.52
N ALA D 265 -31.02 -58.46 37.62
CA ALA D 265 -29.81 -57.65 37.80
C ALA D 265 -29.73 -56.52 36.78
N ALA D 266 -29.41 -55.33 37.27
CA ALA D 266 -29.42 -54.13 36.43
C ALA D 266 -28.33 -54.19 35.38
N GLU D 267 -28.70 -53.86 34.14
CA GLU D 267 -27.81 -53.77 33.00
C GLU D 267 -28.18 -52.52 32.21
N PRO D 268 -27.20 -51.79 31.69
CA PRO D 268 -27.53 -50.58 30.93
C PRO D 268 -28.27 -50.93 29.65
N VAL D 269 -29.32 -50.16 29.37
CA VAL D 269 -30.01 -50.24 28.09
C VAL D 269 -29.26 -49.36 27.10
N TYR D 270 -28.96 -49.87 25.92
CA TYR D 270 -28.15 -49.17 24.94
C TYR D 270 -28.96 -48.75 23.74
N ILE D 271 -28.70 -47.53 23.28
CA ILE D 271 -29.21 -46.99 22.02
C ILE D 271 -28.01 -46.54 21.20
N THR D 272 -27.97 -46.96 19.94
CA THR D 272 -26.88 -46.61 19.03
C THR D 272 -27.46 -45.83 17.86
N ASN D 273 -27.03 -44.59 17.70
CA ASN D 273 -27.52 -43.70 16.65
C ASN D 273 -26.37 -43.29 15.75
N GLU D 274 -26.60 -43.39 14.45
CA GLU D 274 -25.58 -43.01 13.46
C GLU D 274 -25.40 -41.50 13.45
N LEU D 275 -24.14 -41.06 13.55
CA LEU D 275 -23.82 -39.64 13.58
C LEU D 275 -23.64 -39.06 12.17
N ASN D 276 -23.09 -39.85 11.25
CA ASN D 276 -22.82 -39.39 9.89
C ASN D 276 -22.03 -38.09 9.91
N ILE D 277 -20.99 -38.07 10.73
CA ILE D 277 -19.96 -37.03 10.72
C ILE D 277 -18.62 -37.70 10.50
N ILE D 278 -17.69 -36.93 9.92
CA ILE D 278 -16.27 -37.26 9.84
C ILE D 278 -15.96 -38.34 8.82
N ALA D 279 -16.85 -39.31 8.63
CA ALA D 279 -16.51 -40.43 7.72
C ALA D 279 -16.22 -39.93 6.30
N LYS D 280 -17.09 -39.08 5.76
CA LYS D 280 -16.94 -38.66 4.35
C LYS D 280 -15.61 -37.90 4.14
N THR D 281 -15.16 -37.13 5.12
CA THR D 281 -13.86 -36.41 5.02
C THR D 281 -12.75 -37.45 4.91
N LEU D 282 -12.89 -38.56 5.65
CA LEU D 282 -11.83 -39.60 5.66
C LEU D 282 -11.88 -40.39 4.35
N GLU D 283 -13.07 -40.63 3.82
CA GLU D 283 -13.16 -41.27 2.49
C GLU D 283 -12.43 -40.40 1.47
N SER D 284 -12.81 -39.12 1.37
N SER D 284 -12.81 -39.12 1.37
CA SER D 284 -12.16 -38.19 0.42
CA SER D 284 -12.16 -38.19 0.42
C SER D 284 -10.64 -38.19 0.60
C SER D 284 -10.64 -38.21 0.60
N ALA D 285 -10.17 -38.21 1.85
CA ALA D 285 -8.73 -38.24 2.11
C ALA D 285 -8.10 -39.52 1.55
N GLY D 286 -8.77 -40.65 1.72
CA GLY D 286 -8.24 -41.91 1.18
C GLY D 286 -8.06 -41.82 -0.32
N VAL D 287 -9.10 -41.40 -1.02
CA VAL D 287 -9.02 -41.21 -2.49
C VAL D 287 -7.86 -40.27 -2.82
N ALA D 288 -7.73 -39.17 -2.07
CA ALA D 288 -6.68 -38.17 -2.39
C ALA D 288 -5.30 -38.76 -2.18
N ASN D 289 -5.11 -39.49 -1.07
CA ASN D 289 -3.80 -40.13 -0.81
C ASN D 289 -3.51 -41.14 -1.93
N GLN D 290 -4.54 -41.80 -2.47
CA GLN D 290 -4.26 -42.72 -3.57
C GLN D 290 -3.83 -41.98 -4.82
N ALA D 291 -4.47 -40.85 -5.13
CA ALA D 291 -4.06 -40.02 -6.25
C ALA D 291 -2.63 -39.53 -6.07
N LEU D 292 -2.33 -39.00 -4.88
CA LEU D 292 -0.99 -38.48 -4.62
C LEU D 292 0.05 -39.58 -4.66
N GLN D 293 -0.25 -40.74 -4.07
CA GLN D 293 0.69 -41.85 -4.07
C GLN D 293 1.15 -42.20 -5.48
N ASN D 294 0.22 -42.24 -6.42
CA ASN D 294 0.57 -42.65 -7.79
C ASN D 294 1.39 -41.58 -8.49
N GLU D 295 1.05 -40.30 -8.30
CA GLU D 295 1.81 -39.24 -8.92
C GLU D 295 3.22 -39.15 -8.35
N PHE D 296 3.36 -39.30 -7.04
CA PHE D 296 4.61 -39.08 -6.34
C PHE D 296 5.47 -40.33 -6.21
N LYS D 297 4.97 -41.50 -6.67
CA LYS D 297 5.76 -42.72 -6.53
C LYS D 297 7.00 -42.71 -7.39
N GLN D 298 7.07 -41.84 -8.41
CA GLN D 298 8.24 -41.78 -9.29
C GLN D 298 8.37 -40.36 -9.82
N ASN D 299 9.61 -39.95 -10.07
CA ASN D 299 9.87 -38.71 -10.78
C ASN D 299 11.26 -38.77 -11.40
N SER D 300 11.42 -38.12 -12.54
CA SER D 300 12.62 -38.23 -13.34
C SER D 300 13.54 -37.01 -13.22
N CYS D 301 13.30 -36.14 -12.25
CA CYS D 301 14.18 -35.00 -12.04
C CYS D 301 15.58 -35.48 -11.63
N ALA D 302 16.59 -35.08 -12.39
CA ALA D 302 17.95 -35.51 -12.16
C ALA D 302 18.66 -34.62 -11.15
N GLU D 303 19.59 -35.21 -10.42
CA GLU D 303 20.34 -34.47 -9.41
C GLU D 303 21.43 -33.64 -10.08
N PRO D 304 21.52 -32.35 -9.80
CA PRO D 304 22.60 -31.54 -10.39
C PRO D 304 23.97 -32.07 -10.00
N SER D 305 24.89 -32.04 -10.96
CA SER D 305 26.23 -32.55 -10.70
C SER D 305 27.21 -31.90 -11.66
N GLU D 306 28.47 -31.85 -11.24
CA GLU D 306 29.57 -31.44 -12.10
C GLU D 306 30.47 -32.61 -12.48
N GLU D 307 30.10 -33.83 -12.10
CA GLU D 307 30.89 -35.01 -12.42
C GLU D 307 30.76 -35.37 -13.90
N TYR D 308 31.90 -35.64 -14.54
CA TYR D 308 31.89 -36.02 -15.95
C TYR D 308 31.02 -37.26 -16.20
N SER D 309 31.07 -38.23 -15.29
CA SER D 309 30.31 -39.46 -15.49
C SER D 309 28.82 -39.20 -15.57
N ASP D 310 28.34 -38.13 -14.92
CA ASP D 310 26.92 -37.80 -15.02
C ASP D 310 26.58 -37.11 -16.33
N PHE D 311 27.54 -36.40 -16.93
CA PHE D 311 27.29 -35.81 -18.24
C PHE D 311 27.40 -36.85 -19.36
N SER D 312 28.36 -37.77 -19.28
CA SER D 312 28.48 -38.79 -20.30
C SER D 312 27.24 -39.68 -20.38
N ASN D 313 26.46 -39.75 -19.30
CA ASN D 313 25.20 -40.50 -19.31
C ASN D 313 24.17 -39.90 -20.25
N SER D 314 24.38 -38.67 -20.73
CA SER D 314 23.35 -37.92 -21.45
C SER D 314 23.57 -38.00 -22.96
N GLY D 315 22.51 -38.31 -23.69
CA GLY D 315 22.61 -38.31 -25.17
C GLY D 315 22.73 -36.91 -25.72
N ASP D 316 22.14 -35.92 -25.04
CA ASP D 316 22.25 -34.53 -25.50
C ASP D 316 23.72 -34.11 -25.44
N PHE D 317 24.41 -34.52 -24.38
CA PHE D 317 25.84 -34.21 -24.23
C PHE D 317 26.61 -34.78 -25.42
N SER D 318 26.48 -36.08 -25.64
CA SER D 318 27.33 -36.65 -26.69
C SER D 318 26.95 -36.11 -28.07
N ARG D 319 25.66 -35.97 -28.36
CA ARG D 319 25.25 -35.41 -29.64
C ARG D 319 25.84 -34.02 -29.88
N GLN D 320 25.88 -33.20 -28.83
CA GLN D 320 26.39 -31.84 -28.96
C GLN D 320 27.90 -31.81 -29.07
N ILE D 321 28.59 -32.75 -28.41
CA ILE D 321 30.04 -32.85 -28.57
C ILE D 321 30.38 -33.10 -30.04
N ILE D 322 29.68 -34.05 -30.67
CA ILE D 322 29.90 -34.31 -32.10
C ILE D 322 29.58 -33.06 -32.92
N ARG D 323 28.47 -32.39 -32.59
CA ARG D 323 28.10 -31.18 -33.33
C ARG D 323 29.13 -30.08 -33.16
N SER D 324 29.70 -29.93 -31.97
CA SER D 324 30.57 -28.80 -31.71
C SER D 324 32.02 -29.07 -32.12
N TYR D 325 32.46 -30.32 -32.12
CA TYR D 325 33.86 -30.63 -32.32
C TYR D 325 34.18 -31.46 -33.56
N SER D 326 33.20 -32.15 -34.14
CA SER D 326 33.48 -33.00 -35.29
C SER D 326 33.35 -32.22 -36.58
N ASN D 327 33.63 -32.89 -37.70
CA ASN D 327 33.54 -32.26 -39.00
C ASN D 327 32.10 -32.11 -39.49
N ASN D 328 31.13 -32.65 -38.76
CA ASN D 328 29.72 -32.59 -39.13
C ASN D 328 29.01 -31.71 -38.10
N LYS D 329 28.94 -30.41 -38.38
CA LYS D 329 28.23 -29.49 -37.49
C LYS D 329 26.74 -29.76 -37.43
N ASP D 330 26.19 -30.55 -38.35
CA ASP D 330 24.77 -30.85 -38.38
C ASP D 330 24.46 -32.25 -37.84
N ASN D 331 25.35 -32.79 -37.03
CA ASN D 331 25.17 -34.15 -36.53
C ASN D 331 23.91 -34.25 -35.69
N GLU D 332 23.22 -35.39 -35.82
CA GLU D 332 22.05 -35.68 -35.00
C GLU D 332 22.20 -36.98 -34.23
N LYS D 333 23.31 -37.70 -34.42
CA LYS D 333 23.51 -38.97 -33.74
C LYS D 333 24.03 -38.75 -32.33
N GLU D 334 23.62 -39.63 -31.41
CA GLU D 334 24.08 -39.57 -30.04
C GLU D 334 25.47 -40.17 -29.85
N THR D 335 25.95 -40.94 -30.83
CA THR D 335 27.29 -41.50 -30.76
C THR D 335 27.81 -41.65 -32.18
N THR D 336 29.11 -41.86 -32.31
CA THR D 336 29.72 -42.05 -33.61
C THR D 336 29.75 -43.53 -33.97
N ASP D 337 29.74 -43.80 -35.28
CA ASP D 337 29.70 -45.19 -35.75
C ASP D 337 30.84 -46.00 -35.14
N LYS D 338 32.06 -45.45 -35.22
CA LYS D 338 33.17 -45.98 -34.44
C LYS D 338 33.22 -45.27 -33.10
N PRO D 339 33.04 -45.96 -31.98
CA PRO D 339 33.04 -45.27 -30.69
C PRO D 339 34.33 -44.51 -30.42
N SER D 340 35.44 -44.94 -31.02
CA SER D 340 36.71 -44.25 -30.79
C SER D 340 36.70 -42.83 -31.34
N ASP D 341 35.89 -42.55 -32.36
CA ASP D 341 35.81 -41.18 -32.89
C ASP D 341 35.28 -40.22 -31.81
N LEU D 342 34.20 -40.61 -31.12
CA LEU D 342 33.69 -39.77 -30.05
C LEU D 342 34.72 -39.60 -28.94
N GLU D 343 35.38 -40.70 -28.54
CA GLU D 343 36.39 -40.61 -27.49
C GLU D 343 37.52 -39.67 -27.87
N LYS D 344 37.84 -39.57 -29.16
CA LYS D 344 38.85 -38.61 -29.61
C LYS D 344 38.38 -37.17 -29.42
N LEU D 345 37.13 -36.88 -29.79
CA LEU D 345 36.58 -35.54 -29.57
C LEU D 345 36.54 -35.21 -28.08
N ILE D 346 36.17 -36.19 -27.25
CA ILE D 346 36.15 -35.97 -25.80
C ILE D 346 37.55 -35.69 -25.30
N GLU D 347 38.55 -36.44 -25.79
CA GLU D 347 39.92 -36.26 -25.31
C GLU D 347 40.40 -34.83 -25.55
N SER D 348 40.15 -34.29 -26.74
CA SER D 348 40.66 -32.95 -27.04
C SER D 348 39.96 -31.89 -26.21
N ALA D 349 38.69 -32.09 -25.86
CA ALA D 349 37.94 -31.10 -25.12
C ALA D 349 38.10 -31.24 -23.61
N TYR D 350 38.02 -32.46 -23.08
CA TYR D 350 37.99 -32.67 -21.64
C TYR D 350 39.04 -33.67 -21.15
N GLY D 351 40.02 -34.00 -21.98
CA GLY D 351 41.00 -35.00 -21.64
C GLY D 351 40.47 -36.40 -21.88
N LYS D 352 41.39 -37.36 -21.93
CA LYS D 352 41.04 -38.74 -22.19
C LYS D 352 40.06 -39.25 -21.14
N ASN D 353 38.94 -39.79 -21.60
CA ASN D 353 37.88 -40.30 -20.73
C ASN D 353 37.36 -39.22 -19.78
N GLY D 354 37.46 -37.96 -20.19
CA GLY D 354 36.99 -36.86 -19.37
C GLY D 354 37.79 -36.63 -18.11
N ALA D 355 39.04 -37.08 -18.08
CA ALA D 355 39.84 -36.95 -16.85
C ALA D 355 40.09 -35.50 -16.50
N LYS D 356 40.11 -34.61 -17.50
CA LYS D 356 40.35 -33.18 -17.29
C LYS D 356 39.06 -32.36 -17.37
N PHE D 357 37.92 -32.98 -17.03
CA PHE D 357 36.64 -32.28 -17.11
C PHE D 357 36.62 -31.07 -16.19
N LYS D 358 37.03 -31.24 -14.93
CA LYS D 358 37.02 -30.12 -13.99
C LYS D 358 38.07 -29.08 -14.36
N GLU D 359 39.25 -29.52 -14.79
CA GLU D 359 40.33 -28.59 -15.11
C GLU D 359 39.98 -27.74 -16.33
N ASN D 360 39.34 -28.34 -17.34
CA ASN D 360 39.05 -27.65 -18.58
C ASN D 360 37.75 -26.86 -18.56
N LEU D 361 36.84 -27.17 -17.64
CA LEU D 361 35.54 -26.51 -17.64
C LEU D 361 35.31 -25.73 -16.36
N TRP D 362 34.94 -26.42 -15.27
CA TRP D 362 34.55 -25.75 -14.04
C TRP D 362 35.67 -24.88 -13.48
N ASP D 363 36.92 -25.37 -13.56
CA ASP D 363 38.04 -24.60 -13.05
C ASP D 363 38.24 -23.31 -13.85
N GLN D 364 37.97 -23.34 -15.15
CA GLN D 364 38.07 -22.14 -15.96
C GLN D 364 36.90 -21.19 -15.72
N ILE D 365 35.72 -21.75 -15.52
CA ILE D 365 34.55 -20.91 -15.21
C ILE D 365 34.77 -20.17 -13.89
N ASP D 366 35.49 -20.78 -12.95
CA ASP D 366 35.79 -20.12 -11.69
C ASP D 366 36.70 -18.91 -11.88
N LYS D 367 37.49 -18.90 -12.95
CA LYS D 367 38.42 -17.80 -13.20
C LYS D 367 37.76 -16.60 -13.86
N LEU D 368 36.54 -16.75 -14.37
CA LEU D 368 35.86 -15.65 -15.03
C LEU D 368 35.46 -14.58 -14.01
N SER D 369 35.42 -13.34 -14.47
CA SER D 369 35.02 -12.20 -13.64
C SER D 369 34.02 -11.32 -14.38
N PRO D 370 32.83 -11.83 -14.67
CA PRO D 370 31.80 -10.96 -15.26
C PRO D 370 31.31 -9.95 -14.24
N THR D 371 30.85 -8.80 -14.74
CA THR D 371 30.46 -7.72 -13.86
C THR D 371 28.94 -7.59 -13.79
N VAL D 372 28.49 -6.96 -12.72
CA VAL D 372 27.11 -6.51 -12.57
C VAL D 372 27.17 -5.06 -12.14
N ASN D 373 26.07 -4.34 -12.37
CA ASN D 373 25.99 -2.95 -11.93
C ASN D 373 26.02 -2.88 -10.41
N LYS D 374 26.64 -1.80 -9.89
CA LYS D 374 26.73 -1.53 -8.46
C LYS D 374 26.66 -0.01 -8.28
N GLY D 375 25.46 0.54 -8.41
CA GLY D 375 25.28 1.98 -8.39
C GLY D 375 26.01 2.69 -9.52
N GLU D 376 26.96 3.55 -9.16
CA GLU D 376 27.74 4.29 -10.15
C GLU D 376 28.94 3.51 -10.66
N THR D 377 29.23 2.33 -10.10
CA THR D 377 30.35 1.52 -10.57
C THR D 377 29.89 0.10 -10.85
N ASN D 378 30.79 -0.87 -10.77
CA ASN D 378 30.43 -2.26 -11.05
C ASN D 378 30.98 -3.16 -9.95
N GLU D 379 30.51 -4.41 -9.97
CA GLU D 379 30.96 -5.43 -9.05
C GLU D 379 31.28 -6.69 -9.85
N LYS D 380 32.46 -7.26 -9.63
CA LYS D 380 32.85 -8.48 -10.30
C LYS D 380 32.29 -9.69 -9.57
N LEU D 381 31.65 -10.58 -10.33
CA LEU D 381 31.12 -11.82 -9.76
C LEU D 381 32.22 -12.85 -9.64
N ASN D 382 32.14 -13.65 -8.58
CA ASN D 382 32.99 -14.82 -8.41
C ASN D 382 32.09 -16.02 -8.67
N LEU D 383 32.25 -16.63 -9.85
CA LEU D 383 31.30 -17.65 -10.30
C LEU D 383 31.39 -18.93 -9.49
N LYS D 384 32.47 -19.13 -8.72
CA LYS D 384 32.57 -20.33 -7.91
C LYS D 384 31.57 -20.33 -6.76
N THR D 385 31.26 -19.15 -6.23
CA THR D 385 30.40 -19.05 -5.05
C THR D 385 29.10 -18.30 -5.28
N GLU D 386 28.93 -17.64 -6.42
CA GLU D 386 27.73 -16.85 -6.68
C GLU D 386 26.52 -17.77 -6.87
N LYS D 387 25.46 -17.50 -6.11
CA LYS D 387 24.24 -18.28 -6.17
C LYS D 387 23.02 -17.46 -6.56
N ASP D 388 23.14 -16.14 -6.68
CA ASP D 388 21.99 -15.29 -6.98
C ASP D 388 21.76 -15.26 -8.48
N ILE D 389 20.68 -15.91 -8.93
CA ILE D 389 20.40 -15.97 -10.37
C ILE D 389 20.16 -14.58 -10.93
N SER D 390 19.70 -13.63 -10.10
CA SER D 390 19.54 -12.26 -10.56
C SER D 390 20.87 -11.69 -11.00
N LYS D 391 21.91 -11.88 -10.19
CA LYS D 391 23.23 -11.37 -10.55
C LYS D 391 23.79 -12.11 -11.76
N LEU D 392 23.64 -13.43 -11.82
CA LEU D 392 24.15 -14.18 -12.95
C LEU D 392 23.45 -13.79 -14.25
N GLY D 393 22.12 -13.63 -14.21
CA GLY D 393 21.42 -13.18 -15.39
C GLY D 393 21.88 -11.80 -15.84
N GLU D 394 22.10 -10.89 -14.89
CA GLU D 394 22.57 -9.56 -15.23
C GLU D 394 23.95 -9.61 -15.89
N ALA D 395 24.87 -10.39 -15.32
CA ALA D 395 26.20 -10.48 -15.89
C ALA D 395 26.16 -11.04 -17.30
N LEU D 396 25.29 -12.04 -17.53
CA LEU D 396 25.16 -12.61 -18.87
C LEU D 396 24.67 -11.59 -19.87
N ALA D 397 23.66 -10.80 -19.50
CA ALA D 397 23.15 -9.77 -20.41
C ALA D 397 24.23 -8.73 -20.69
N ARG D 398 24.97 -8.32 -19.66
CA ARG D 398 26.00 -7.30 -19.85
C ARG D 398 27.11 -7.81 -20.76
N GLN D 399 27.41 -9.11 -20.65
CA GLN D 399 28.41 -9.72 -21.51
C GLN D 399 27.96 -9.70 -22.97
N LEU D 400 26.71 -10.08 -23.22
CA LEU D 400 26.21 -10.11 -24.59
C LEU D 400 26.10 -8.71 -25.17
N GLY D 401 25.92 -7.69 -24.34
CA GLY D 401 25.92 -6.32 -24.82
C GLY D 401 27.29 -5.69 -24.94
N TYR D 402 28.32 -6.35 -24.41
CA TYR D 402 29.68 -5.83 -24.49
C TYR D 402 30.34 -6.08 -25.84
N ILE D 403 29.87 -7.06 -26.59
CA ILE D 403 30.45 -7.39 -27.89
C ILE D 403 30.25 -6.24 -28.88
#